data_2P6J
#
_entry.id   2P6J
#
_cell.length_a   1.000
_cell.length_b   1.000
_cell.length_c   1.000
_cell.angle_alpha   90.00
_cell.angle_beta   90.00
_cell.angle_gamma   90.00
#
_symmetry.space_group_name_H-M   'P 1'
#
_entity_poly.entity_id   1
_entity_poly.type   'polypeptide(L)'
_entity_poly.pdbx_seq_one_letter_code
;MKQWSENVEEKLKEFVKRHQRITQEELHQYAQRLGLNEEAIRQFFEEFEQRK
;
_entity_poly.pdbx_strand_id   A
#
# COMPACT_ATOMS: atom_id res chain seq x y z
N MET A 1 -3.12 -7.52 14.28
CA MET A 1 -3.62 -7.84 12.91
C MET A 1 -3.94 -6.58 12.13
N LYS A 2 -4.26 -5.51 12.85
CA LYS A 2 -4.50 -4.22 12.22
C LYS A 2 -3.20 -3.42 12.17
N GLN A 3 -2.62 -3.32 10.97
CA GLN A 3 -1.39 -2.57 10.78
C GLN A 3 -1.64 -1.41 9.83
N TRP A 4 -2.91 -1.14 9.60
CA TRP A 4 -3.35 -0.13 8.66
C TRP A 4 -4.85 0.03 8.77
N SER A 5 -5.44 0.77 7.84
CA SER A 5 -6.87 0.76 7.68
C SER A 5 -7.24 -0.35 6.69
N GLU A 6 -8.01 -1.31 7.20
CA GLU A 6 -8.47 -2.47 6.42
C GLU A 6 -8.75 -2.13 4.94
N ASN A 7 -9.65 -1.19 4.70
CA ASN A 7 -10.12 -0.91 3.35
C ASN A 7 -9.08 -0.14 2.54
N VAL A 8 -8.08 0.40 3.23
CA VAL A 8 -7.00 1.10 2.57
C VAL A 8 -6.07 0.10 1.90
N GLU A 9 -5.71 -0.94 2.65
CA GLU A 9 -4.87 -2.02 2.14
C GLU A 9 -5.46 -2.56 0.84
N GLU A 10 -6.77 -2.76 0.86
CA GLU A 10 -7.54 -3.19 -0.29
C GLU A 10 -7.34 -2.26 -1.48
N LYS A 11 -7.49 -0.96 -1.24
CA LYS A 11 -7.52 0.00 -2.33
C LYS A 11 -6.11 0.44 -2.75
N LEU A 12 -5.10 0.03 -2.00
CA LEU A 12 -3.74 0.18 -2.48
C LEU A 12 -3.49 -0.80 -3.61
N LYS A 13 -4.05 -2.00 -3.47
CA LYS A 13 -4.03 -2.98 -4.55
C LYS A 13 -4.73 -2.40 -5.78
N GLU A 14 -5.83 -1.71 -5.52
CA GLU A 14 -6.60 -1.05 -6.56
C GLU A 14 -5.76 -0.01 -7.29
N PHE A 15 -5.00 0.76 -6.53
CA PHE A 15 -4.32 1.91 -7.09
C PHE A 15 -2.96 1.55 -7.68
N VAL A 16 -2.28 0.60 -7.07
CA VAL A 16 -0.96 0.20 -7.55
C VAL A 16 -1.04 -0.80 -8.70
N LYS A 17 -1.62 -1.95 -8.43
CA LYS A 17 -1.67 -3.02 -9.43
C LYS A 17 -2.82 -2.84 -10.40
N ARG A 18 -3.99 -2.49 -9.88
CA ARG A 18 -5.20 -2.40 -10.69
C ARG A 18 -5.20 -1.13 -11.56
N HIS A 19 -4.30 -0.20 -11.26
CA HIS A 19 -4.12 0.99 -12.09
C HIS A 19 -2.84 0.86 -12.92
N GLN A 20 -2.33 1.97 -13.43
CA GLN A 20 -1.13 1.96 -14.27
C GLN A 20 0.14 1.97 -13.41
N ARG A 21 -0.02 1.56 -12.15
CA ARG A 21 1.05 1.55 -11.16
C ARG A 21 1.43 2.98 -10.75
N ILE A 22 1.81 3.12 -9.50
CA ILE A 22 2.19 4.43 -8.98
C ILE A 22 3.58 4.34 -8.34
N THR A 23 4.35 5.40 -8.50
CA THR A 23 5.70 5.46 -7.96
C THR A 23 5.68 5.46 -6.43
N GLN A 24 6.73 4.94 -5.82
CA GLN A 24 6.78 4.76 -4.37
C GLN A 24 6.73 6.10 -3.65
N GLU A 25 7.33 7.12 -4.25
CA GLU A 25 7.34 8.45 -3.65
C GLU A 25 5.92 9.01 -3.55
N GLU A 26 5.19 8.98 -4.66
CA GLU A 26 3.80 9.44 -4.67
C GLU A 26 2.94 8.50 -3.83
N LEU A 27 3.27 7.21 -3.90
CA LEU A 27 2.57 6.18 -3.15
C LEU A 27 2.60 6.48 -1.66
N HIS A 28 3.78 6.85 -1.17
CA HIS A 28 3.97 7.10 0.27
C HIS A 28 3.11 8.27 0.72
N GLN A 29 2.99 9.28 -0.14
CA GLN A 29 2.15 10.43 0.17
C GLN A 29 0.69 10.02 0.21
N TYR A 30 0.29 9.22 -0.77
CA TYR A 30 -1.07 8.72 -0.86
C TYR A 30 -1.36 7.77 0.30
N ALA A 31 -0.32 7.08 0.75
CA ALA A 31 -0.42 6.15 1.88
C ALA A 31 -0.87 6.88 3.13
N GLN A 32 -0.17 7.95 3.47
CA GLN A 32 -0.42 8.68 4.70
C GLN A 32 -1.68 9.54 4.57
N ARG A 33 -2.16 9.68 3.34
CA ARG A 33 -3.42 10.35 3.07
C ARG A 33 -4.59 9.49 3.54
N LEU A 34 -4.58 8.22 3.14
CA LEU A 34 -5.67 7.31 3.46
C LEU A 34 -5.56 6.76 4.88
N GLY A 35 -4.35 6.75 5.42
CA GLY A 35 -4.17 6.28 6.78
C GLY A 35 -3.23 5.10 6.88
N LEU A 36 -2.16 5.10 6.09
CA LEU A 36 -1.15 4.07 6.20
C LEU A 36 -0.02 4.51 7.10
N ASN A 37 0.90 3.59 7.30
CA ASN A 37 2.10 3.82 8.07
C ASN A 37 3.18 2.94 7.49
N GLU A 38 4.42 3.33 7.67
CA GLU A 38 5.55 2.67 7.03
C GLU A 38 5.57 1.16 7.29
N GLU A 39 5.00 0.74 8.41
CA GLU A 39 4.86 -0.67 8.75
C GLU A 39 4.03 -1.38 7.67
N ALA A 40 2.84 -0.84 7.44
CA ALA A 40 1.93 -1.40 6.44
C ALA A 40 2.51 -1.21 5.05
N ILE A 41 3.26 -0.14 4.87
CA ILE A 41 3.86 0.18 3.59
C ILE A 41 4.92 -0.85 3.22
N ARG A 42 5.75 -1.23 4.18
CA ARG A 42 6.73 -2.29 3.97
C ARG A 42 6.03 -3.61 3.71
N GLN A 43 5.03 -3.90 4.55
CA GLN A 43 4.23 -5.11 4.41
C GLN A 43 3.69 -5.23 3.00
N PHE A 44 3.14 -4.13 2.49
CA PHE A 44 2.50 -4.12 1.20
C PHE A 44 3.50 -4.36 0.08
N PHE A 45 4.74 -3.92 0.26
CA PHE A 45 5.76 -4.10 -0.76
C PHE A 45 6.40 -5.48 -0.70
N GLU A 46 6.93 -5.83 0.46
CA GLU A 46 7.70 -7.07 0.60
C GLU A 46 6.79 -8.28 0.44
N GLU A 47 5.56 -8.13 0.90
CA GLU A 47 4.58 -9.20 0.82
C GLU A 47 3.47 -8.88 -0.17
N PHE A 48 3.79 -8.17 -1.25
CA PHE A 48 2.79 -7.88 -2.28
C PHE A 48 2.42 -9.16 -3.03
N GLU A 49 3.29 -9.61 -3.93
CA GLU A 49 3.12 -10.88 -4.61
C GLU A 49 4.48 -11.42 -5.07
N GLN A 50 5.55 -10.80 -4.57
CA GLN A 50 6.90 -11.16 -4.96
C GLN A 50 7.56 -11.89 -3.81
N ARG A 51 6.71 -12.30 -2.88
CA ARG A 51 7.11 -12.94 -1.63
C ARG A 51 8.09 -14.09 -1.85
N LYS A 52 9.13 -14.14 -1.04
CA LYS A 52 10.09 -15.23 -1.08
C LYS A 52 10.51 -15.61 0.34
N MET A 1 -4.72 -10.35 9.42
CA MET A 1 -5.80 -9.61 8.74
C MET A 1 -5.54 -8.11 8.83
N LYS A 2 -6.61 -7.32 8.74
CA LYS A 2 -6.52 -5.86 8.78
C LYS A 2 -5.80 -5.38 10.04
N GLN A 3 -4.73 -4.63 9.85
CA GLN A 3 -3.97 -4.07 10.98
C GLN A 3 -3.68 -2.59 10.75
N TRP A 4 -4.41 -2.00 9.82
CA TRP A 4 -4.21 -0.62 9.42
C TRP A 4 -5.55 -0.09 8.95
N SER A 5 -5.58 1.05 8.30
CA SER A 5 -6.82 1.51 7.70
C SER A 5 -7.33 0.44 6.74
N GLU A 6 -8.41 -0.25 7.13
CA GLU A 6 -9.06 -1.27 6.31
C GLU A 6 -9.16 -0.85 4.86
N ASN A 7 -9.57 0.40 4.64
CA ASN A 7 -9.73 0.96 3.31
C ASN A 7 -8.42 0.90 2.52
N VAL A 8 -7.30 0.82 3.23
CA VAL A 8 -6.01 0.84 2.57
C VAL A 8 -5.75 -0.49 1.88
N GLU A 9 -5.93 -1.58 2.61
CA GLU A 9 -5.64 -2.91 2.09
C GLU A 9 -6.35 -3.13 0.76
N GLU A 10 -7.63 -2.80 0.73
CA GLU A 10 -8.44 -2.94 -0.47
C GLU A 10 -8.00 -1.94 -1.55
N LYS A 11 -8.18 -0.66 -1.27
CA LYS A 11 -8.06 0.36 -2.30
C LYS A 11 -6.62 0.53 -2.78
N LEU A 12 -5.66 0.43 -1.88
CA LEU A 12 -4.25 0.55 -2.26
C LEU A 12 -3.86 -0.59 -3.18
N LYS A 13 -4.33 -1.80 -2.85
CA LYS A 13 -4.08 -2.95 -3.70
C LYS A 13 -4.62 -2.69 -5.10
N GLU A 14 -5.83 -2.15 -5.17
CA GLU A 14 -6.46 -1.86 -6.45
C GLU A 14 -5.79 -0.68 -7.15
N PHE A 15 -5.23 0.23 -6.36
CA PHE A 15 -4.60 1.43 -6.89
C PHE A 15 -3.22 1.09 -7.45
N VAL A 16 -2.60 0.03 -6.94
CA VAL A 16 -1.33 -0.42 -7.46
C VAL A 16 -1.53 -1.44 -8.58
N LYS A 17 -2.49 -2.35 -8.39
CA LYS A 17 -2.73 -3.41 -9.37
C LYS A 17 -3.63 -2.95 -10.51
N ARG A 18 -4.82 -2.49 -10.16
CA ARG A 18 -5.86 -2.20 -11.13
C ARG A 18 -5.85 -0.72 -11.54
N HIS A 19 -4.73 -0.05 -11.29
CA HIS A 19 -4.62 1.36 -11.60
C HIS A 19 -3.24 1.70 -12.17
N GLN A 20 -2.68 2.80 -11.68
CA GLN A 20 -1.47 3.38 -12.25
C GLN A 20 -0.23 2.54 -12.00
N ARG A 21 -0.30 1.61 -11.04
CA ARG A 21 0.88 0.91 -10.57
C ARG A 21 1.89 1.94 -10.09
N ILE A 22 1.52 2.58 -9.00
CA ILE A 22 2.24 3.76 -8.50
C ILE A 22 3.55 3.39 -7.80
N THR A 23 4.52 4.28 -7.87
CA THR A 23 5.82 4.08 -7.26
C THR A 23 5.83 4.52 -5.79
N GLN A 24 6.84 4.06 -5.04
CA GLN A 24 6.89 4.24 -3.59
C GLN A 24 6.79 5.70 -3.16
N GLU A 25 7.53 6.57 -3.83
CA GLU A 25 7.59 7.98 -3.46
C GLU A 25 6.20 8.60 -3.41
N GLU A 26 5.50 8.55 -4.53
CA GLU A 26 4.17 9.12 -4.64
C GLU A 26 3.15 8.28 -3.88
N LEU A 27 3.47 7.00 -3.70
CA LEU A 27 2.63 6.09 -2.94
C LEU A 27 2.60 6.51 -1.47
N HIS A 28 3.77 6.84 -0.92
CA HIS A 28 3.87 7.20 0.48
C HIS A 28 3.11 8.49 0.77
N GLN A 29 3.14 9.42 -0.17
CA GLN A 29 2.37 10.65 -0.06
C GLN A 29 0.89 10.31 0.02
N TYR A 30 0.47 9.37 -0.80
CA TYR A 30 -0.92 8.92 -0.81
C TYR A 30 -1.19 8.03 0.41
N ALA A 31 -0.13 7.55 1.04
CA ALA A 31 -0.25 6.67 2.19
C ALA A 31 -0.68 7.45 3.42
N GLN A 32 0.04 8.53 3.71
CA GLN A 32 -0.26 9.38 4.85
C GLN A 32 -1.67 9.94 4.67
N ARG A 33 -1.98 10.19 3.42
CA ARG A 33 -3.29 10.68 3.02
C ARG A 33 -4.40 9.68 3.38
N LEU A 34 -4.09 8.39 3.31
CA LEU A 34 -5.07 7.35 3.64
C LEU A 34 -5.01 6.95 5.11
N GLY A 35 -4.18 7.64 5.87
CA GLY A 35 -4.00 7.30 7.27
C GLY A 35 -3.15 6.06 7.44
N LEU A 36 -2.15 5.92 6.59
CA LEU A 36 -1.31 4.73 6.60
C LEU A 36 -0.14 4.84 7.55
N ASN A 37 0.12 3.73 8.19
CA ASN A 37 1.33 3.51 8.95
C ASN A 37 2.35 2.85 8.03
N GLU A 38 3.63 3.05 8.31
CA GLU A 38 4.70 2.55 7.44
C GLU A 38 4.73 1.02 7.45
N GLU A 39 4.08 0.44 8.46
CA GLU A 39 3.96 -1.01 8.60
C GLU A 39 3.42 -1.64 7.33
N ALA A 40 2.33 -1.09 6.82
CA ALA A 40 1.70 -1.61 5.62
C ALA A 40 2.32 -1.01 4.38
N ILE A 41 2.84 0.21 4.53
CA ILE A 41 3.47 0.91 3.42
C ILE A 41 4.65 0.10 2.88
N ARG A 42 5.56 -0.24 3.79
CA ARG A 42 6.73 -1.03 3.44
C ARG A 42 6.36 -2.48 3.16
N GLN A 43 5.33 -2.96 3.83
CA GLN A 43 4.92 -4.37 3.74
C GLN A 43 4.53 -4.72 2.31
N PHE A 44 3.78 -3.83 1.66
CA PHE A 44 3.30 -4.06 0.30
C PHE A 44 4.45 -4.31 -0.67
N PHE A 45 5.56 -3.64 -0.45
CA PHE A 45 6.71 -3.74 -1.35
C PHE A 45 7.52 -5.01 -1.10
N GLU A 46 7.95 -5.22 0.15
CA GLU A 46 8.82 -6.35 0.46
C GLU A 46 8.05 -7.66 0.39
N GLU A 47 6.88 -7.71 1.01
CA GLU A 47 6.10 -8.93 1.07
C GLU A 47 5.05 -8.96 -0.04
N PHE A 48 5.46 -8.50 -1.21
CA PHE A 48 4.60 -8.44 -2.38
C PHE A 48 4.34 -9.85 -2.93
N GLU A 49 3.52 -9.94 -3.96
CA GLU A 49 3.12 -11.22 -4.55
C GLU A 49 4.28 -11.90 -5.28
N GLN A 50 5.47 -11.33 -5.19
CA GLN A 50 6.63 -11.89 -5.86
C GLN A 50 7.33 -12.90 -4.96
N ARG A 51 6.79 -13.08 -3.76
CA ARG A 51 7.28 -14.10 -2.84
C ARG A 51 6.52 -15.41 -3.05
N LYS A 52 6.79 -16.39 -2.20
CA LYS A 52 6.11 -17.68 -2.25
C LYS A 52 4.61 -17.52 -2.09
N MET A 1 -2.86 -8.13 14.14
CA MET A 1 -3.68 -7.14 14.86
C MET A 1 -4.11 -6.03 13.91
N LYS A 2 -3.18 -5.13 13.60
CA LYS A 2 -3.43 -4.03 12.69
C LYS A 2 -2.13 -3.63 12.01
N GLN A 3 -2.25 -2.83 10.95
CA GLN A 3 -1.07 -2.29 10.28
C GLN A 3 -1.50 -1.20 9.30
N TRP A 4 -2.46 -1.54 8.48
CA TRP A 4 -3.08 -0.56 7.61
C TRP A 4 -4.55 -0.41 7.98
N SER A 5 -5.25 0.43 7.25
CA SER A 5 -6.69 0.47 7.35
C SER A 5 -7.26 -0.50 6.33
N GLU A 6 -8.13 -1.41 6.80
CA GLU A 6 -8.72 -2.44 5.95
C GLU A 6 -9.22 -1.87 4.62
N ASN A 7 -9.94 -0.75 4.71
CA ASN A 7 -10.46 -0.05 3.53
C ASN A 7 -9.33 0.33 2.58
N VAL A 8 -8.26 0.86 3.13
CA VAL A 8 -7.14 1.35 2.34
C VAL A 8 -6.48 0.23 1.57
N GLU A 9 -6.23 -0.87 2.26
CA GLU A 9 -5.54 -2.02 1.67
C GLU A 9 -6.27 -2.48 0.41
N GLU A 10 -7.59 -2.61 0.53
CA GLU A 10 -8.44 -2.96 -0.59
C GLU A 10 -8.23 -2.01 -1.77
N LYS A 11 -8.41 -0.73 -1.50
CA LYS A 11 -8.40 0.29 -2.55
C LYS A 11 -6.98 0.56 -3.06
N LEU A 12 -6.00 0.41 -2.19
CA LEU A 12 -4.60 0.60 -2.55
C LEU A 12 -4.20 -0.46 -3.57
N LYS A 13 -4.66 -1.68 -3.33
CA LYS A 13 -4.42 -2.78 -4.26
C LYS A 13 -5.04 -2.46 -5.61
N GLU A 14 -6.13 -1.73 -5.62
CA GLU A 14 -6.79 -1.35 -6.85
C GLU A 14 -6.02 -0.23 -7.56
N PHE A 15 -5.33 0.59 -6.78
CA PHE A 15 -4.64 1.74 -7.33
C PHE A 15 -3.18 1.40 -7.68
N VAL A 16 -2.64 0.37 -7.05
CA VAL A 16 -1.30 -0.11 -7.39
C VAL A 16 -1.38 -1.29 -8.36
N LYS A 17 -1.95 -2.40 -7.87
CA LYS A 17 -2.05 -3.64 -8.64
C LYS A 17 -2.93 -3.47 -9.87
N ARG A 18 -4.07 -2.84 -9.70
CA ARG A 18 -5.05 -2.71 -10.79
C ARG A 18 -4.85 -1.42 -11.57
N HIS A 19 -3.64 -0.90 -11.54
CA HIS A 19 -3.30 0.32 -12.28
C HIS A 19 -1.96 0.16 -12.97
N GLN A 20 -1.39 1.27 -13.40
CA GLN A 20 -0.09 1.26 -14.06
C GLN A 20 1.01 1.43 -13.03
N ARG A 21 0.65 1.14 -11.77
CA ARG A 21 1.55 1.30 -10.62
C ARG A 21 1.83 2.79 -10.39
N ILE A 22 2.60 3.10 -9.36
CA ILE A 22 2.89 4.49 -9.02
C ILE A 22 4.21 4.60 -8.26
N THR A 23 4.88 5.73 -8.41
CA THR A 23 6.15 5.97 -7.75
C THR A 23 6.01 6.00 -6.22
N GLN A 24 7.08 5.68 -5.52
CA GLN A 24 7.06 5.61 -4.07
C GLN A 24 6.75 6.97 -3.45
N GLU A 25 7.19 8.03 -4.11
CA GLU A 25 6.95 9.39 -3.63
C GLU A 25 5.46 9.65 -3.48
N GLU A 26 4.73 9.47 -4.57
CA GLU A 26 3.28 9.67 -4.56
C GLU A 26 2.58 8.56 -3.79
N LEU A 27 3.21 7.39 -3.76
CA LEU A 27 2.66 6.26 -3.01
C LEU A 27 2.61 6.60 -1.53
N HIS A 28 3.73 7.04 -0.98
CA HIS A 28 3.77 7.40 0.43
C HIS A 28 2.83 8.57 0.73
N GLN A 29 2.77 9.51 -0.20
CA GLN A 29 1.88 10.64 -0.05
C GLN A 29 0.43 10.16 0.06
N TYR A 30 0.11 9.16 -0.75
CA TYR A 30 -1.22 8.57 -0.76
C TYR A 30 -1.38 7.62 0.42
N ALA A 31 -0.27 7.24 1.05
CA ALA A 31 -0.29 6.29 2.14
C ALA A 31 -0.66 7.01 3.44
N GLN A 32 0.06 8.08 3.73
CA GLN A 32 -0.20 8.84 4.93
C GLN A 32 -1.48 9.66 4.77
N ARG A 33 -1.95 9.75 3.53
CA ARG A 33 -3.22 10.41 3.23
C ARG A 33 -4.40 9.52 3.57
N LEU A 34 -4.19 8.21 3.56
CA LEU A 34 -5.27 7.27 3.83
C LEU A 34 -5.18 6.66 5.22
N GLY A 35 -3.99 6.63 5.78
CA GLY A 35 -3.83 6.09 7.13
C GLY A 35 -2.88 4.91 7.18
N LEU A 36 -1.79 4.98 6.43
CA LEU A 36 -0.83 3.90 6.42
C LEU A 36 0.44 4.29 7.15
N ASN A 37 0.91 3.38 7.99
CA ASN A 37 2.22 3.52 8.60
C ASN A 37 3.22 2.69 7.81
N GLU A 38 4.50 2.98 7.97
CA GLU A 38 5.55 2.36 7.17
C GLU A 38 5.56 0.84 7.29
N GLU A 39 5.07 0.34 8.41
CA GLU A 39 4.93 -1.10 8.63
C GLU A 39 4.13 -1.74 7.49
N ALA A 40 2.95 -1.20 7.26
CA ALA A 40 2.06 -1.70 6.24
C ALA A 40 2.60 -1.41 4.85
N ILE A 41 3.31 -0.29 4.73
CA ILE A 41 3.89 0.11 3.46
C ILE A 41 4.95 -0.90 3.03
N ARG A 42 5.87 -1.21 3.93
CA ARG A 42 6.90 -2.23 3.70
C ARG A 42 6.25 -3.57 3.41
N GLN A 43 5.27 -3.92 4.22
CA GLN A 43 4.64 -5.23 4.18
C GLN A 43 3.72 -5.35 2.96
N PHE A 44 3.40 -4.23 2.34
CA PHE A 44 2.56 -4.25 1.15
C PHE A 44 3.42 -4.42 -0.10
N PHE A 45 4.61 -3.84 -0.10
CA PHE A 45 5.51 -3.93 -1.24
C PHE A 45 6.31 -5.22 -1.21
N GLU A 46 7.17 -5.35 -0.21
CA GLU A 46 8.11 -6.46 -0.16
C GLU A 46 7.43 -7.76 0.20
N GLU A 47 6.42 -7.70 1.05
CA GLU A 47 5.67 -8.90 1.43
C GLU A 47 4.41 -9.04 0.59
N PHE A 48 4.48 -8.64 -0.67
CA PHE A 48 3.37 -8.79 -1.58
C PHE A 48 3.39 -10.20 -2.17
N GLU A 49 2.56 -10.45 -3.18
CA GLU A 49 2.48 -11.76 -3.79
C GLU A 49 3.71 -12.06 -4.63
N GLN A 50 4.56 -11.05 -4.82
CA GLN A 50 5.73 -11.18 -5.67
C GLN A 50 6.95 -11.62 -4.87
N ARG A 51 6.79 -11.76 -3.56
CA ARG A 51 7.89 -12.15 -2.69
C ARG A 51 8.25 -13.62 -2.91
N LYS A 52 9.54 -13.88 -3.06
CA LYS A 52 10.06 -15.23 -3.29
C LYS A 52 9.48 -15.82 -4.58
N MET A 1 -1.94 -9.06 12.51
CA MET A 1 -3.38 -8.83 12.25
C MET A 1 -3.67 -7.35 11.95
N LYS A 2 -2.84 -6.44 12.44
CA LYS A 2 -3.09 -5.01 12.25
C LYS A 2 -1.85 -4.30 11.74
N GLN A 3 -1.94 -3.77 10.52
CA GLN A 3 -0.84 -3.00 9.94
C GLN A 3 -1.38 -1.70 9.35
N TRP A 4 -2.24 -1.86 8.36
CA TRP A 4 -2.86 -0.75 7.67
C TRP A 4 -4.32 -0.63 8.10
N SER A 5 -5.03 0.29 7.49
CA SER A 5 -6.46 0.34 7.63
C SER A 5 -7.08 -0.77 6.79
N GLU A 6 -7.93 -1.58 7.40
CA GLU A 6 -8.60 -2.72 6.76
C GLU A 6 -8.97 -2.45 5.29
N ASN A 7 -9.69 -1.36 5.05
CA ASN A 7 -10.21 -1.05 3.71
C ASN A 7 -9.13 -0.45 2.81
N VAL A 8 -8.05 0.01 3.40
CA VAL A 8 -6.97 0.59 2.63
C VAL A 8 -6.22 -0.49 1.86
N GLU A 9 -6.12 -1.67 2.46
CA GLU A 9 -5.55 -2.85 1.78
C GLU A 9 -6.13 -2.99 0.38
N GLU A 10 -7.45 -2.96 0.30
CA GLU A 10 -8.15 -3.08 -0.97
C GLU A 10 -7.86 -1.89 -1.89
N LYS A 11 -8.17 -0.69 -1.42
CA LYS A 11 -8.10 0.51 -2.26
C LYS A 11 -6.66 0.81 -2.70
N LEU A 12 -5.70 0.44 -1.87
CA LEU A 12 -4.30 0.66 -2.20
C LEU A 12 -3.94 -0.15 -3.44
N LYS A 13 -4.28 -1.44 -3.41
CA LYS A 13 -4.05 -2.32 -4.54
C LYS A 13 -4.71 -1.79 -5.79
N GLU A 14 -5.89 -1.20 -5.62
CA GLU A 14 -6.63 -0.61 -6.72
C GLU A 14 -5.88 0.57 -7.32
N PHE A 15 -5.32 1.42 -6.48
CA PHE A 15 -4.66 2.62 -6.97
C PHE A 15 -3.21 2.34 -7.37
N VAL A 16 -2.66 1.23 -6.89
CA VAL A 16 -1.31 0.85 -7.26
C VAL A 16 -1.31 -0.05 -8.51
N LYS A 17 -1.79 -1.27 -8.37
CA LYS A 17 -1.72 -2.25 -9.44
C LYS A 17 -2.81 -2.01 -10.49
N ARG A 18 -3.93 -1.49 -10.06
CA ARG A 18 -5.07 -1.30 -10.94
C ARG A 18 -5.11 0.12 -11.52
N HIS A 19 -4.05 0.88 -11.29
CA HIS A 19 -3.92 2.21 -11.88
C HIS A 19 -2.57 2.35 -12.58
N GLN A 20 -2.33 1.45 -13.54
CA GLN A 20 -1.10 1.42 -14.36
C GLN A 20 0.20 1.58 -13.56
N ARG A 21 0.13 1.25 -12.27
CA ARG A 21 1.30 1.26 -11.36
C ARG A 21 1.69 2.68 -10.95
N ILE A 22 2.52 2.77 -9.92
CA ILE A 22 2.80 4.04 -9.27
C ILE A 22 4.23 4.07 -8.73
N THR A 23 4.81 5.27 -8.62
CA THR A 23 6.14 5.41 -8.04
C THR A 23 6.05 5.45 -6.52
N GLN A 24 7.15 5.16 -5.84
CA GLN A 24 7.19 5.14 -4.39
C GLN A 24 6.96 6.55 -3.84
N GLU A 25 7.32 7.54 -4.65
CA GLU A 25 7.11 8.94 -4.33
C GLU A 25 5.63 9.21 -4.11
N GLU A 26 4.85 9.00 -5.16
CA GLU A 26 3.41 9.20 -5.12
C GLU A 26 2.76 8.22 -4.14
N LEU A 27 3.35 7.03 -4.05
CA LEU A 27 2.87 5.99 -3.16
C LEU A 27 2.84 6.48 -1.73
N HIS A 28 3.96 7.01 -1.26
CA HIS A 28 4.07 7.41 0.14
C HIS A 28 3.16 8.60 0.44
N GLN A 29 3.00 9.48 -0.54
CA GLN A 29 2.08 10.60 -0.39
C GLN A 29 0.66 10.09 -0.24
N TYR A 30 0.32 9.10 -1.05
CA TYR A 30 -1.01 8.50 -1.02
C TYR A 30 -1.17 7.62 0.23
N ALA A 31 -0.04 7.20 0.80
CA ALA A 31 -0.06 6.40 2.01
C ALA A 31 -0.64 7.19 3.17
N GLN A 32 -0.14 8.41 3.35
CA GLN A 32 -0.63 9.27 4.42
C GLN A 32 -2.07 9.69 4.13
N ARG A 33 -2.43 9.68 2.85
CA ARG A 33 -3.78 10.05 2.42
C ARG A 33 -4.80 9.06 2.96
N LEU A 34 -4.51 7.77 2.84
CA LEU A 34 -5.47 6.74 3.25
C LEU A 34 -5.32 6.36 4.72
N GLY A 35 -4.12 6.47 5.26
CA GLY A 35 -3.91 6.09 6.64
C GLY A 35 -2.87 5.00 6.80
N LEU A 36 -1.80 5.07 6.01
CA LEU A 36 -0.74 4.09 6.11
C LEU A 36 0.40 4.60 6.97
N ASN A 37 0.82 3.76 7.89
CA ASN A 37 2.05 3.97 8.62
C ASN A 37 3.14 3.12 7.97
N GLU A 38 4.40 3.48 8.20
CA GLU A 38 5.53 2.80 7.54
C GLU A 38 5.47 1.28 7.70
N GLU A 39 4.94 0.84 8.84
CA GLU A 39 4.73 -0.58 9.10
C GLU A 39 3.95 -1.25 7.97
N ALA A 40 2.85 -0.62 7.58
CA ALA A 40 1.97 -1.16 6.55
C ALA A 40 2.54 -0.93 5.16
N ILE A 41 3.26 0.18 5.01
CA ILE A 41 3.88 0.51 3.73
C ILE A 41 4.91 -0.56 3.37
N ARG A 42 5.67 -1.00 4.35
CA ARG A 42 6.60 -2.10 4.15
C ARG A 42 5.85 -3.41 3.94
N GLN A 43 4.81 -3.62 4.74
CA GLN A 43 4.02 -4.86 4.71
C GLN A 43 3.50 -5.15 3.30
N PHE A 44 2.86 -4.16 2.71
CA PHE A 44 2.20 -4.32 1.42
C PHE A 44 3.19 -4.66 0.31
N PHE A 45 4.42 -4.18 0.44
CA PHE A 45 5.43 -4.38 -0.60
C PHE A 45 6.26 -5.63 -0.37
N GLU A 46 6.61 -5.92 0.88
CA GLU A 46 7.49 -7.05 1.18
C GLU A 46 6.78 -8.37 0.92
N GLU A 47 5.54 -8.43 1.33
CA GLU A 47 4.74 -9.63 1.16
C GLU A 47 3.66 -9.41 0.10
N PHE A 48 4.00 -8.64 -0.93
CA PHE A 48 3.06 -8.39 -2.03
C PHE A 48 2.93 -9.63 -2.91
N GLU A 49 3.98 -9.93 -3.67
CA GLU A 49 3.97 -11.09 -4.54
C GLU A 49 4.95 -12.14 -4.04
N GLN A 50 5.54 -11.86 -2.89
CA GLN A 50 6.49 -12.77 -2.28
C GLN A 50 5.81 -13.62 -1.24
N ARG A 51 4.50 -13.80 -1.42
CA ARG A 51 3.70 -14.65 -0.55
C ARG A 51 3.93 -16.12 -0.89
N LYS A 52 5.12 -16.61 -0.52
CA LYS A 52 5.54 -17.97 -0.84
C LYS A 52 5.63 -18.16 -2.35
N MET A 1 -0.48 -9.59 7.62
CA MET A 1 -1.32 -9.32 8.82
C MET A 1 -1.98 -7.94 8.68
N LYS A 2 -3.24 -7.80 9.09
CA LYS A 2 -3.92 -6.51 8.98
C LYS A 2 -3.32 -5.52 9.97
N GLN A 3 -3.40 -4.24 9.63
CA GLN A 3 -2.72 -3.20 10.39
C GLN A 3 -3.12 -1.84 9.85
N TRP A 4 -2.99 -1.70 8.54
CA TRP A 4 -3.42 -0.50 7.83
C TRP A 4 -4.93 -0.35 7.91
N SER A 5 -5.40 0.84 7.62
CA SER A 5 -6.83 1.12 7.60
C SER A 5 -7.57 0.08 6.76
N GLU A 6 -8.55 -0.55 7.38
CA GLU A 6 -9.31 -1.66 6.79
C GLU A 6 -9.75 -1.37 5.34
N ASN A 7 -10.19 -0.15 5.08
CA ASN A 7 -10.70 0.20 3.75
C ASN A 7 -9.59 0.59 2.79
N VAL A 8 -8.41 0.86 3.33
CA VAL A 8 -7.28 1.27 2.52
C VAL A 8 -6.62 0.05 1.89
N GLU A 9 -6.58 -1.04 2.66
CA GLU A 9 -6.06 -2.32 2.19
C GLU A 9 -6.64 -2.64 0.81
N GLU A 10 -7.95 -2.50 0.71
CA GLU A 10 -8.68 -2.80 -0.52
C GLU A 10 -8.31 -1.84 -1.65
N LYS A 11 -8.49 -0.55 -1.43
CA LYS A 11 -8.36 0.42 -2.49
C LYS A 11 -6.91 0.63 -2.91
N LEU A 12 -5.97 0.44 -1.99
CA LEU A 12 -4.57 0.54 -2.34
C LEU A 12 -4.22 -0.53 -3.36
N LYS A 13 -4.78 -1.72 -3.17
CA LYS A 13 -4.59 -2.81 -4.11
C LYS A 13 -5.05 -2.40 -5.51
N GLU A 14 -6.17 -1.70 -5.55
CA GLU A 14 -6.71 -1.22 -6.82
C GLU A 14 -5.85 -0.10 -7.40
N PHE A 15 -5.36 0.77 -6.54
CA PHE A 15 -4.62 1.94 -6.97
C PHE A 15 -3.21 1.56 -7.43
N VAL A 16 -2.76 0.36 -7.07
CA VAL A 16 -1.45 -0.12 -7.50
C VAL A 16 -1.54 -0.91 -8.81
N LYS A 17 -2.39 -1.93 -8.84
CA LYS A 17 -2.43 -2.83 -10.00
C LYS A 17 -3.61 -2.52 -10.93
N ARG A 18 -4.75 -2.16 -10.34
CA ARG A 18 -5.96 -1.90 -11.13
C ARG A 18 -5.94 -0.47 -11.67
N HIS A 19 -4.83 0.22 -11.46
CA HIS A 19 -4.72 1.62 -11.86
C HIS A 19 -3.57 1.77 -12.86
N GLN A 20 -3.19 3.00 -13.15
CA GLN A 20 -2.12 3.27 -14.13
C GLN A 20 -0.75 3.21 -13.47
N ARG A 21 -0.67 2.54 -12.31
CA ARG A 21 0.57 2.43 -11.56
C ARG A 21 0.97 3.78 -10.96
N ILE A 22 2.05 3.78 -10.20
CA ILE A 22 2.48 4.98 -9.49
C ILE A 22 3.85 4.76 -8.83
N THR A 23 4.65 5.82 -8.76
CA THR A 23 5.98 5.73 -8.17
C THR A 23 5.91 5.64 -6.64
N GLN A 24 7.00 5.17 -6.03
CA GLN A 24 7.05 4.91 -4.60
C GLN A 24 6.84 6.18 -3.78
N GLU A 25 7.46 7.29 -4.21
CA GLU A 25 7.34 8.55 -3.50
C GLU A 25 5.87 8.97 -3.40
N GLU A 26 5.21 8.99 -4.54
CA GLU A 26 3.80 9.37 -4.61
C GLU A 26 2.94 8.36 -3.83
N LEU A 27 3.36 7.11 -3.84
CA LEU A 27 2.67 6.05 -3.11
C LEU A 27 2.76 6.32 -1.61
N HIS A 28 3.94 6.72 -1.15
CA HIS A 28 4.15 6.98 0.27
C HIS A 28 3.35 8.20 0.72
N GLN A 29 3.23 9.18 -0.17
CA GLN A 29 2.41 10.36 0.10
C GLN A 29 0.94 9.95 0.19
N TYR A 30 0.56 9.01 -0.66
CA TYR A 30 -0.79 8.47 -0.67
C TYR A 30 -1.04 7.62 0.58
N ALA A 31 0.03 7.05 1.12
CA ALA A 31 -0.07 6.19 2.28
C ALA A 31 -0.54 6.96 3.50
N GLN A 32 0.15 8.04 3.84
CA GLN A 32 -0.19 8.84 5.01
C GLN A 32 -1.49 9.60 4.78
N ARG A 33 -1.87 9.76 3.52
CA ARG A 33 -3.12 10.41 3.17
C ARG A 33 -4.31 9.56 3.62
N LEU A 34 -4.12 8.25 3.61
CA LEU A 34 -5.18 7.32 3.97
C LEU A 34 -5.01 6.80 5.40
N GLY A 35 -3.77 6.78 5.88
CA GLY A 35 -3.54 6.34 7.24
C GLY A 35 -2.65 5.12 7.33
N LEU A 36 -1.60 5.07 6.51
CA LEU A 36 -0.76 3.90 6.46
C LEU A 36 0.56 4.10 7.20
N ASN A 37 0.92 3.09 7.97
CA ASN A 37 2.24 3.01 8.58
C ASN A 37 3.20 2.27 7.64
N GLU A 38 4.49 2.36 7.91
CA GLU A 38 5.51 1.77 7.05
C GLU A 38 5.37 0.24 7.00
N GLU A 39 4.79 -0.32 8.05
CA GLU A 39 4.48 -1.75 8.12
C GLU A 39 3.77 -2.20 6.86
N ALA A 40 2.66 -1.54 6.59
CA ALA A 40 1.78 -1.92 5.49
C ALA A 40 2.40 -1.55 4.14
N ILE A 41 3.23 -0.53 4.15
CA ILE A 41 3.90 -0.08 2.94
C ILE A 41 4.91 -1.14 2.48
N ARG A 42 5.67 -1.68 3.44
CA ARG A 42 6.59 -2.77 3.15
C ARG A 42 5.82 -4.03 2.84
N GLN A 43 4.70 -4.20 3.53
CA GLN A 43 3.86 -5.38 3.39
C GLN A 43 3.37 -5.56 1.94
N PHE A 44 3.11 -4.45 1.25
CA PHE A 44 2.54 -4.52 -0.08
C PHE A 44 3.61 -4.54 -1.16
N PHE A 45 4.77 -3.95 -0.89
CA PHE A 45 5.87 -3.97 -1.84
C PHE A 45 6.84 -5.13 -1.58
N GLU A 46 7.49 -5.09 -0.42
CA GLU A 46 8.55 -6.03 -0.11
C GLU A 46 7.98 -7.36 0.40
N GLU A 47 7.06 -7.28 1.36
CA GLU A 47 6.50 -8.47 2.00
C GLU A 47 5.35 -9.04 1.16
N PHE A 48 5.18 -8.47 -0.02
CA PHE A 48 4.09 -8.85 -0.91
C PHE A 48 4.11 -10.34 -1.24
N GLU A 49 5.07 -10.75 -2.07
CA GLU A 49 5.18 -12.15 -2.44
C GLU A 49 6.63 -12.64 -2.38
N GLN A 50 7.57 -11.70 -2.28
CA GLN A 50 8.98 -12.04 -2.34
C GLN A 50 9.47 -12.56 -0.99
N ARG A 51 8.78 -12.18 0.07
CA ARG A 51 9.16 -12.60 1.41
C ARG A 51 8.38 -13.83 1.84
N LYS A 52 9.01 -14.99 1.69
CA LYS A 52 8.44 -16.26 2.10
C LYS A 52 9.48 -17.35 1.95
N MET A 1 -4.49 -6.59 15.95
CA MET A 1 -5.07 -5.22 16.04
C MET A 1 -4.91 -4.50 14.68
N LYS A 2 -5.08 -5.25 13.59
CA LYS A 2 -5.00 -4.70 12.23
C LYS A 2 -3.56 -4.31 11.88
N GLN A 3 -3.36 -3.93 10.63
CA GLN A 3 -2.06 -3.49 10.15
C GLN A 3 -2.15 -2.08 9.62
N TRP A 4 -2.96 -1.91 8.60
CA TRP A 4 -3.22 -0.62 8.00
C TRP A 4 -4.72 -0.40 7.89
N SER A 5 -5.13 0.85 7.67
CA SER A 5 -6.53 1.17 7.47
C SER A 5 -7.11 0.24 6.40
N GLU A 6 -8.09 -0.57 6.78
CA GLU A 6 -8.59 -1.62 5.90
C GLU A 6 -9.25 -1.04 4.64
N ASN A 7 -9.73 0.20 4.74
CA ASN A 7 -10.22 0.92 3.55
C ASN A 7 -9.10 1.03 2.54
N VAL A 8 -7.90 1.19 3.06
CA VAL A 8 -6.73 1.43 2.25
C VAL A 8 -6.21 0.13 1.66
N GLU A 9 -6.33 -0.96 2.42
CA GLU A 9 -5.97 -2.28 1.94
C GLU A 9 -6.67 -2.52 0.61
N GLU A 10 -7.97 -2.26 0.59
CA GLU A 10 -8.76 -2.34 -0.61
C GLU A 10 -8.27 -1.34 -1.67
N LYS A 11 -8.36 -0.06 -1.34
CA LYS A 11 -8.18 1.00 -2.32
C LYS A 11 -6.75 1.07 -2.88
N LEU A 12 -5.75 0.98 -2.01
CA LEU A 12 -4.36 1.12 -2.45
C LEU A 12 -3.94 -0.07 -3.30
N LYS A 13 -4.32 -1.26 -2.87
CA LYS A 13 -4.01 -2.47 -3.60
C LYS A 13 -4.57 -2.40 -5.02
N GLU A 14 -5.80 -1.92 -5.11
CA GLU A 14 -6.48 -1.79 -6.39
C GLU A 14 -5.94 -0.60 -7.19
N PHE A 15 -5.15 0.24 -6.55
CA PHE A 15 -4.54 1.37 -7.21
C PHE A 15 -3.12 1.02 -7.69
N VAL A 16 -2.40 0.24 -6.90
CA VAL A 16 -1.04 -0.14 -7.26
C VAL A 16 -1.03 -1.24 -8.32
N LYS A 17 -1.98 -2.17 -8.23
CA LYS A 17 -2.00 -3.29 -9.16
C LYS A 17 -3.05 -3.13 -10.26
N ARG A 18 -4.20 -2.59 -9.91
CA ARG A 18 -5.31 -2.55 -10.84
C ARG A 18 -5.40 -1.20 -11.53
N HIS A 19 -4.54 -0.28 -11.11
CA HIS A 19 -4.35 0.98 -11.80
C HIS A 19 -2.91 1.08 -12.28
N GLN A 20 -2.51 0.03 -13.00
CA GLN A 20 -1.16 -0.11 -13.54
C GLN A 20 -0.10 -0.29 -12.45
N ARG A 21 0.17 0.77 -11.70
CA ARG A 21 1.25 0.80 -10.69
C ARG A 21 1.50 2.25 -10.25
N ILE A 22 2.39 2.42 -9.28
CA ILE A 22 2.76 3.75 -8.82
C ILE A 22 4.08 3.68 -8.05
N THR A 23 4.87 4.75 -8.14
CA THR A 23 6.15 4.83 -7.45
C THR A 23 5.96 5.09 -5.95
N GLN A 24 6.98 4.76 -5.17
CA GLN A 24 6.92 4.86 -3.72
C GLN A 24 6.70 6.32 -3.26
N GLU A 25 7.29 7.26 -3.99
CA GLU A 25 7.18 8.68 -3.66
C GLU A 25 5.73 9.10 -3.46
N GLU A 26 4.92 8.97 -4.50
CA GLU A 26 3.53 9.40 -4.43
C GLU A 26 2.69 8.35 -3.70
N LEU A 27 3.19 7.13 -3.63
CA LEU A 27 2.51 6.08 -2.89
C LEU A 27 2.53 6.40 -1.40
N HIS A 28 3.65 6.93 -0.93
CA HIS A 28 3.77 7.31 0.48
C HIS A 28 2.89 8.52 0.76
N GLN A 29 2.77 9.40 -0.23
CA GLN A 29 1.83 10.51 -0.15
C GLN A 29 0.42 9.99 0.08
N TYR A 30 0.06 9.01 -0.74
CA TYR A 30 -1.25 8.38 -0.68
C TYR A 30 -1.42 7.64 0.65
N ALA A 31 -0.32 7.13 1.19
CA ALA A 31 -0.32 6.40 2.45
C ALA A 31 -0.69 7.34 3.60
N GLN A 32 -0.02 8.49 3.67
CA GLN A 32 -0.27 9.46 4.73
C GLN A 32 -1.68 10.04 4.59
N ARG A 33 -2.14 10.16 3.35
CA ARG A 33 -3.48 10.65 3.08
C ARG A 33 -4.54 9.70 3.65
N LEU A 34 -4.30 8.41 3.50
CA LEU A 34 -5.29 7.41 3.86
C LEU A 34 -5.09 6.88 5.28
N GLY A 35 -4.00 7.25 5.92
CA GLY A 35 -3.79 6.90 7.31
C GLY A 35 -2.94 5.66 7.50
N LEU A 36 -1.89 5.52 6.70
CA LEU A 36 -1.05 4.33 6.76
C LEU A 36 0.19 4.53 7.59
N ASN A 37 0.45 3.53 8.42
CA ASN A 37 1.72 3.43 9.12
C ASN A 37 2.75 2.78 8.20
N GLU A 38 4.03 3.04 8.46
CA GLU A 38 5.11 2.59 7.58
C GLU A 38 5.23 1.07 7.60
N GLU A 39 4.58 0.45 8.57
CA GLU A 39 4.50 -1.00 8.67
C GLU A 39 4.00 -1.59 7.36
N ALA A 40 2.82 -1.15 6.96
CA ALA A 40 2.16 -1.68 5.78
C ALA A 40 2.81 -1.15 4.51
N ILE A 41 3.37 0.06 4.60
CA ILE A 41 4.00 0.69 3.45
C ILE A 41 5.14 -0.19 2.91
N ARG A 42 6.03 -0.62 3.81
CA ARG A 42 7.12 -1.50 3.41
C ARG A 42 6.63 -2.92 3.21
N GLN A 43 5.67 -3.32 4.04
CA GLN A 43 5.11 -4.67 4.00
C GLN A 43 4.60 -5.01 2.61
N PHE A 44 3.89 -4.06 2.00
CA PHE A 44 3.27 -4.26 0.70
C PHE A 44 4.32 -4.54 -0.36
N PHE A 45 5.41 -3.78 -0.35
CA PHE A 45 6.48 -3.97 -1.33
C PHE A 45 7.22 -5.27 -1.10
N GLU A 46 7.43 -5.62 0.15
CA GLU A 46 8.29 -6.74 0.48
C GLU A 46 7.56 -8.07 0.32
N GLU A 47 6.35 -8.17 0.86
CA GLU A 47 5.59 -9.40 0.75
C GLU A 47 4.57 -9.29 -0.38
N PHE A 48 5.04 -8.77 -1.50
CA PHE A 48 4.21 -8.60 -2.69
C PHE A 48 3.80 -9.97 -3.25
N GLU A 49 2.77 -9.97 -4.07
CA GLU A 49 2.23 -11.20 -4.64
C GLU A 49 3.23 -11.90 -5.57
N GLN A 50 4.26 -11.16 -5.96
CA GLN A 50 5.28 -11.69 -6.86
C GLN A 50 6.24 -12.61 -6.13
N ARG A 51 6.27 -12.51 -4.81
CA ARG A 51 7.16 -13.30 -3.99
C ARG A 51 6.38 -14.39 -3.25
N LYS A 52 6.69 -15.64 -3.55
CA LYS A 52 6.00 -16.77 -2.95
C LYS A 52 7.01 -17.78 -2.46
N MET A 1 -2.81 -8.35 10.52
CA MET A 1 -4.24 -8.07 10.80
C MET A 1 -4.47 -6.56 10.91
N LYS A 2 -4.06 -5.98 12.04
CA LYS A 2 -4.18 -4.54 12.21
C LYS A 2 -2.89 -3.85 11.81
N GLN A 3 -2.87 -3.27 10.63
CA GLN A 3 -1.69 -2.57 10.14
C GLN A 3 -2.07 -1.19 9.62
N TRP A 4 -2.88 -1.18 8.60
CA TRP A 4 -3.33 0.05 7.97
C TRP A 4 -4.85 0.11 7.96
N SER A 5 -5.40 1.23 7.52
CA SER A 5 -6.83 1.35 7.36
C SER A 5 -7.33 0.26 6.41
N GLU A 6 -8.22 -0.59 6.91
CA GLU A 6 -8.75 -1.73 6.15
C GLU A 6 -9.18 -1.35 4.73
N ASN A 7 -9.85 -0.22 4.59
CA ASN A 7 -10.36 0.21 3.30
C ASN A 7 -9.22 0.58 2.36
N VAL A 8 -8.10 0.99 2.93
CA VAL A 8 -6.96 1.40 2.15
C VAL A 8 -6.22 0.18 1.65
N GLU A 9 -6.24 -0.88 2.45
CA GLU A 9 -5.63 -2.14 2.06
C GLU A 9 -6.15 -2.59 0.71
N GLU A 10 -7.47 -2.57 0.58
CA GLU A 10 -8.12 -2.97 -0.66
C GLU A 10 -7.89 -1.95 -1.77
N LYS A 11 -8.01 -0.67 -1.46
CA LYS A 11 -7.92 0.37 -2.47
C LYS A 11 -6.49 0.60 -2.96
N LEU A 12 -5.50 0.36 -2.11
CA LEU A 12 -4.11 0.49 -2.53
C LEU A 12 -3.75 -0.69 -3.42
N LYS A 13 -4.35 -1.85 -3.13
CA LYS A 13 -4.26 -3.00 -4.00
C LYS A 13 -4.67 -2.59 -5.41
N GLU A 14 -5.81 -1.92 -5.49
CA GLU A 14 -6.34 -1.44 -6.75
C GLU A 14 -5.45 -0.37 -7.36
N PHE A 15 -4.93 0.52 -6.53
CA PHE A 15 -4.17 1.65 -7.02
C PHE A 15 -2.79 1.21 -7.52
N VAL A 16 -2.26 0.14 -6.93
CA VAL A 16 -1.00 -0.41 -7.39
C VAL A 16 -1.21 -1.43 -8.51
N LYS A 17 -1.90 -2.52 -8.18
CA LYS A 17 -2.12 -3.62 -9.12
C LYS A 17 -2.88 -3.15 -10.36
N ARG A 18 -3.99 -2.46 -10.15
CA ARG A 18 -4.89 -2.11 -11.23
C ARG A 18 -4.48 -0.84 -11.94
N HIS A 19 -3.94 0.12 -11.20
CA HIS A 19 -3.63 1.42 -11.78
C HIS A 19 -2.18 1.49 -12.29
N GLN A 20 -1.71 0.37 -12.84
CA GLN A 20 -0.41 0.29 -13.51
C GLN A 20 0.77 0.65 -12.60
N ARG A 21 0.59 0.44 -11.29
CA ARG A 21 1.66 0.61 -10.31
C ARG A 21 2.11 2.07 -10.16
N ILE A 22 2.04 2.57 -8.95
CA ILE A 22 2.40 3.96 -8.67
C ILE A 22 3.76 4.02 -7.96
N THR A 23 4.53 5.06 -8.25
CA THR A 23 5.86 5.22 -7.68
C THR A 23 5.79 5.53 -6.18
N GLN A 24 6.89 5.25 -5.48
CA GLN A 24 6.92 5.36 -4.02
C GLN A 24 6.68 6.80 -3.56
N GLU A 25 7.16 7.75 -4.34
CA GLU A 25 7.03 9.18 -4.00
C GLU A 25 5.58 9.54 -3.66
N GLU A 26 4.70 9.40 -4.65
CA GLU A 26 3.31 9.74 -4.48
C GLU A 26 2.61 8.68 -3.62
N LEU A 27 3.11 7.45 -3.70
CA LEU A 27 2.53 6.34 -2.94
C LEU A 27 2.61 6.61 -1.44
N HIS A 28 3.77 7.02 -0.96
CA HIS A 28 3.96 7.25 0.47
C HIS A 28 3.12 8.44 0.93
N GLN A 29 3.05 9.48 0.10
CA GLN A 29 2.19 10.62 0.38
C GLN A 29 0.75 10.14 0.50
N TYR A 30 0.35 9.33 -0.48
CA TYR A 30 -0.99 8.75 -0.54
C TYR A 30 -1.23 7.82 0.67
N ALA A 31 -0.14 7.28 1.23
CA ALA A 31 -0.25 6.39 2.37
C ALA A 31 -0.64 7.17 3.62
N GLN A 32 0.08 8.27 3.86
CA GLN A 32 -0.21 9.12 5.01
C GLN A 32 -1.53 9.84 4.79
N ARG A 33 -1.88 10.01 3.52
CA ARG A 33 -3.11 10.65 3.11
C ARG A 33 -4.33 9.81 3.50
N LEU A 34 -4.18 8.49 3.44
CA LEU A 34 -5.30 7.59 3.74
C LEU A 34 -5.19 6.98 5.14
N GLY A 35 -4.19 7.39 5.90
CA GLY A 35 -4.09 6.95 7.28
C GLY A 35 -3.30 5.66 7.44
N LEU A 36 -2.23 5.52 6.69
CA LEU A 36 -1.42 4.32 6.77
C LEU A 36 -0.21 4.53 7.66
N ASN A 37 0.51 3.45 7.90
CA ASN A 37 1.71 3.48 8.72
C ASN A 37 2.83 2.73 8.01
N GLU A 38 4.06 2.96 8.42
CA GLU A 38 5.22 2.43 7.72
C GLU A 38 5.25 0.90 7.75
N GLU A 39 4.63 0.33 8.77
CA GLU A 39 4.43 -1.12 8.86
C GLU A 39 3.81 -1.65 7.57
N ALA A 40 2.67 -1.06 7.23
CA ALA A 40 1.91 -1.51 6.07
C ALA A 40 2.62 -1.14 4.78
N ILE A 41 3.28 0.01 4.78
CA ILE A 41 3.97 0.50 3.61
C ILE A 41 5.10 -0.45 3.22
N ARG A 42 5.92 -0.83 4.20
CA ARG A 42 7.01 -1.76 3.95
C ARG A 42 6.46 -3.15 3.61
N GLN A 43 5.48 -3.59 4.39
CA GLN A 43 4.88 -4.92 4.22
C GLN A 43 4.38 -5.13 2.79
N PHE A 44 3.72 -4.11 2.25
CA PHE A 44 3.11 -4.21 0.93
C PHE A 44 4.17 -4.24 -0.18
N PHE A 45 5.32 -3.65 0.09
CA PHE A 45 6.42 -3.65 -0.87
C PHE A 45 7.22 -4.95 -0.80
N GLU A 46 7.81 -5.21 0.37
CA GLU A 46 8.76 -6.30 0.51
C GLU A 46 8.08 -7.66 0.29
N GLU A 47 6.84 -7.75 0.71
CA GLU A 47 6.10 -8.99 0.65
C GLU A 47 4.71 -8.75 0.05
N PHE A 48 4.70 -8.27 -1.18
CA PHE A 48 3.47 -8.04 -1.92
C PHE A 48 2.79 -9.37 -2.23
N GLU A 49 3.46 -10.19 -3.05
CA GLU A 49 3.00 -11.54 -3.39
C GLU A 49 3.86 -12.11 -4.52
N GLN A 50 4.30 -11.24 -5.42
CA GLN A 50 5.06 -11.68 -6.59
C GLN A 50 6.55 -11.70 -6.30
N ARG A 51 6.97 -10.96 -5.28
CA ARG A 51 8.39 -10.84 -4.95
C ARG A 51 8.93 -12.11 -4.33
N LYS A 52 9.57 -12.93 -5.16
CA LYS A 52 10.16 -14.18 -4.73
C LYS A 52 11.48 -14.38 -5.46
N MET A 1 -5.02 -8.28 9.75
CA MET A 1 -6.23 -7.48 10.05
C MET A 1 -5.87 -6.07 10.54
N LYS A 2 -5.03 -5.96 11.57
CA LYS A 2 -4.62 -4.66 12.06
C LYS A 2 -3.15 -4.43 11.76
N GLN A 3 -2.88 -3.35 11.03
CA GLN A 3 -1.53 -2.95 10.67
C GLN A 3 -1.62 -1.68 9.83
N TRP A 4 -2.47 -1.75 8.81
CA TRP A 4 -2.81 -0.60 7.99
C TRP A 4 -4.25 -0.20 8.25
N SER A 5 -4.71 0.80 7.52
CA SER A 5 -6.13 1.10 7.50
C SER A 5 -6.82 0.09 6.59
N GLU A 6 -7.91 -0.49 7.08
CA GLU A 6 -8.61 -1.56 6.37
C GLU A 6 -8.96 -1.14 4.95
N ASN A 7 -9.43 0.09 4.81
CA ASN A 7 -9.86 0.62 3.53
C ASN A 7 -8.70 0.71 2.54
N VAL A 8 -7.56 1.12 3.05
CA VAL A 8 -6.41 1.41 2.22
C VAL A 8 -5.90 0.15 1.53
N GLU A 9 -5.77 -0.92 2.29
CA GLU A 9 -5.27 -2.20 1.78
C GLU A 9 -6.02 -2.62 0.51
N GLU A 10 -7.33 -2.43 0.54
CA GLU A 10 -8.19 -2.75 -0.60
C GLU A 10 -7.85 -1.87 -1.81
N LYS A 11 -7.97 -0.57 -1.64
CA LYS A 11 -7.83 0.36 -2.75
C LYS A 11 -6.38 0.50 -3.19
N LEU A 12 -5.45 0.23 -2.28
CA LEU A 12 -4.03 0.29 -2.58
C LEU A 12 -3.70 -0.76 -3.63
N LYS A 13 -4.22 -1.96 -3.42
CA LYS A 13 -4.07 -3.06 -4.37
C LYS A 13 -4.54 -2.64 -5.75
N GLU A 14 -5.68 -1.96 -5.80
CA GLU A 14 -6.22 -1.48 -7.06
C GLU A 14 -5.32 -0.40 -7.65
N PHE A 15 -4.92 0.55 -6.82
CA PHE A 15 -4.13 1.69 -7.26
C PHE A 15 -2.78 1.24 -7.84
N VAL A 16 -2.29 0.11 -7.36
CA VAL A 16 -1.02 -0.43 -7.84
C VAL A 16 -1.22 -1.42 -9.00
N LYS A 17 -2.12 -2.38 -8.81
CA LYS A 17 -2.27 -3.47 -9.78
C LYS A 17 -3.22 -3.09 -10.93
N ARG A 18 -4.39 -2.57 -10.58
CA ARG A 18 -5.44 -2.30 -11.57
C ARG A 18 -5.16 -1.02 -12.35
N HIS A 19 -4.51 -0.07 -11.70
CA HIS A 19 -4.18 1.20 -12.32
C HIS A 19 -2.85 1.10 -13.08
N GLN A 20 -2.21 2.25 -13.30
CA GLN A 20 -0.99 2.31 -14.12
C GLN A 20 0.25 1.95 -13.31
N ARG A 21 0.03 1.45 -12.10
CA ARG A 21 1.10 1.16 -11.14
C ARG A 21 1.72 2.46 -10.63
N ILE A 22 1.94 2.52 -9.33
CA ILE A 22 2.35 3.77 -8.69
C ILE A 22 3.76 3.67 -8.12
N THR A 23 4.48 4.78 -8.15
CA THR A 23 5.82 4.85 -7.60
C THR A 23 5.79 5.12 -6.10
N GLN A 24 6.87 4.77 -5.40
CA GLN A 24 6.92 4.85 -3.95
C GLN A 24 6.71 6.28 -3.45
N GLU A 25 7.21 7.25 -4.21
CA GLU A 25 7.08 8.67 -3.85
C GLU A 25 5.61 9.04 -3.63
N GLU A 26 4.79 8.84 -4.66
CA GLU A 26 3.38 9.17 -4.60
C GLU A 26 2.65 8.18 -3.70
N LEU A 27 3.20 6.97 -3.62
CA LEU A 27 2.62 5.91 -2.80
C LEU A 27 2.65 6.32 -1.33
N HIS A 28 3.79 6.84 -0.88
CA HIS A 28 3.95 7.22 0.52
C HIS A 28 3.07 8.43 0.84
N GLN A 29 2.94 9.33 -0.13
CA GLN A 29 2.05 10.48 0.00
C GLN A 29 0.60 10.00 0.11
N TYR A 30 0.25 9.03 -0.71
CA TYR A 30 -1.06 8.41 -0.70
C TYR A 30 -1.28 7.68 0.62
N ALA A 31 -0.22 7.08 1.12
CA ALA A 31 -0.27 6.31 2.37
C ALA A 31 -0.61 7.21 3.55
N GLN A 32 0.16 8.28 3.73
CA GLN A 32 -0.05 9.20 4.84
C GLN A 32 -1.41 9.86 4.75
N ARG A 33 -1.83 10.18 3.53
CA ARG A 33 -3.12 10.84 3.31
C ARG A 33 -4.28 9.93 3.70
N LEU A 34 -4.13 8.63 3.45
CA LEU A 34 -5.17 7.68 3.76
C LEU A 34 -5.10 7.21 5.21
N GLY A 35 -3.91 7.26 5.80
CA GLY A 35 -3.76 6.90 7.20
C GLY A 35 -2.92 5.67 7.43
N LEU A 36 -1.84 5.53 6.68
CA LEU A 36 -0.96 4.38 6.82
C LEU A 36 0.24 4.67 7.70
N ASN A 37 1.04 3.64 7.90
CA ASN A 37 2.29 3.73 8.61
C ASN A 37 3.32 2.88 7.88
N GLU A 38 4.59 3.24 8.03
CA GLU A 38 5.67 2.62 7.25
C GLU A 38 5.69 1.10 7.39
N GLU A 39 5.31 0.60 8.56
CA GLU A 39 5.20 -0.83 8.79
C GLU A 39 4.27 -1.47 7.76
N ALA A 40 3.05 -0.95 7.71
CA ALA A 40 2.03 -1.47 6.79
C ALA A 40 2.42 -1.21 5.35
N ILE A 41 3.04 -0.06 5.12
CA ILE A 41 3.47 0.33 3.79
C ILE A 41 4.42 -0.70 3.21
N ARG A 42 5.47 -1.02 3.95
CA ARG A 42 6.47 -1.96 3.50
C ARG A 42 5.90 -3.38 3.46
N GLN A 43 5.00 -3.69 4.39
CA GLN A 43 4.37 -5.01 4.44
C GLN A 43 3.67 -5.33 3.13
N PHE A 44 2.97 -4.33 2.60
CA PHE A 44 2.15 -4.51 1.41
C PHE A 44 3.00 -4.86 0.19
N PHE A 45 4.27 -4.46 0.21
CA PHE A 45 5.16 -4.73 -0.92
C PHE A 45 5.86 -6.07 -0.78
N GLU A 46 6.45 -6.32 0.38
CA GLU A 46 7.28 -7.51 0.56
C GLU A 46 6.47 -8.76 0.87
N GLU A 47 5.31 -8.60 1.50
CA GLU A 47 4.50 -9.75 1.86
C GLU A 47 3.48 -10.04 0.75
N PHE A 48 3.52 -9.22 -0.30
CA PHE A 48 2.63 -9.38 -1.43
C PHE A 48 3.11 -10.53 -2.32
N GLU A 49 2.71 -10.53 -3.58
CA GLU A 49 3.21 -11.50 -4.55
C GLU A 49 4.67 -11.19 -4.90
N GLN A 50 5.13 -10.02 -4.47
CA GLN A 50 6.48 -9.55 -4.77
C GLN A 50 7.51 -10.14 -3.81
N ARG A 51 7.17 -11.27 -3.20
CA ARG A 51 8.08 -11.95 -2.29
C ARG A 51 9.32 -12.43 -3.02
N LYS A 52 10.46 -11.87 -2.68
CA LYS A 52 11.71 -12.23 -3.32
C LYS A 52 12.80 -12.41 -2.27
N MET A 1 -3.92 -3.22 17.92
CA MET A 1 -5.05 -2.49 17.30
C MET A 1 -5.30 -3.02 15.89
N LYS A 2 -4.47 -2.60 14.95
CA LYS A 2 -4.61 -2.98 13.55
C LYS A 2 -3.24 -2.98 12.88
N GLN A 3 -3.16 -3.56 11.70
CA GLN A 3 -1.91 -3.63 10.98
C GLN A 3 -1.75 -2.38 10.15
N TRP A 4 -2.78 -2.07 9.40
CA TRP A 4 -2.91 -0.83 8.69
C TRP A 4 -4.39 -0.56 8.57
N SER A 5 -4.77 0.64 8.18
CA SER A 5 -6.16 0.89 7.88
C SER A 5 -6.64 -0.17 6.89
N GLU A 6 -7.61 -0.98 7.29
CA GLU A 6 -8.03 -2.12 6.47
C GLU A 6 -8.65 -1.63 5.17
N ASN A 7 -9.05 -0.37 5.16
CA ASN A 7 -9.51 0.27 3.95
C ASN A 7 -8.36 0.38 2.95
N VAL A 8 -7.13 0.36 3.48
CA VAL A 8 -5.94 0.49 2.67
C VAL A 8 -5.67 -0.82 1.96
N GLU A 9 -5.87 -1.91 2.69
CA GLU A 9 -5.72 -3.26 2.17
C GLU A 9 -6.41 -3.39 0.81
N GLU A 10 -7.68 -3.03 0.79
CA GLU A 10 -8.49 -3.10 -0.41
C GLU A 10 -8.03 -2.08 -1.46
N LYS A 11 -8.03 -0.82 -1.09
CA LYS A 11 -7.80 0.27 -2.03
C LYS A 11 -6.40 0.21 -2.64
N LEU A 12 -5.40 -0.02 -1.80
CA LEU A 12 -4.02 0.01 -2.24
C LEU A 12 -3.71 -1.15 -3.16
N LYS A 13 -4.30 -2.31 -2.87
CA LYS A 13 -4.19 -3.48 -3.74
C LYS A 13 -4.57 -3.11 -5.16
N GLU A 14 -5.67 -2.41 -5.29
CA GLU A 14 -6.20 -2.05 -6.60
C GLU A 14 -5.48 -0.83 -7.18
N PHE A 15 -4.95 0.01 -6.32
CA PHE A 15 -4.30 1.24 -6.77
C PHE A 15 -2.88 0.95 -7.28
N VAL A 16 -2.30 -0.14 -6.82
CA VAL A 16 -1.00 -0.55 -7.32
C VAL A 16 -1.16 -1.54 -8.49
N LYS A 17 -1.77 -2.69 -8.21
CA LYS A 17 -1.86 -3.77 -9.19
C LYS A 17 -2.85 -3.43 -10.31
N ARG A 18 -4.01 -2.90 -9.95
CA ARG A 18 -5.07 -2.66 -10.93
C ARG A 18 -5.00 -1.24 -11.51
N HIS A 19 -3.96 -0.50 -11.14
CA HIS A 19 -3.81 0.87 -11.60
C HIS A 19 -2.40 1.13 -12.15
N GLN A 20 -1.96 2.38 -12.04
CA GLN A 20 -0.71 2.83 -12.63
C GLN A 20 0.53 2.30 -11.90
N ARG A 21 0.30 1.51 -10.84
CA ARG A 21 1.38 0.93 -10.02
C ARG A 21 2.01 1.98 -9.12
N ILE A 22 2.21 3.19 -9.67
CA ILE A 22 2.65 4.41 -8.96
C ILE A 22 4.00 4.27 -8.24
N THR A 23 4.80 5.33 -8.31
CA THR A 23 6.07 5.39 -7.61
C THR A 23 5.85 5.54 -6.11
N GLN A 24 6.77 5.02 -5.31
CA GLN A 24 6.59 4.99 -3.87
C GLN A 24 6.65 6.37 -3.25
N GLU A 25 7.35 7.29 -3.91
CA GLU A 25 7.42 8.67 -3.43
C GLU A 25 6.03 9.30 -3.42
N GLU A 26 5.37 9.26 -4.55
CA GLU A 26 4.01 9.77 -4.67
C GLU A 26 3.06 8.97 -3.81
N LEU A 27 3.35 7.68 -3.68
CA LEU A 27 2.50 6.78 -2.91
C LEU A 27 2.58 7.11 -1.42
N HIS A 28 3.73 7.60 -0.96
CA HIS A 28 3.88 7.93 0.45
C HIS A 28 3.04 9.17 0.80
N GLN A 29 2.98 10.13 -0.12
CA GLN A 29 2.09 11.27 0.05
C GLN A 29 0.66 10.74 0.15
N TYR A 30 0.35 9.81 -0.73
CA TYR A 30 -0.96 9.18 -0.78
C TYR A 30 -1.18 8.31 0.46
N ALA A 31 -0.11 8.00 1.18
CA ALA A 31 -0.20 7.18 2.37
C ALA A 31 -0.85 7.98 3.50
N GLN A 32 -0.49 9.24 3.59
CA GLN A 32 -1.05 10.12 4.62
C GLN A 32 -2.51 10.40 4.30
N ARG A 33 -2.83 10.36 3.01
CA ARG A 33 -4.19 10.59 2.54
C ARG A 33 -5.12 9.43 2.93
N LEU A 34 -4.58 8.22 2.97
CA LEU A 34 -5.39 7.04 3.27
C LEU A 34 -5.38 6.70 4.75
N GLY A 35 -4.35 7.12 5.46
CA GLY A 35 -4.17 6.71 6.84
C GLY A 35 -3.25 5.52 6.92
N LEU A 36 -2.22 5.55 6.11
CA LEU A 36 -1.26 4.47 6.02
C LEU A 36 -0.15 4.62 7.05
N ASN A 37 0.27 3.50 7.59
CA ASN A 37 1.44 3.45 8.44
C ASN A 37 2.55 2.69 7.73
N GLU A 38 3.79 2.91 8.16
CA GLU A 38 4.96 2.34 7.50
C GLU A 38 4.95 0.81 7.53
N GLU A 39 4.08 0.23 8.36
CA GLU A 39 3.87 -1.22 8.38
C GLU A 39 3.59 -1.71 6.98
N ALA A 40 2.49 -1.22 6.42
CA ALA A 40 2.06 -1.64 5.11
C ALA A 40 2.94 -1.02 4.02
N ILE A 41 3.46 0.17 4.29
CA ILE A 41 4.29 0.85 3.30
C ILE A 41 5.52 0.01 2.97
N ARG A 42 5.99 -0.77 3.94
CA ARG A 42 7.05 -1.74 3.69
C ARG A 42 6.47 -3.11 3.33
N GLN A 43 5.62 -3.63 4.23
CA GLN A 43 5.13 -4.99 4.16
C GLN A 43 4.42 -5.29 2.84
N PHE A 44 3.62 -4.34 2.38
CA PHE A 44 2.77 -4.55 1.22
C PHE A 44 3.59 -4.64 -0.06
N PHE A 45 4.79 -4.08 -0.04
CA PHE A 45 5.67 -4.14 -1.20
C PHE A 45 6.58 -5.35 -1.15
N GLU A 46 7.10 -5.65 0.03
CA GLU A 46 8.08 -6.71 0.18
C GLU A 46 7.42 -8.08 0.12
N GLU A 47 6.14 -8.11 0.44
CA GLU A 47 5.39 -9.36 0.44
C GLU A 47 4.03 -9.16 -0.25
N PHE A 48 4.07 -8.55 -1.43
CA PHE A 48 2.85 -8.23 -2.19
C PHE A 48 2.29 -9.48 -2.86
N GLU A 49 2.97 -9.95 -3.91
CA GLU A 49 2.55 -11.14 -4.65
C GLU A 49 3.68 -11.59 -5.58
N GLN A 50 4.47 -10.63 -6.06
CA GLN A 50 5.65 -10.95 -6.85
C GLN A 50 6.82 -11.18 -5.91
N ARG A 51 6.50 -11.14 -4.63
CA ARG A 51 7.45 -11.28 -3.55
C ARG A 51 6.78 -11.95 -2.37
N LYS A 52 7.41 -12.97 -1.81
CA LYS A 52 6.92 -13.61 -0.60
C LYS A 52 8.06 -14.33 0.11
N MET A 1 -2.76 -10.35 11.22
CA MET A 1 -3.51 -9.32 11.96
C MET A 1 -3.65 -8.06 11.10
N LYS A 2 -4.67 -7.24 11.38
CA LYS A 2 -4.86 -5.99 10.65
C LYS A 2 -3.84 -4.96 11.09
N GLN A 3 -3.34 -4.19 10.12
CA GLN A 3 -2.28 -3.21 10.39
C GLN A 3 -2.72 -1.83 9.96
N TRP A 4 -2.87 -1.65 8.66
CA TRP A 4 -3.32 -0.38 8.10
C TRP A 4 -4.84 -0.35 8.04
N SER A 5 -5.39 0.84 7.80
CA SER A 5 -6.82 1.01 7.64
C SER A 5 -7.33 0.01 6.61
N GLU A 6 -8.24 -0.89 7.02
CA GLU A 6 -8.76 -1.93 6.14
C GLU A 6 -9.35 -1.33 4.86
N ASN A 7 -9.99 -0.18 5.00
CA ASN A 7 -10.53 0.54 3.86
C ASN A 7 -9.42 0.88 2.88
N VAL A 8 -8.28 1.29 3.42
CA VAL A 8 -7.13 1.65 2.61
C VAL A 8 -6.48 0.41 2.01
N GLU A 9 -6.47 -0.68 2.78
CA GLU A 9 -5.92 -1.95 2.33
C GLU A 9 -6.56 -2.37 1.01
N GLU A 10 -7.86 -2.08 0.88
CA GLU A 10 -8.58 -2.36 -0.34
C GLU A 10 -8.14 -1.43 -1.48
N LYS A 11 -8.11 -0.13 -1.21
CA LYS A 11 -7.84 0.86 -2.25
C LYS A 11 -6.39 0.79 -2.72
N LEU A 12 -5.47 0.64 -1.78
CA LEU A 12 -4.05 0.51 -2.09
C LEU A 12 -3.82 -0.66 -3.04
N LYS A 13 -4.42 -1.79 -2.70
CA LYS A 13 -4.37 -2.99 -3.53
C LYS A 13 -4.74 -2.67 -4.97
N GLU A 14 -5.86 -1.99 -5.15
CA GLU A 14 -6.41 -1.75 -6.47
C GLU A 14 -5.70 -0.61 -7.18
N PHE A 15 -5.31 0.41 -6.45
CA PHE A 15 -4.73 1.59 -7.04
C PHE A 15 -3.30 1.34 -7.53
N VAL A 16 -2.61 0.41 -6.88
CA VAL A 16 -1.23 0.10 -7.29
C VAL A 16 -1.20 -0.84 -8.48
N LYS A 17 -1.64 -2.08 -8.28
CA LYS A 17 -1.42 -3.13 -9.28
C LYS A 17 -2.52 -3.17 -10.34
N ARG A 18 -3.71 -2.77 -9.96
CA ARG A 18 -4.85 -2.79 -10.89
C ARG A 18 -4.85 -1.57 -11.81
N HIS A 19 -4.17 -0.52 -11.39
CA HIS A 19 -4.07 0.69 -12.19
C HIS A 19 -2.76 0.69 -12.97
N GLN A 20 -2.35 1.86 -13.44
CA GLN A 20 -1.13 2.00 -14.25
C GLN A 20 0.11 2.02 -13.36
N ARG A 21 -0.02 1.44 -12.17
CA ARG A 21 1.07 1.40 -11.18
C ARG A 21 1.44 2.80 -10.71
N ILE A 22 2.41 2.88 -9.81
CA ILE A 22 2.78 4.15 -9.23
C ILE A 22 4.12 4.03 -8.49
N THR A 23 4.89 5.11 -8.45
CA THR A 23 6.16 5.12 -7.74
C THR A 23 5.94 5.09 -6.23
N GLN A 24 6.87 4.47 -5.51
CA GLN A 24 6.77 4.37 -4.06
C GLN A 24 6.81 5.76 -3.41
N GLU A 25 7.43 6.71 -4.09
CA GLU A 25 7.49 8.10 -3.64
C GLU A 25 6.09 8.65 -3.42
N GLU A 26 5.33 8.76 -4.51
CA GLU A 26 3.98 9.29 -4.44
C GLU A 26 3.06 8.31 -3.72
N LEU A 27 3.44 7.05 -3.76
CA LEU A 27 2.68 6.01 -3.07
C LEU A 27 2.68 6.28 -1.56
N HIS A 28 3.83 6.67 -1.03
CA HIS A 28 3.95 6.89 0.41
C HIS A 28 3.12 8.10 0.85
N GLN A 29 3.14 9.16 0.07
CA GLN A 29 2.39 10.37 0.43
C GLN A 29 0.89 10.10 0.30
N TYR A 30 0.54 9.13 -0.54
CA TYR A 30 -0.84 8.70 -0.69
C TYR A 30 -1.22 7.79 0.48
N ALA A 31 -0.22 7.23 1.15
CA ALA A 31 -0.43 6.31 2.24
C ALA A 31 -0.82 7.04 3.51
N GLN A 32 0.01 8.00 3.91
CA GLN A 32 -0.26 8.79 5.11
C GLN A 32 -1.53 9.61 4.94
N ARG A 33 -1.80 10.00 3.69
CA ARG A 33 -3.01 10.74 3.36
C ARG A 33 -4.27 9.92 3.63
N LEU A 34 -4.14 8.60 3.71
CA LEU A 34 -5.29 7.73 3.96
C LEU A 34 -5.24 7.10 5.35
N GLY A 35 -4.16 7.32 6.08
CA GLY A 35 -4.08 6.80 7.44
C GLY A 35 -3.19 5.58 7.58
N LEU A 36 -2.05 5.58 6.90
CA LEU A 36 -1.18 4.41 6.92
C LEU A 36 0.12 4.65 7.66
N ASN A 37 0.53 3.63 8.39
CA ASN A 37 1.87 3.55 8.95
C ASN A 37 2.79 2.84 7.97
N GLU A 38 4.08 3.05 8.10
CA GLU A 38 5.04 2.49 7.15
C GLU A 38 5.13 0.98 7.29
N GLU A 39 4.68 0.48 8.43
CA GLU A 39 4.58 -0.96 8.69
C GLU A 39 3.86 -1.66 7.54
N ALA A 40 2.72 -1.11 7.17
CA ALA A 40 1.91 -1.69 6.11
C ALA A 40 2.49 -1.38 4.74
N ILE A 41 3.05 -0.18 4.62
CA ILE A 41 3.63 0.27 3.35
C ILE A 41 4.79 -0.62 2.95
N ARG A 42 5.69 -0.84 3.89
CA ARG A 42 6.85 -1.70 3.68
C ARG A 42 6.42 -3.15 3.43
N GLN A 43 5.48 -3.62 4.23
CA GLN A 43 5.04 -5.01 4.16
C GLN A 43 4.43 -5.35 2.80
N PHE A 44 3.74 -4.38 2.20
CA PHE A 44 3.06 -4.60 0.94
C PHE A 44 4.05 -4.66 -0.23
N PHE A 45 5.19 -4.00 -0.07
CA PHE A 45 6.19 -3.94 -1.13
C PHE A 45 7.21 -5.07 -1.02
N GLU A 46 7.71 -5.31 0.19
CA GLU A 46 8.75 -6.33 0.38
C GLU A 46 8.15 -7.72 0.30
N GLU A 47 6.89 -7.81 0.64
CA GLU A 47 6.15 -9.05 0.61
C GLU A 47 4.94 -8.91 -0.33
N PHE A 48 5.22 -8.47 -1.55
CA PHE A 48 4.17 -8.20 -2.52
C PHE A 48 3.67 -9.51 -3.15
N GLU A 49 4.48 -10.12 -4.02
CA GLU A 49 4.11 -11.39 -4.65
C GLU A 49 5.35 -12.08 -5.22
N GLN A 50 6.25 -11.30 -5.81
CA GLN A 50 7.49 -11.84 -6.35
C GLN A 50 8.63 -11.55 -5.39
N ARG A 51 8.49 -10.47 -4.63
CA ARG A 51 9.39 -10.16 -3.54
C ARG A 51 8.98 -10.95 -2.31
N LYS A 52 9.87 -11.80 -1.83
CA LYS A 52 9.60 -12.63 -0.68
C LYS A 52 10.90 -13.23 -0.15
N MET A 1 -3.28 -9.03 14.16
CA MET A 1 -3.91 -7.69 14.26
C MET A 1 -3.70 -6.92 12.95
N LYS A 2 -4.56 -5.94 12.69
CA LYS A 2 -4.49 -5.16 11.47
C LYS A 2 -3.50 -4.00 11.65
N GLN A 3 -2.89 -3.58 10.56
CA GLN A 3 -1.76 -2.65 10.63
C GLN A 3 -1.93 -1.49 9.66
N TRP A 4 -3.16 -1.25 9.25
CA TRP A 4 -3.49 -0.20 8.30
C TRP A 4 -4.97 0.09 8.38
N SER A 5 -5.45 0.90 7.45
CA SER A 5 -6.87 1.02 7.27
C SER A 5 -7.31 -0.06 6.27
N GLU A 6 -8.13 -1.00 6.75
CA GLU A 6 -8.69 -2.07 5.92
C GLU A 6 -9.09 -1.59 4.52
N ASN A 7 -9.82 -0.48 4.48
CA ASN A 7 -10.31 0.08 3.22
C ASN A 7 -9.14 0.49 2.32
N VAL A 8 -8.10 1.01 2.94
CA VAL A 8 -6.94 1.46 2.21
C VAL A 8 -6.18 0.29 1.61
N GLU A 9 -6.03 -0.77 2.40
CA GLU A 9 -5.31 -1.97 1.96
C GLU A 9 -5.90 -2.48 0.66
N GLU A 10 -7.22 -2.60 0.63
CA GLU A 10 -7.95 -3.01 -0.56
C GLU A 10 -7.67 -2.08 -1.74
N LYS A 11 -7.87 -0.79 -1.53
CA LYS A 11 -7.85 0.18 -2.60
C LYS A 11 -6.43 0.50 -3.06
N LEU A 12 -5.47 0.43 -2.14
CA LEU A 12 -4.07 0.67 -2.48
C LEU A 12 -3.60 -0.34 -3.52
N LYS A 13 -3.90 -1.61 -3.28
CA LYS A 13 -3.57 -2.67 -4.22
C LYS A 13 -4.17 -2.40 -5.59
N GLU A 14 -5.44 -2.03 -5.60
CA GLU A 14 -6.14 -1.79 -6.84
C GLU A 14 -5.68 -0.50 -7.51
N PHE A 15 -5.15 0.42 -6.72
CA PHE A 15 -4.67 1.69 -7.24
C PHE A 15 -3.29 1.52 -7.89
N VAL A 16 -2.63 0.42 -7.55
CA VAL A 16 -1.34 0.09 -8.16
C VAL A 16 -1.53 -0.89 -9.32
N LYS A 17 -2.30 -1.94 -9.09
CA LYS A 17 -2.46 -3.01 -10.08
C LYS A 17 -3.52 -2.68 -11.13
N ARG A 18 -4.70 -2.30 -10.69
CA ARG A 18 -5.83 -2.13 -11.61
C ARG A 18 -5.86 -0.71 -12.18
N HIS A 19 -5.00 0.15 -11.63
CA HIS A 19 -4.91 1.52 -12.09
C HIS A 19 -3.66 1.72 -12.95
N GLN A 20 -3.32 2.98 -13.19
CA GLN A 20 -2.19 3.33 -14.06
C GLN A 20 -0.85 3.19 -13.35
N ARG A 21 -0.82 2.38 -12.29
CA ARG A 21 0.38 2.20 -11.46
C ARG A 21 0.76 3.50 -10.77
N ILE A 22 1.81 3.47 -9.96
CA ILE A 22 2.25 4.64 -9.24
C ILE A 22 3.65 4.41 -8.67
N THR A 23 4.41 5.48 -8.51
CA THR A 23 5.76 5.40 -7.95
C THR A 23 5.69 5.17 -6.44
N GLN A 24 6.75 4.61 -5.88
CA GLN A 24 6.81 4.36 -4.44
C GLN A 24 6.75 5.67 -3.66
N GLU A 25 7.34 6.70 -4.24
CA GLU A 25 7.35 8.04 -3.64
C GLU A 25 5.92 8.55 -3.47
N GLU A 26 5.19 8.58 -4.56
CA GLU A 26 3.81 9.07 -4.56
C GLU A 26 2.90 8.09 -3.84
N LEU A 27 3.28 6.81 -3.85
CA LEU A 27 2.53 5.79 -3.14
C LEU A 27 2.54 6.07 -1.65
N HIS A 28 3.70 6.46 -1.13
CA HIS A 28 3.80 6.80 0.28
C HIS A 28 2.99 8.07 0.58
N GLN A 29 3.01 9.00 -0.35
CA GLN A 29 2.24 10.23 -0.23
C GLN A 29 0.75 9.90 -0.11
N TYR A 30 0.34 8.90 -0.89
CA TYR A 30 -1.04 8.41 -0.89
C TYR A 30 -1.31 7.59 0.37
N ALA A 31 -0.26 6.97 0.91
CA ALA A 31 -0.37 6.13 2.09
C ALA A 31 -0.68 6.97 3.32
N GLN A 32 0.15 7.98 3.57
CA GLN A 32 -0.03 8.85 4.71
C GLN A 32 -1.37 9.58 4.63
N ARG A 33 -1.79 9.92 3.43
CA ARG A 33 -3.03 10.63 3.22
C ARG A 33 -4.21 9.82 3.73
N LEU A 34 -4.15 8.51 3.52
CA LEU A 34 -5.25 7.63 3.87
C LEU A 34 -5.11 7.07 5.29
N GLY A 35 -3.89 7.00 5.80
CA GLY A 35 -3.69 6.54 7.16
C GLY A 35 -2.82 5.31 7.27
N LEU A 36 -1.74 5.24 6.50
CA LEU A 36 -0.86 4.10 6.56
C LEU A 36 0.43 4.42 7.29
N ASN A 37 0.81 3.53 8.18
CA ASN A 37 2.12 3.57 8.81
C ASN A 37 3.09 2.73 7.99
N GLU A 38 4.39 2.94 8.16
CA GLU A 38 5.39 2.25 7.33
C GLU A 38 5.34 0.74 7.52
N GLU A 39 4.76 0.30 8.63
CA GLU A 39 4.56 -1.13 8.89
C GLU A 39 3.79 -1.77 7.74
N ALA A 40 2.62 -1.21 7.47
CA ALA A 40 1.76 -1.71 6.40
C ALA A 40 2.42 -1.52 5.05
N ILE A 41 3.14 -0.42 4.90
CA ILE A 41 3.77 -0.07 3.64
C ILE A 41 4.88 -1.07 3.30
N ARG A 42 5.75 -1.32 4.27
CA ARG A 42 6.87 -2.24 4.06
C ARG A 42 6.35 -3.65 3.85
N GLN A 43 5.35 -4.04 4.65
CA GLN A 43 4.76 -5.37 4.56
C GLN A 43 4.04 -5.55 3.24
N PHE A 44 3.68 -4.44 2.60
CA PHE A 44 2.98 -4.47 1.33
C PHE A 44 3.98 -4.65 0.18
N PHE A 45 5.14 -4.04 0.31
CA PHE A 45 6.17 -4.13 -0.73
C PHE A 45 6.94 -5.43 -0.64
N GLU A 46 7.56 -5.69 0.51
CA GLU A 46 8.46 -6.83 0.64
C GLU A 46 7.66 -8.13 0.63
N GLU A 47 6.59 -8.18 1.39
CA GLU A 47 5.75 -9.35 1.46
C GLU A 47 4.53 -9.22 0.55
N PHE A 48 4.77 -8.70 -0.64
CA PHE A 48 3.70 -8.53 -1.61
C PHE A 48 3.14 -9.87 -2.04
N GLU A 49 4.00 -10.74 -2.54
CA GLU A 49 3.57 -12.03 -3.09
C GLU A 49 4.00 -13.19 -2.20
N GLN A 50 4.81 -12.91 -1.19
CA GLN A 50 5.38 -13.96 -0.34
C GLN A 50 4.47 -14.24 0.85
N ARG A 51 3.20 -13.94 0.68
CA ARG A 51 2.21 -14.08 1.75
C ARG A 51 1.71 -15.52 1.90
N LYS A 52 2.63 -16.46 2.10
CA LYS A 52 2.27 -17.83 2.45
C LYS A 52 3.31 -18.39 3.42
N MET A 1 -5.27 5.62 15.57
CA MET A 1 -6.70 5.77 15.23
C MET A 1 -7.13 4.65 14.28
N LYS A 2 -6.50 4.61 13.12
CA LYS A 2 -6.75 3.59 12.13
C LYS A 2 -5.59 3.55 11.16
N GLN A 3 -4.88 2.43 11.13
CA GLN A 3 -3.68 2.29 10.32
C GLN A 3 -3.90 1.22 9.27
N TRP A 4 -3.54 1.51 8.00
CA TRP A 4 -3.70 0.53 6.90
C TRP A 4 -5.18 0.30 6.67
N SER A 5 -5.91 1.24 7.25
CA SER A 5 -7.38 1.36 7.22
C SER A 5 -8.07 0.40 6.25
N GLU A 6 -9.15 -0.23 6.72
CA GLU A 6 -9.91 -1.22 5.96
C GLU A 6 -9.92 -0.93 4.44
N ASN A 7 -10.32 0.28 4.08
CA ASN A 7 -10.39 0.69 2.67
C ASN A 7 -9.04 0.61 1.97
N VAL A 8 -7.98 0.91 2.70
CA VAL A 8 -6.62 0.95 2.17
C VAL A 8 -6.23 -0.39 1.57
N GLU A 9 -6.41 -1.44 2.36
CA GLU A 9 -6.08 -2.78 1.92
C GLU A 9 -6.63 -3.08 0.53
N GLU A 10 -7.91 -2.76 0.34
CA GLU A 10 -8.56 -2.93 -0.94
C GLU A 10 -8.01 -1.94 -1.97
N LYS A 11 -8.22 -0.64 -1.71
CA LYS A 11 -7.97 0.38 -2.70
C LYS A 11 -6.50 0.50 -3.09
N LEU A 12 -5.59 0.29 -2.16
CA LEU A 12 -4.17 0.37 -2.48
C LEU A 12 -3.78 -0.78 -3.39
N LYS A 13 -4.27 -1.98 -3.07
CA LYS A 13 -4.12 -3.14 -3.93
C LYS A 13 -4.61 -2.80 -5.33
N GLU A 14 -5.81 -2.26 -5.40
CA GLU A 14 -6.45 -1.93 -6.65
C GLU A 14 -5.73 -0.79 -7.36
N PHE A 15 -5.09 0.08 -6.60
CA PHE A 15 -4.48 1.26 -7.15
C PHE A 15 -3.14 0.93 -7.81
N VAL A 16 -2.47 -0.09 -7.29
CA VAL A 16 -1.22 -0.56 -7.88
C VAL A 16 -1.48 -1.57 -8.99
N LYS A 17 -2.53 -2.36 -8.81
CA LYS A 17 -2.86 -3.43 -9.75
C LYS A 17 -3.75 -2.94 -10.89
N ARG A 18 -4.88 -2.37 -10.52
CA ARG A 18 -5.96 -2.12 -11.46
C ARG A 18 -6.06 -0.64 -11.81
N HIS A 19 -5.17 0.15 -11.26
CA HIS A 19 -5.10 1.56 -11.59
C HIS A 19 -3.74 1.90 -12.17
N GLN A 20 -3.36 1.13 -13.19
CA GLN A 20 -2.07 1.25 -13.86
C GLN A 20 -0.93 0.73 -12.98
N ARG A 21 -0.62 1.48 -11.92
CA ARG A 21 0.55 1.26 -11.07
C ARG A 21 0.92 2.60 -10.43
N ILE A 22 1.85 2.60 -9.48
CA ILE A 22 2.27 3.83 -8.84
C ILE A 22 3.67 3.66 -8.23
N THR A 23 4.44 4.75 -8.21
CA THR A 23 5.78 4.70 -7.63
C THR A 23 5.73 4.87 -6.12
N GLN A 24 6.83 4.56 -5.46
CA GLN A 24 6.89 4.60 -4.00
C GLN A 24 6.73 6.03 -3.47
N GLU A 25 7.30 7.00 -4.17
CA GLU A 25 7.22 8.40 -3.76
C GLU A 25 5.77 8.85 -3.73
N GLU A 26 5.08 8.65 -4.84
CA GLU A 26 3.67 9.02 -4.96
C GLU A 26 2.82 8.20 -3.99
N LEU A 27 3.17 6.92 -3.84
CA LEU A 27 2.45 6.01 -2.99
C LEU A 27 2.59 6.41 -1.52
N HIS A 28 3.79 6.87 -1.14
CA HIS A 28 4.06 7.18 0.26
C HIS A 28 3.34 8.45 0.69
N GLN A 29 3.14 9.37 -0.24
CA GLN A 29 2.30 10.53 0.00
C GLN A 29 0.90 10.05 0.33
N TYR A 30 0.42 9.15 -0.52
CA TYR A 30 -0.90 8.56 -0.40
C TYR A 30 -1.03 7.77 0.91
N ALA A 31 0.10 7.24 1.39
CA ALA A 31 0.13 6.46 2.63
C ALA A 31 -0.35 7.28 3.81
N GLN A 32 0.32 8.38 4.07
CA GLN A 32 0.03 9.19 5.25
C GLN A 32 -1.23 10.03 5.02
N ARG A 33 -1.67 10.07 3.77
CA ARG A 33 -2.87 10.79 3.42
C ARG A 33 -4.11 9.95 3.73
N LEU A 34 -3.99 8.63 3.53
CA LEU A 34 -5.10 7.72 3.79
C LEU A 34 -5.15 7.29 5.24
N GLY A 35 -3.99 7.19 5.88
CA GLY A 35 -3.95 6.70 7.25
C GLY A 35 -3.11 5.44 7.39
N LEU A 36 -1.96 5.41 6.74
CA LEU A 36 -1.15 4.20 6.75
C LEU A 36 -0.14 4.20 7.87
N ASN A 37 0.51 3.06 7.99
CA ASN A 37 1.47 2.80 9.03
C ASN A 37 2.69 2.16 8.41
N GLU A 38 3.87 2.50 8.90
CA GLU A 38 5.11 2.10 8.26
C GLU A 38 5.25 0.57 8.22
N GLU A 39 4.63 -0.11 9.18
CA GLU A 39 4.61 -1.56 9.24
C GLU A 39 4.01 -2.15 7.97
N ALA A 40 2.77 -1.80 7.71
CA ALA A 40 2.01 -2.39 6.63
C ALA A 40 2.51 -1.91 5.28
N ILE A 41 3.05 -0.71 5.25
CA ILE A 41 3.56 -0.14 4.02
C ILE A 41 4.74 -0.98 3.51
N ARG A 42 5.73 -1.18 4.38
CA ARG A 42 6.91 -1.94 4.04
C ARG A 42 6.57 -3.41 3.77
N GLN A 43 5.66 -3.94 4.57
CA GLN A 43 5.28 -5.35 4.48
C GLN A 43 4.58 -5.64 3.15
N PHE A 44 3.96 -4.61 2.57
CA PHE A 44 3.25 -4.73 1.31
C PHE A 44 4.25 -4.86 0.15
N PHE A 45 5.44 -4.31 0.33
CA PHE A 45 6.46 -4.35 -0.71
C PHE A 45 7.33 -5.60 -0.61
N GLU A 46 7.78 -5.91 0.61
CA GLU A 46 8.72 -7.00 0.82
C GLU A 46 8.03 -8.35 0.66
N GLU A 47 6.75 -8.36 0.93
CA GLU A 47 5.94 -9.56 0.71
C GLU A 47 4.83 -9.29 -0.29
N PHE A 48 5.19 -8.70 -1.42
CA PHE A 48 4.20 -8.40 -2.46
C PHE A 48 3.90 -9.67 -3.29
N GLU A 49 4.82 -10.03 -4.18
CA GLU A 49 4.69 -11.24 -5.00
C GLU A 49 5.86 -11.30 -5.99
N GLN A 50 6.22 -10.13 -6.51
CA GLN A 50 7.30 -10.03 -7.49
C GLN A 50 8.48 -9.30 -6.85
N ARG A 51 8.34 -9.02 -5.57
CA ARG A 51 9.39 -8.38 -4.79
C ARG A 51 9.60 -9.17 -3.50
N LYS A 52 10.51 -10.13 -3.55
CA LYS A 52 10.84 -10.92 -2.37
C LYS A 52 12.17 -11.64 -2.56
N MET A 1 -7.81 -1.72 10.70
CA MET A 1 -8.04 -2.15 12.10
C MET A 1 -7.05 -3.27 12.49
N LYS A 2 -6.53 -3.99 11.50
CA LYS A 2 -5.66 -5.13 11.78
C LYS A 2 -4.19 -4.80 11.56
N GLN A 3 -3.93 -3.58 11.13
CA GLN A 3 -2.58 -3.12 10.78
C GLN A 3 -2.68 -1.77 10.10
N TRP A 4 -3.22 -1.80 8.89
CA TRP A 4 -3.58 -0.60 8.16
C TRP A 4 -5.07 -0.34 8.31
N SER A 5 -5.58 0.65 7.61
CA SER A 5 -7.00 0.78 7.43
C SER A 5 -7.41 -0.17 6.29
N GLU A 6 -8.28 -1.13 6.58
CA GLU A 6 -8.61 -2.16 5.59
C GLU A 6 -9.30 -1.57 4.37
N ASN A 7 -10.00 -0.46 4.56
CA ASN A 7 -10.52 0.34 3.46
C ASN A 7 -9.36 0.78 2.57
N VAL A 8 -8.34 1.32 3.21
CA VAL A 8 -7.15 1.80 2.52
C VAL A 8 -6.45 0.68 1.77
N GLU A 9 -6.24 -0.45 2.43
CA GLU A 9 -5.56 -1.58 1.81
C GLU A 9 -6.26 -1.97 0.51
N GLU A 10 -7.59 -2.00 0.55
CA GLU A 10 -8.39 -2.29 -0.63
C GLU A 10 -8.10 -1.31 -1.76
N LYS A 11 -8.29 -0.04 -1.47
CA LYS A 11 -8.17 1.02 -2.46
C LYS A 11 -6.72 1.17 -2.92
N LEU A 12 -5.79 0.94 -2.00
CA LEU A 12 -4.37 0.93 -2.32
C LEU A 12 -4.09 -0.17 -3.33
N LYS A 13 -4.58 -1.36 -3.03
CA LYS A 13 -4.42 -2.53 -3.89
C LYS A 13 -4.88 -2.21 -5.31
N GLU A 14 -6.04 -1.59 -5.41
CA GLU A 14 -6.60 -1.20 -6.69
C GLU A 14 -5.71 -0.17 -7.38
N PHE A 15 -5.29 0.84 -6.62
CA PHE A 15 -4.52 1.94 -7.16
C PHE A 15 -3.12 1.49 -7.59
N VAL A 16 -2.67 0.35 -7.08
CA VAL A 16 -1.38 -0.17 -7.48
C VAL A 16 -1.50 -1.15 -8.66
N LYS A 17 -2.00 -2.36 -8.40
CA LYS A 17 -1.93 -3.43 -9.40
C LYS A 17 -2.94 -3.26 -10.52
N ARG A 18 -4.00 -2.53 -10.24
CA ARG A 18 -5.06 -2.30 -11.22
C ARG A 18 -4.87 -0.97 -11.94
N HIS A 19 -3.95 -0.14 -11.44
CA HIS A 19 -3.71 1.17 -12.04
C HIS A 19 -2.26 1.30 -12.51
N GLN A 20 -1.66 2.47 -12.30
CA GLN A 20 -0.32 2.79 -12.83
C GLN A 20 0.80 2.00 -12.15
N ARG A 21 0.43 1.13 -11.21
CA ARG A 21 1.41 0.38 -10.39
C ARG A 21 2.07 1.29 -9.35
N ILE A 22 1.88 2.60 -9.52
CA ILE A 22 2.31 3.63 -8.56
C ILE A 22 3.84 3.75 -8.45
N THR A 23 4.30 4.96 -8.20
CA THR A 23 5.69 5.20 -7.87
C THR A 23 5.82 5.42 -6.37
N GLN A 24 7.00 5.14 -5.81
CA GLN A 24 7.19 5.21 -4.37
C GLN A 24 6.99 6.62 -3.82
N GLU A 25 7.27 7.63 -4.64
CA GLU A 25 7.06 9.02 -4.24
C GLU A 25 5.57 9.27 -3.97
N GLU A 26 4.74 9.00 -4.98
CA GLU A 26 3.29 9.14 -4.85
C GLU A 26 2.78 8.19 -3.78
N LEU A 27 3.41 7.02 -3.71
CA LEU A 27 3.03 5.98 -2.76
C LEU A 27 3.08 6.47 -1.32
N HIS A 28 4.21 7.04 -0.91
CA HIS A 28 4.38 7.42 0.48
C HIS A 28 3.46 8.58 0.84
N GLN A 29 3.26 9.49 -0.11
CA GLN A 29 2.32 10.59 0.08
C GLN A 29 0.91 10.04 0.21
N TYR A 30 0.59 9.06 -0.62
CA TYR A 30 -0.70 8.40 -0.62
C TYR A 30 -0.90 7.61 0.68
N ALA A 31 0.20 7.12 1.23
CA ALA A 31 0.16 6.31 2.44
C ALA A 31 -0.27 7.14 3.64
N GLN A 32 0.40 8.27 3.83
CA GLN A 32 0.12 9.13 4.98
C GLN A 32 -1.18 9.90 4.76
N ARG A 33 -1.66 9.88 3.52
CA ARG A 33 -2.89 10.54 3.16
C ARG A 33 -4.09 9.71 3.60
N LEU A 34 -3.98 8.39 3.50
CA LEU A 34 -5.09 7.50 3.81
C LEU A 34 -4.95 6.83 5.17
N GLY A 35 -3.74 6.65 5.64
CA GLY A 35 -3.54 6.02 6.94
C GLY A 35 -2.71 4.75 6.89
N LEU A 36 -1.67 4.74 6.08
CA LEU A 36 -0.75 3.61 6.07
C LEU A 36 0.39 3.85 7.03
N ASN A 37 0.65 2.87 7.87
CA ASN A 37 1.83 2.89 8.71
C ASN A 37 2.98 2.26 7.94
N GLU A 38 4.21 2.58 8.33
CA GLU A 38 5.40 2.14 7.61
C GLU A 38 5.42 0.63 7.40
N GLU A 39 4.84 -0.10 8.33
CA GLU A 39 4.71 -1.54 8.22
C GLU A 39 3.95 -1.92 6.95
N ALA A 40 2.75 -1.37 6.81
CA ALA A 40 1.88 -1.70 5.68
C ALA A 40 2.46 -1.21 4.37
N ILE A 41 3.26 -0.14 4.44
CA ILE A 41 3.88 0.41 3.25
C ILE A 41 4.91 -0.57 2.70
N ARG A 42 5.73 -1.10 3.60
CA ARG A 42 6.73 -2.09 3.24
C ARG A 42 6.06 -3.44 2.95
N GLN A 43 4.92 -3.66 3.60
CA GLN A 43 4.20 -4.91 3.51
C GLN A 43 3.65 -5.17 2.11
N PHE A 44 3.25 -4.12 1.41
CA PHE A 44 2.62 -4.30 0.10
C PHE A 44 3.66 -4.34 -1.01
N PHE A 45 4.74 -3.59 -0.86
CA PHE A 45 5.77 -3.50 -1.90
C PHE A 45 6.85 -4.56 -1.72
N GLU A 46 7.68 -4.39 -0.69
CA GLU A 46 8.80 -5.28 -0.44
C GLU A 46 8.31 -6.67 -0.08
N GLU A 47 7.45 -6.74 0.92
CA GLU A 47 6.97 -8.01 1.43
C GLU A 47 5.64 -8.37 0.75
N PHE A 48 5.55 -8.06 -0.54
CA PHE A 48 4.34 -8.29 -1.33
C PHE A 48 3.82 -9.72 -1.14
N GLU A 49 4.56 -10.68 -1.69
CA GLU A 49 4.23 -12.10 -1.62
C GLU A 49 5.11 -12.87 -2.59
N GLN A 50 5.50 -12.21 -3.67
CA GLN A 50 6.37 -12.80 -4.68
C GLN A 50 7.75 -12.19 -4.56
N ARG A 51 7.97 -11.57 -3.42
CA ARG A 51 9.19 -10.82 -3.17
C ARG A 51 9.58 -10.94 -1.71
N LYS A 52 10.83 -11.33 -1.46
CA LYS A 52 11.40 -11.36 -0.12
C LYS A 52 10.50 -12.10 0.88
N MET A 1 -4.24 -9.07 13.67
CA MET A 1 -3.19 -8.15 13.16
C MET A 1 -3.77 -7.19 12.12
N LYS A 2 -3.59 -5.89 12.32
CA LYS A 2 -3.92 -4.90 11.30
C LYS A 2 -2.79 -3.90 11.19
N GLN A 3 -2.36 -3.63 9.96
CA GLN A 3 -1.15 -2.86 9.72
C GLN A 3 -1.47 -1.46 9.21
N TRP A 4 -2.74 -1.20 8.96
CA TRP A 4 -3.20 0.04 8.36
C TRP A 4 -4.72 0.01 8.28
N SER A 5 -5.30 1.02 7.66
CA SER A 5 -6.73 1.04 7.44
C SER A 5 -7.08 -0.05 6.43
N GLU A 6 -7.86 -1.04 6.88
CA GLU A 6 -8.27 -2.16 6.03
C GLU A 6 -8.90 -1.69 4.71
N ASN A 7 -9.61 -0.57 4.75
CA ASN A 7 -10.19 0.01 3.53
C ASN A 7 -9.09 0.44 2.57
N VAL A 8 -7.99 0.92 3.11
CA VAL A 8 -6.87 1.34 2.30
C VAL A 8 -6.13 0.12 1.76
N GLU A 9 -6.10 -0.92 2.57
CA GLU A 9 -5.48 -2.18 2.19
C GLU A 9 -6.06 -2.68 0.86
N GLU A 10 -7.37 -2.50 0.72
CA GLU A 10 -8.05 -2.86 -0.52
C GLU A 10 -7.78 -1.80 -1.61
N LYS A 11 -7.87 -0.53 -1.21
CA LYS A 11 -7.67 0.58 -2.16
C LYS A 11 -6.26 0.60 -2.75
N LEU A 12 -5.27 0.20 -1.96
CA LEU A 12 -3.90 0.21 -2.44
C LEU A 12 -3.67 -0.95 -3.42
N LYS A 13 -4.30 -2.09 -3.13
CA LYS A 13 -4.33 -3.21 -4.09
C LYS A 13 -4.82 -2.70 -5.44
N GLU A 14 -5.84 -1.86 -5.38
CA GLU A 14 -6.42 -1.25 -6.56
C GLU A 14 -5.46 -0.25 -7.19
N PHE A 15 -4.94 0.66 -6.39
CA PHE A 15 -4.19 1.78 -6.91
C PHE A 15 -2.76 1.41 -7.29
N VAL A 16 -2.27 0.29 -6.80
CA VAL A 16 -0.95 -0.21 -7.19
C VAL A 16 -1.06 -1.23 -8.32
N LYS A 17 -1.70 -2.35 -8.01
CA LYS A 17 -1.76 -3.48 -8.94
C LYS A 17 -2.63 -3.16 -10.15
N ARG A 18 -3.67 -2.37 -9.95
CA ARG A 18 -4.61 -2.07 -11.02
C ARG A 18 -4.34 -0.70 -11.65
N HIS A 19 -3.48 0.10 -11.02
CA HIS A 19 -3.24 1.45 -11.52
C HIS A 19 -1.75 1.73 -11.74
N GLN A 20 -1.30 1.45 -12.98
CA GLN A 20 0.04 1.82 -13.49
C GLN A 20 1.19 1.43 -12.53
N ARG A 21 0.92 0.46 -11.65
CA ARG A 21 1.93 -0.08 -10.73
C ARG A 21 2.29 0.90 -9.61
N ILE A 22 2.01 2.18 -9.84
CA ILE A 22 2.28 3.26 -8.87
C ILE A 22 3.79 3.47 -8.66
N THR A 23 4.13 4.62 -8.10
CA THR A 23 5.48 4.90 -7.65
C THR A 23 5.47 5.12 -6.13
N GLN A 24 6.63 5.02 -5.49
CA GLN A 24 6.71 5.16 -4.04
C GLN A 24 6.18 6.50 -3.55
N GLU A 25 6.43 7.55 -4.34
CA GLU A 25 6.03 8.91 -4.00
C GLU A 25 4.55 9.00 -3.64
N GLU A 26 3.69 8.74 -4.62
CA GLU A 26 2.25 8.87 -4.43
C GLU A 26 1.74 7.84 -3.44
N LEU A 27 2.25 6.61 -3.52
CA LEU A 27 1.92 5.56 -2.56
C LEU A 27 2.09 6.03 -1.11
N HIS A 28 3.25 6.62 -0.80
CA HIS A 28 3.52 7.03 0.58
C HIS A 28 2.72 8.28 0.93
N GLN A 29 2.47 9.13 -0.07
CA GLN A 29 1.65 10.30 0.13
C GLN A 29 0.20 9.87 0.40
N TYR A 30 -0.20 8.80 -0.28
CA TYR A 30 -1.51 8.19 -0.10
C TYR A 30 -1.64 7.66 1.33
N ALA A 31 -0.51 7.22 1.89
CA ALA A 31 -0.48 6.67 3.25
C ALA A 31 -0.97 7.66 4.28
N GLN A 32 -0.27 8.78 4.40
CA GLN A 32 -0.58 9.76 5.43
C GLN A 32 -1.86 10.52 5.09
N ARG A 33 -2.36 10.33 3.88
CA ARG A 33 -3.61 10.95 3.47
C ARG A 33 -4.79 10.09 3.91
N LEU A 34 -4.64 8.78 3.83
CA LEU A 34 -5.72 7.85 4.13
C LEU A 34 -5.67 7.34 5.57
N GLY A 35 -4.48 7.31 6.15
CA GLY A 35 -4.36 6.87 7.53
C GLY A 35 -3.45 5.65 7.67
N LEU A 36 -2.35 5.63 6.93
CA LEU A 36 -1.45 4.50 6.96
C LEU A 36 -0.15 4.85 7.65
N ASN A 37 0.69 3.84 7.74
CA ASN A 37 2.02 3.99 8.30
C ASN A 37 3.01 3.18 7.46
N GLU A 38 4.26 3.64 7.48
CA GLU A 38 5.39 2.96 6.83
C GLU A 38 5.40 1.45 7.08
N GLU A 39 4.80 1.01 8.18
CA GLU A 39 4.67 -0.39 8.53
C GLU A 39 4.12 -1.19 7.36
N ALA A 40 2.96 -0.78 6.90
CA ALA A 40 2.27 -1.48 5.84
C ALA A 40 2.86 -1.15 4.48
N ILE A 41 3.59 -0.03 4.43
CA ILE A 41 4.21 0.43 3.20
C ILE A 41 5.22 -0.59 2.69
N ARG A 42 6.24 -0.86 3.50
CA ARG A 42 7.27 -1.82 3.12
C ARG A 42 6.69 -3.22 3.07
N GLN A 43 5.74 -3.49 3.95
CA GLN A 43 5.11 -4.80 4.05
C GLN A 43 4.45 -5.17 2.73
N PHE A 44 3.81 -4.18 2.09
CA PHE A 44 3.11 -4.41 0.84
C PHE A 44 4.11 -4.69 -0.29
N PHE A 45 5.30 -4.11 -0.18
CA PHE A 45 6.35 -4.32 -1.17
C PHE A 45 7.06 -5.64 -0.95
N GLU A 46 7.44 -5.91 0.30
CA GLU A 46 8.24 -7.08 0.63
C GLU A 46 7.38 -8.35 0.59
N GLU A 47 6.16 -8.22 1.06
CA GLU A 47 5.25 -9.35 1.12
C GLU A 47 4.12 -9.17 0.11
N PHE A 48 4.48 -8.76 -1.10
CA PHE A 48 3.52 -8.66 -2.18
C PHE A 48 3.05 -10.06 -2.54
N GLU A 49 1.96 -10.15 -3.28
CA GLU A 49 1.38 -11.44 -3.66
C GLU A 49 2.36 -12.27 -4.49
N GLN A 50 3.25 -11.60 -5.21
CA GLN A 50 4.17 -12.30 -6.11
C GLN A 50 5.57 -12.39 -5.51
N ARG A 51 5.75 -11.85 -4.31
CA ARG A 51 7.08 -11.80 -3.70
C ARG A 51 7.19 -12.77 -2.53
N LYS A 52 6.48 -13.88 -2.64
CA LYS A 52 6.56 -14.94 -1.62
C LYS A 52 6.39 -16.29 -2.29
N MET A 1 -4.27 -5.01 15.61
CA MET A 1 -5.47 -5.56 14.94
C MET A 1 -5.94 -4.60 13.87
N LYS A 2 -5.72 -4.95 12.59
CA LYS A 2 -5.90 -4.01 11.47
C LYS A 2 -4.91 -2.86 11.63
N GLN A 3 -3.78 -2.99 10.95
CA GLN A 3 -2.65 -2.09 11.16
C GLN A 3 -2.81 -0.88 10.26
N TRP A 4 -3.21 -1.16 9.03
CA TRP A 4 -3.60 -0.13 8.11
C TRP A 4 -5.08 0.14 8.27
N SER A 5 -5.59 1.11 7.53
CA SER A 5 -7.02 1.25 7.41
C SER A 5 -7.49 0.23 6.36
N GLU A 6 -8.33 -0.71 6.79
CA GLU A 6 -8.87 -1.75 5.89
C GLU A 6 -9.33 -1.20 4.54
N ASN A 7 -9.86 0.01 4.54
CA ASN A 7 -10.32 0.66 3.30
C ASN A 7 -9.12 0.95 2.40
N VAL A 8 -8.05 1.42 3.00
CA VAL A 8 -6.83 1.73 2.29
C VAL A 8 -6.22 0.46 1.71
N GLU A 9 -6.05 -0.53 2.58
CA GLU A 9 -5.46 -1.80 2.18
C GLU A 9 -6.17 -2.37 0.96
N GLU A 10 -7.49 -2.27 0.98
CA GLU A 10 -8.31 -2.72 -0.13
C GLU A 10 -8.05 -1.89 -1.39
N LYS A 11 -8.13 -0.57 -1.25
CA LYS A 11 -8.08 0.31 -2.41
C LYS A 11 -6.64 0.59 -2.85
N LEU A 12 -5.68 0.28 -2.00
CA LEU A 12 -4.28 0.35 -2.38
C LEU A 12 -4.01 -0.70 -3.45
N LYS A 13 -4.53 -1.90 -3.18
CA LYS A 13 -4.53 -2.98 -4.15
C LYS A 13 -5.14 -2.50 -5.47
N GLU A 14 -6.25 -1.78 -5.36
CA GLU A 14 -6.95 -1.29 -6.52
C GLU A 14 -6.16 -0.21 -7.24
N PHE A 15 -5.67 0.78 -6.51
CA PHE A 15 -5.02 1.93 -7.09
C PHE A 15 -3.68 1.55 -7.75
N VAL A 16 -3.09 0.47 -7.29
CA VAL A 16 -1.88 -0.04 -7.90
C VAL A 16 -2.21 -1.04 -9.00
N LYS A 17 -2.76 -2.20 -8.61
CA LYS A 17 -2.97 -3.32 -9.52
C LYS A 17 -4.05 -3.01 -10.55
N ARG A 18 -5.16 -2.44 -10.10
CA ARG A 18 -6.30 -2.20 -10.98
C ARG A 18 -6.21 -0.82 -11.64
N HIS A 19 -5.09 -0.14 -11.48
CA HIS A 19 -4.96 1.23 -11.98
C HIS A 19 -3.58 1.49 -12.58
N GLN A 20 -2.97 2.58 -12.14
CA GLN A 20 -1.74 3.11 -12.72
C GLN A 20 -0.50 2.36 -12.23
N ARG A 21 -0.63 1.62 -11.13
CA ARG A 21 0.49 0.97 -10.44
C ARG A 21 1.36 2.01 -9.74
N ILE A 22 1.67 3.10 -10.47
CA ILE A 22 2.21 4.36 -9.93
C ILE A 22 3.59 4.24 -9.26
N THR A 23 4.36 5.32 -9.34
CA THR A 23 5.69 5.40 -8.74
C THR A 23 5.62 5.31 -7.21
N GLN A 24 6.66 4.76 -6.61
CA GLN A 24 6.69 4.51 -5.17
C GLN A 24 6.71 5.79 -4.35
N GLU A 25 7.31 6.85 -4.88
CA GLU A 25 7.34 8.13 -4.17
C GLU A 25 5.93 8.64 -3.95
N GLU A 26 5.18 8.77 -5.04
CA GLU A 26 3.80 9.20 -4.98
C GLU A 26 2.97 8.21 -4.17
N LEU A 27 3.28 6.93 -4.32
CA LEU A 27 2.59 5.86 -3.61
C LEU A 27 2.88 5.91 -2.10
N HIS A 28 4.05 6.41 -1.72
CA HIS A 28 4.40 6.49 -0.31
C HIS A 28 3.76 7.69 0.34
N GLN A 29 3.61 8.77 -0.41
CA GLN A 29 2.78 9.86 0.05
C GLN A 29 1.35 9.36 0.17
N TYR A 30 0.94 8.57 -0.82
CA TYR A 30 -0.39 7.98 -0.84
C TYR A 30 -0.59 7.08 0.38
N ALA A 31 0.44 6.30 0.72
CA ALA A 31 0.42 5.47 1.92
C ALA A 31 0.03 6.26 3.15
N GLN A 32 0.84 7.24 3.50
CA GLN A 32 0.64 8.00 4.72
C GLN A 32 -0.56 8.93 4.61
N ARG A 33 -0.89 9.34 3.38
CA ARG A 33 -2.04 10.20 3.15
C ARG A 33 -3.34 9.49 3.55
N LEU A 34 -3.40 8.19 3.30
CA LEU A 34 -4.60 7.43 3.60
C LEU A 34 -4.55 6.81 5.00
N GLY A 35 -3.35 6.59 5.52
CA GLY A 35 -3.23 6.09 6.87
C GLY A 35 -2.53 4.74 6.96
N LEU A 36 -1.49 4.55 6.16
CA LEU A 36 -0.68 3.34 6.26
C LEU A 36 0.46 3.55 7.22
N ASN A 37 0.64 2.61 8.12
CA ASN A 37 1.76 2.63 9.04
C ASN A 37 2.94 1.92 8.39
N GLU A 38 4.16 2.29 8.77
CA GLU A 38 5.38 1.79 8.13
C GLU A 38 5.44 0.26 8.09
N GLU A 39 4.87 -0.40 9.10
CA GLU A 39 4.77 -1.86 9.12
C GLU A 39 3.94 -2.36 7.94
N ALA A 40 2.77 -1.75 7.77
CA ALA A 40 1.84 -2.13 6.71
C ALA A 40 2.43 -1.78 5.36
N ILE A 41 3.33 -0.81 5.36
CA ILE A 41 4.00 -0.40 4.15
C ILE A 41 4.85 -1.57 3.63
N ARG A 42 5.59 -2.17 4.54
CA ARG A 42 6.48 -3.28 4.19
C ARG A 42 5.69 -4.52 3.82
N GLN A 43 4.50 -4.66 4.41
CA GLN A 43 3.62 -5.78 4.09
C GLN A 43 3.27 -5.79 2.60
N PHE A 44 3.04 -4.62 2.05
CA PHE A 44 2.65 -4.50 0.65
C PHE A 44 3.86 -4.40 -0.27
N PHE A 45 4.92 -3.72 0.19
CA PHE A 45 6.07 -3.44 -0.65
C PHE A 45 7.17 -4.51 -0.50
N GLU A 46 7.69 -4.67 0.71
CA GLU A 46 8.81 -5.58 0.94
C GLU A 46 8.41 -7.01 0.63
N GLU A 47 7.25 -7.42 1.10
CA GLU A 47 6.77 -8.78 0.91
C GLU A 47 6.26 -8.99 -0.52
N PHE A 48 6.36 -7.96 -1.34
CA PHE A 48 5.90 -8.03 -2.71
C PHE A 48 7.03 -8.52 -3.63
N GLU A 49 8.08 -7.73 -3.74
CA GLU A 49 9.18 -8.04 -4.65
C GLU A 49 10.54 -7.73 -4.03
N GLN A 50 10.54 -7.28 -2.79
CA GLN A 50 11.80 -6.97 -2.11
C GLN A 50 12.19 -8.12 -1.21
N ARG A 51 11.71 -9.31 -1.57
CA ARG A 51 11.99 -10.53 -0.86
C ARG A 51 13.46 -10.91 -1.03
N LYS A 52 14.12 -11.23 0.07
CA LYS A 52 15.52 -11.59 0.03
C LYS A 52 15.70 -13.06 0.39
N MET A 1 -7.80 -5.41 14.68
CA MET A 1 -7.92 -3.95 14.51
C MET A 1 -7.08 -3.47 13.32
N LYS A 2 -5.96 -4.16 13.07
CA LYS A 2 -4.96 -3.74 12.08
C LYS A 2 -4.29 -2.45 12.52
N GLN A 3 -3.30 -2.02 11.75
CA GLN A 3 -2.52 -0.82 12.09
C GLN A 3 -2.56 0.16 10.93
N TRP A 4 -3.48 -0.09 10.03
CA TRP A 4 -3.68 0.71 8.86
C TRP A 4 -5.15 0.66 8.62
N SER A 5 -5.72 1.71 8.08
CA SER A 5 -7.14 1.71 7.79
C SER A 5 -7.50 0.42 7.07
N GLU A 6 -8.33 -0.41 7.72
CA GLU A 6 -8.88 -1.62 7.11
C GLU A 6 -9.24 -1.42 5.63
N ASN A 7 -9.77 -0.24 5.31
CA ASN A 7 -10.14 0.10 3.94
C ASN A 7 -8.92 0.29 3.04
N VAL A 8 -7.75 0.51 3.64
CA VAL A 8 -6.55 0.76 2.87
C VAL A 8 -6.16 -0.47 2.08
N GLU A 9 -6.28 -1.63 2.71
CA GLU A 9 -5.92 -2.90 2.11
C GLU A 9 -6.60 -3.07 0.75
N GLU A 10 -7.89 -2.75 0.71
CA GLU A 10 -8.66 -2.81 -0.53
C GLU A 10 -8.15 -1.79 -1.55
N LYS A 11 -8.23 -0.53 -1.17
CA LYS A 11 -8.02 0.57 -2.10
C LYS A 11 -6.58 0.63 -2.60
N LEU A 12 -5.63 0.23 -1.76
CA LEU A 12 -4.23 0.22 -2.15
C LEU A 12 -4.00 -0.82 -3.24
N LYS A 13 -4.62 -1.99 -3.07
CA LYS A 13 -4.53 -3.03 -4.09
C LYS A 13 -5.12 -2.53 -5.40
N GLU A 14 -6.27 -1.88 -5.31
CA GLU A 14 -6.94 -1.30 -6.45
C GLU A 14 -6.03 -0.33 -7.19
N PHE A 15 -5.46 0.60 -6.45
CA PHE A 15 -4.70 1.70 -7.01
C PHE A 15 -3.32 1.24 -7.52
N VAL A 16 -2.88 0.08 -7.09
CA VAL A 16 -1.60 -0.47 -7.56
C VAL A 16 -1.83 -1.47 -8.69
N LYS A 17 -2.68 -2.46 -8.45
CA LYS A 17 -2.87 -3.56 -9.39
C LYS A 17 -3.77 -3.18 -10.55
N ARG A 18 -4.86 -2.49 -10.24
CA ARG A 18 -5.89 -2.21 -11.23
C ARG A 18 -5.66 -0.87 -11.90
N HIS A 19 -4.59 -0.20 -11.50
CA HIS A 19 -4.21 1.07 -12.11
C HIS A 19 -2.91 0.92 -12.89
N GLN A 20 -2.27 2.04 -13.15
CA GLN A 20 -1.03 2.04 -13.94
C GLN A 20 0.17 1.84 -13.02
N ARG A 21 -0.06 1.21 -11.88
CA ARG A 21 0.95 1.05 -10.82
C ARG A 21 1.38 2.42 -10.31
N ILE A 22 2.33 2.44 -9.38
CA ILE A 22 2.78 3.69 -8.80
C ILE A 22 4.12 3.51 -8.08
N THR A 23 4.93 4.55 -8.07
CA THR A 23 6.22 4.52 -7.41
C THR A 23 6.10 4.91 -5.94
N GLN A 24 7.12 4.57 -5.15
CA GLN A 24 7.10 4.76 -3.71
C GLN A 24 6.90 6.21 -3.31
N GLU A 25 7.50 7.14 -4.05
CA GLU A 25 7.40 8.57 -3.71
C GLU A 25 5.92 8.99 -3.66
N GLU A 26 5.22 8.76 -4.77
CA GLU A 26 3.82 9.10 -4.86
C GLU A 26 2.98 8.26 -3.91
N LEU A 27 3.41 7.03 -3.70
CA LEU A 27 2.69 6.10 -2.84
C LEU A 27 2.77 6.52 -1.38
N HIS A 28 3.89 7.13 -0.99
CA HIS A 28 4.07 7.56 0.39
C HIS A 28 3.18 8.74 0.72
N GLN A 29 2.94 9.61 -0.25
CA GLN A 29 2.00 10.70 -0.08
C GLN A 29 0.59 10.14 0.02
N TYR A 30 0.32 9.12 -0.79
CA TYR A 30 -0.97 8.46 -0.78
C TYR A 30 -1.14 7.67 0.51
N ALA A 31 -0.02 7.23 1.08
CA ALA A 31 -0.02 6.53 2.35
C ALA A 31 -0.59 7.41 3.45
N GLN A 32 0.02 8.58 3.63
CA GLN A 32 -0.40 9.52 4.66
C GLN A 32 -1.83 9.95 4.44
N ARG A 33 -2.19 10.06 3.17
CA ARG A 33 -3.54 10.42 2.76
C ARG A 33 -4.58 9.40 3.26
N LEU A 34 -4.32 8.13 3.03
CA LEU A 34 -5.27 7.08 3.38
C LEU A 34 -5.21 6.74 4.87
N GLY A 35 -4.13 7.11 5.53
CA GLY A 35 -3.96 6.77 6.92
C GLY A 35 -3.05 5.57 7.10
N LEU A 36 -2.14 5.41 6.16
CA LEU A 36 -1.18 4.31 6.20
C LEU A 36 -0.06 4.58 7.18
N ASN A 37 0.82 3.61 7.28
CA ASN A 37 1.96 3.66 8.17
C ASN A 37 2.99 2.69 7.65
N GLU A 38 4.22 2.82 8.11
CA GLU A 38 5.34 2.07 7.53
C GLU A 38 5.15 0.57 7.68
N GLU A 39 4.27 0.18 8.61
CA GLU A 39 3.89 -1.21 8.82
C GLU A 39 3.39 -1.83 7.53
N ALA A 40 2.31 -1.29 7.02
CA ALA A 40 1.64 -1.87 5.86
C ALA A 40 2.32 -1.40 4.57
N ILE A 41 2.98 -0.26 4.64
CA ILE A 41 3.70 0.25 3.47
C ILE A 41 4.82 -0.72 3.09
N ARG A 42 5.62 -1.09 4.07
CA ARG A 42 6.69 -2.07 3.86
C ARG A 42 6.10 -3.44 3.55
N GLN A 43 5.06 -3.81 4.29
CA GLN A 43 4.42 -5.12 4.12
C GLN A 43 3.95 -5.33 2.68
N PHE A 44 3.26 -4.33 2.13
CA PHE A 44 2.68 -4.44 0.79
C PHE A 44 3.76 -4.59 -0.27
N PHE A 45 4.93 -4.03 -0.01
CA PHE A 45 6.04 -4.11 -0.96
C PHE A 45 6.80 -5.43 -0.82
N GLU A 46 7.16 -5.78 0.40
CA GLU A 46 8.02 -6.94 0.62
C GLU A 46 7.26 -8.25 0.60
N GLU A 47 6.00 -8.23 1.04
CA GLU A 47 5.17 -9.42 0.98
C GLU A 47 4.22 -9.33 -0.19
N PHE A 48 4.65 -8.59 -1.20
CA PHE A 48 3.96 -8.49 -2.48
C PHE A 48 4.11 -9.80 -3.23
N GLU A 49 3.60 -9.87 -4.45
CA GLU A 49 3.73 -11.06 -5.28
C GLU A 49 5.14 -11.19 -5.86
N GLN A 50 6.07 -10.43 -5.28
CA GLN A 50 7.45 -10.41 -5.75
C GLN A 50 8.37 -11.14 -4.78
N ARG A 51 7.79 -11.96 -3.91
CA ARG A 51 8.58 -12.74 -2.97
C ARG A 51 9.26 -13.91 -3.68
N LYS A 52 10.45 -14.25 -3.23
CA LYS A 52 11.24 -15.30 -3.86
C LYS A 52 11.75 -16.28 -2.81
N MET A 1 -4.60 -9.07 13.19
CA MET A 1 -4.04 -7.78 13.64
C MET A 1 -4.49 -6.64 12.75
N LYS A 2 -4.09 -5.43 13.12
CA LYS A 2 -4.39 -4.23 12.35
C LYS A 2 -3.11 -3.50 12.01
N GLN A 3 -2.93 -3.22 10.73
CA GLN A 3 -1.73 -2.53 10.26
C GLN A 3 -2.12 -1.30 9.47
N TRP A 4 -2.89 -1.51 8.42
CA TRP A 4 -3.43 -0.42 7.63
C TRP A 4 -4.88 -0.18 7.99
N SER A 5 -5.49 0.79 7.35
CA SER A 5 -6.92 0.99 7.45
C SER A 5 -7.60 0.06 6.45
N GLU A 6 -8.53 -0.75 6.95
CA GLU A 6 -9.33 -1.68 6.12
C GLU A 6 -9.63 -1.12 4.73
N ASN A 7 -10.25 0.04 4.68
CA ASN A 7 -10.68 0.63 3.41
C ASN A 7 -9.49 1.01 2.53
N VAL A 8 -8.36 1.28 3.15
CA VAL A 8 -7.19 1.70 2.41
C VAL A 8 -6.48 0.51 1.78
N GLU A 9 -6.41 -0.59 2.51
CA GLU A 9 -5.81 -1.82 2.00
C GLU A 9 -6.39 -2.14 0.63
N GLU A 10 -7.71 -2.09 0.56
CA GLU A 10 -8.43 -2.31 -0.67
C GLU A 10 -7.92 -1.40 -1.79
N LYS A 11 -8.07 -0.10 -1.61
CA LYS A 11 -7.77 0.87 -2.65
C LYS A 11 -6.28 0.92 -2.96
N LEU A 12 -5.45 0.68 -1.96
CA LEU A 12 -4.00 0.71 -2.16
C LEU A 12 -3.57 -0.44 -3.05
N LYS A 13 -4.06 -1.63 -2.73
CA LYS A 13 -3.79 -2.81 -3.54
C LYS A 13 -4.23 -2.58 -4.97
N GLU A 14 -5.42 -2.00 -5.12
CA GLU A 14 -5.95 -1.71 -6.44
C GLU A 14 -5.16 -0.58 -7.10
N PHE A 15 -4.67 0.35 -6.30
CA PHE A 15 -3.87 1.46 -6.82
C PHE A 15 -2.56 0.98 -7.43
N VAL A 16 -2.05 -0.13 -6.91
CA VAL A 16 -0.80 -0.68 -7.40
C VAL A 16 -1.04 -1.70 -8.52
N LYS A 17 -2.08 -2.51 -8.36
CA LYS A 17 -2.35 -3.60 -9.31
C LYS A 17 -3.26 -3.16 -10.46
N ARG A 18 -4.36 -2.49 -10.12
CA ARG A 18 -5.41 -2.22 -11.10
C ARG A 18 -5.34 -0.80 -11.64
N HIS A 19 -4.73 0.09 -10.87
CA HIS A 19 -4.67 1.50 -11.23
C HIS A 19 -3.45 1.78 -12.12
N GLN A 20 -3.13 0.82 -12.99
CA GLN A 20 -2.03 0.96 -13.94
C GLN A 20 -0.67 1.11 -13.23
N ARG A 21 -0.64 0.76 -11.95
CA ARG A 21 0.56 0.84 -11.12
C ARG A 21 1.00 2.28 -10.90
N ILE A 22 0.67 2.82 -9.73
CA ILE A 22 1.14 4.13 -9.33
C ILE A 22 2.63 4.05 -8.93
N THR A 23 3.37 5.11 -9.19
CA THR A 23 4.77 5.17 -8.81
C THR A 23 4.95 5.18 -7.29
N GLN A 24 6.09 4.65 -6.84
CA GLN A 24 6.31 4.38 -5.42
C GLN A 24 6.33 5.66 -4.57
N GLU A 25 6.95 6.71 -5.08
CA GLU A 25 7.07 7.95 -4.32
C GLU A 25 5.68 8.51 -4.01
N GLU A 26 4.82 8.46 -5.00
CA GLU A 26 3.44 8.91 -4.85
C GLU A 26 2.66 7.92 -4.00
N LEU A 27 3.01 6.64 -4.14
CA LEU A 27 2.41 5.58 -3.35
C LEU A 27 2.57 5.89 -1.86
N HIS A 28 3.78 6.25 -1.46
CA HIS A 28 4.07 6.50 -0.05
C HIS A 28 3.32 7.73 0.47
N GLN A 29 3.37 8.83 -0.27
CA GLN A 29 2.71 10.05 0.17
C GLN A 29 1.19 9.87 0.20
N TYR A 30 0.71 8.97 -0.64
CA TYR A 30 -0.71 8.64 -0.68
C TYR A 30 -1.06 7.69 0.47
N ALA A 31 -0.05 7.00 0.99
CA ALA A 31 -0.25 6.04 2.05
C ALA A 31 -0.63 6.73 3.35
N GLN A 32 0.23 7.65 3.77
CA GLN A 32 0.00 8.38 5.01
C GLN A 32 -1.13 9.39 4.83
N ARG A 33 -1.45 9.68 3.58
CA ARG A 33 -2.59 10.52 3.26
C ARG A 33 -3.90 9.84 3.67
N LEU A 34 -3.94 8.52 3.58
CA LEU A 34 -5.16 7.78 3.87
C LEU A 34 -5.14 7.16 5.27
N GLY A 35 -3.98 7.15 5.91
CA GLY A 35 -3.91 6.64 7.27
C GLY A 35 -2.99 5.46 7.43
N LEU A 36 -2.05 5.28 6.52
CA LEU A 36 -1.16 4.14 6.59
C LEU A 36 0.11 4.47 7.36
N ASN A 37 0.47 3.57 8.25
CA ASN A 37 1.75 3.63 8.92
C ASN A 37 2.76 2.82 8.11
N GLU A 38 4.04 2.98 8.40
CA GLU A 38 5.10 2.34 7.63
C GLU A 38 4.99 0.82 7.69
N GLU A 39 4.44 0.31 8.80
CA GLU A 39 4.15 -1.11 8.96
C GLU A 39 3.33 -1.65 7.80
N ALA A 40 2.26 -0.94 7.49
CA ALA A 40 1.34 -1.35 6.43
C ALA A 40 1.99 -1.17 5.07
N ILE A 41 2.82 -0.15 4.97
CA ILE A 41 3.49 0.18 3.72
C ILE A 41 4.52 -0.91 3.40
N ARG A 42 5.31 -1.25 4.41
CA ARG A 42 6.27 -2.34 4.32
C ARG A 42 5.56 -3.66 4.03
N GLN A 43 4.38 -3.83 4.62
CA GLN A 43 3.58 -5.04 4.46
C GLN A 43 3.32 -5.33 2.97
N PHE A 44 3.14 -4.28 2.19
CA PHE A 44 2.90 -4.41 0.76
C PHE A 44 4.20 -4.67 -0.01
N PHE A 45 5.23 -3.90 0.27
CA PHE A 45 6.44 -3.93 -0.55
C PHE A 45 7.33 -5.13 -0.25
N GLU A 46 7.63 -5.40 1.02
CA GLU A 46 8.61 -6.43 1.36
C GLU A 46 8.10 -7.82 0.99
N GLU A 47 6.83 -8.06 1.21
CA GLU A 47 6.24 -9.36 0.91
C GLU A 47 5.58 -9.37 -0.46
N PHE A 48 6.02 -8.48 -1.34
CA PHE A 48 5.45 -8.39 -2.67
C PHE A 48 5.70 -9.68 -3.44
N GLU A 49 4.91 -9.89 -4.47
CA GLU A 49 4.90 -11.16 -5.21
C GLU A 49 6.23 -11.43 -5.90
N GLN A 50 7.06 -10.41 -6.02
CA GLN A 50 8.33 -10.54 -6.73
C GLN A 50 9.51 -10.71 -5.77
N ARG A 51 9.23 -10.66 -4.47
CA ARG A 51 10.29 -10.72 -3.48
C ARG A 51 10.20 -11.98 -2.63
N LYS A 52 11.24 -12.80 -2.72
CA LYS A 52 11.37 -13.99 -1.89
C LYS A 52 12.76 -14.61 -2.06
N MET A 1 -6.62 -10.06 9.45
CA MET A 1 -7.33 -8.81 9.80
C MET A 1 -6.59 -7.62 9.24
N LYS A 2 -7.18 -6.43 9.42
CA LYS A 2 -6.58 -5.19 8.94
C LYS A 2 -5.23 -4.91 9.60
N GLN A 3 -4.21 -4.72 8.78
CA GLN A 3 -2.89 -4.37 9.27
C GLN A 3 -2.73 -2.86 9.26
N TRP A 4 -3.27 -2.25 8.23
CA TRP A 4 -3.49 -0.82 8.20
C TRP A 4 -4.97 -0.61 8.07
N SER A 5 -5.40 0.59 7.74
CA SER A 5 -6.81 0.86 7.53
C SER A 5 -7.39 -0.19 6.57
N GLU A 6 -8.40 -0.92 7.04
CA GLU A 6 -8.97 -2.03 6.29
C GLU A 6 -9.45 -1.56 4.92
N ASN A 7 -10.03 -0.38 4.89
CA ASN A 7 -10.54 0.17 3.64
C ASN A 7 -9.40 0.64 2.76
N VAL A 8 -8.21 0.68 3.32
CA VAL A 8 -7.04 1.06 2.58
C VAL A 8 -6.34 -0.18 2.06
N GLU A 9 -6.43 -1.27 2.81
CA GLU A 9 -5.92 -2.57 2.34
C GLU A 9 -6.51 -2.88 0.98
N GLU A 10 -7.80 -2.68 0.88
CA GLU A 10 -8.54 -2.81 -0.37
C GLU A 10 -7.98 -1.85 -1.43
N LYS A 11 -8.12 -0.56 -1.17
CA LYS A 11 -7.84 0.46 -2.17
C LYS A 11 -6.36 0.54 -2.52
N LEU A 12 -5.49 0.14 -1.60
CA LEU A 12 -4.06 0.11 -1.86
C LEU A 12 -3.78 -0.84 -3.01
N LYS A 13 -4.33 -2.04 -2.92
CA LYS A 13 -4.21 -3.04 -3.98
C LYS A 13 -4.84 -2.51 -5.26
N GLU A 14 -5.98 -1.85 -5.11
CA GLU A 14 -6.71 -1.29 -6.25
C GLU A 14 -5.87 -0.25 -6.99
N PHE A 15 -5.28 0.66 -6.24
CA PHE A 15 -4.58 1.80 -6.83
C PHE A 15 -3.17 1.44 -7.28
N VAL A 16 -2.54 0.49 -6.59
CA VAL A 16 -1.18 0.10 -6.93
C VAL A 16 -1.14 -1.00 -8.00
N LYS A 17 -2.02 -2.00 -7.87
CA LYS A 17 -1.96 -3.15 -8.76
C LYS A 17 -2.98 -3.06 -9.89
N ARG A 18 -4.18 -2.57 -9.59
CA ARG A 18 -5.24 -2.52 -10.60
C ARG A 18 -5.21 -1.25 -11.42
N HIS A 19 -4.54 -0.22 -10.92
CA HIS A 19 -4.37 1.01 -11.69
C HIS A 19 -3.10 0.95 -12.52
N GLN A 20 -2.60 2.11 -12.94
CA GLN A 20 -1.42 2.18 -13.80
C GLN A 20 -0.14 2.09 -12.98
N ARG A 21 -0.22 1.38 -11.85
CA ARG A 21 0.88 1.28 -10.90
C ARG A 21 1.18 2.67 -10.31
N ILE A 22 2.26 2.79 -9.56
CA ILE A 22 2.62 4.06 -8.95
C ILE A 22 4.03 4.01 -8.36
N THR A 23 4.71 5.15 -8.36
CA THR A 23 6.02 5.28 -7.76
C THR A 23 5.89 5.33 -6.24
N GLN A 24 6.94 4.92 -5.53
CA GLN A 24 6.90 4.84 -4.08
C GLN A 24 6.89 6.23 -3.46
N GLU A 25 7.45 7.20 -4.16
CA GLU A 25 7.46 8.59 -3.71
C GLU A 25 6.03 9.07 -3.47
N GLU A 26 5.21 9.02 -4.51
CA GLU A 26 3.82 9.44 -4.43
C GLU A 26 3.05 8.52 -3.50
N LEU A 27 3.41 7.24 -3.53
CA LEU A 27 2.76 6.22 -2.71
C LEU A 27 2.93 6.55 -1.23
N HIS A 28 4.11 7.07 -0.86
CA HIS A 28 4.37 7.44 0.53
C HIS A 28 3.40 8.52 0.99
N GLN A 29 3.23 9.54 0.15
CA GLN A 29 2.32 10.63 0.48
C GLN A 29 0.88 10.12 0.53
N TYR A 30 0.60 9.12 -0.30
CA TYR A 30 -0.72 8.53 -0.35
C TYR A 30 -0.99 7.71 0.91
N ALA A 31 0.07 7.14 1.49
CA ALA A 31 -0.08 6.33 2.70
C ALA A 31 -0.49 7.19 3.88
N GLN A 32 0.19 8.31 4.04
CA GLN A 32 -0.06 9.21 5.17
C GLN A 32 -1.48 9.77 5.09
N ARG A 33 -1.94 10.02 3.88
CA ARG A 33 -3.31 10.44 3.65
C ARG A 33 -4.29 9.38 4.14
N LEU A 34 -4.03 8.13 3.78
CA LEU A 34 -4.94 7.03 4.10
C LEU A 34 -4.80 6.57 5.55
N GLY A 35 -3.63 6.79 6.13
CA GLY A 35 -3.44 6.46 7.54
C GLY A 35 -2.34 5.44 7.78
N LEU A 36 -1.48 5.23 6.81
CA LEU A 36 -0.45 4.23 6.88
C LEU A 36 0.91 4.84 6.62
N ASN A 37 1.94 4.05 6.84
CA ASN A 37 3.28 4.44 6.46
C ASN A 37 4.06 3.19 6.10
N GLU A 38 5.24 3.03 6.66
CA GLU A 38 6.12 1.92 6.35
C GLU A 38 5.44 0.58 6.60
N GLU A 39 4.43 0.57 7.48
CA GLU A 39 3.63 -0.62 7.73
C GLU A 39 3.20 -1.22 6.40
N ALA A 40 2.65 -0.38 5.54
CA ALA A 40 2.17 -0.82 4.26
C ALA A 40 3.21 -0.61 3.18
N ILE A 41 3.84 0.56 3.17
CA ILE A 41 4.81 0.91 2.14
C ILE A 41 5.92 -0.12 2.04
N ARG A 42 6.29 -0.68 3.18
CA ARG A 42 7.32 -1.69 3.21
C ARG A 42 6.71 -3.10 3.10
N GLN A 43 5.75 -3.40 3.96
CA GLN A 43 5.22 -4.76 4.05
C GLN A 43 4.45 -5.17 2.79
N PHE A 44 3.59 -4.29 2.30
CA PHE A 44 2.71 -4.62 1.16
C PHE A 44 3.56 -4.87 -0.09
N PHE A 45 4.73 -4.26 -0.14
CA PHE A 45 5.62 -4.44 -1.27
C PHE A 45 6.52 -5.65 -1.05
N GLU A 46 7.26 -5.66 0.05
CA GLU A 46 8.22 -6.72 0.33
C GLU A 46 7.54 -8.09 0.40
N GLU A 47 6.41 -8.13 1.07
CA GLU A 47 5.66 -9.37 1.24
C GLU A 47 4.41 -9.35 0.37
N PHE A 48 4.57 -8.88 -0.87
CA PHE A 48 3.45 -8.78 -1.79
C PHE A 48 3.01 -10.15 -2.27
N GLU A 49 3.76 -10.73 -3.19
CA GLU A 49 3.37 -11.96 -3.81
C GLU A 49 4.55 -12.91 -3.95
N GLN A 50 5.51 -12.54 -4.78
CA GLN A 50 6.61 -13.45 -5.14
C GLN A 50 7.97 -12.84 -4.84
N ARG A 51 7.98 -11.72 -4.14
CA ARG A 51 9.21 -10.99 -3.90
C ARG A 51 10.06 -11.68 -2.84
N LYS A 52 11.36 -11.72 -3.08
CA LYS A 52 12.32 -12.29 -2.12
C LYS A 52 13.60 -11.48 -2.15
N MET A 1 -1.85 -7.66 14.52
CA MET A 1 -2.90 -7.86 13.50
C MET A 1 -3.44 -6.52 12.98
N LYS A 2 -3.02 -5.41 13.59
CA LYS A 2 -3.40 -4.10 13.07
C LYS A 2 -2.23 -3.53 12.28
N GLN A 3 -2.49 -3.10 11.06
CA GLN A 3 -1.42 -2.66 10.17
C GLN A 3 -1.88 -1.46 9.36
N TRP A 4 -2.72 -1.71 8.40
CA TRP A 4 -3.29 -0.66 7.57
C TRP A 4 -4.67 -0.29 8.06
N SER A 5 -5.29 0.62 7.36
CA SER A 5 -6.70 0.83 7.52
C SER A 5 -7.41 -0.14 6.59
N GLU A 6 -8.29 -0.95 7.14
CA GLU A 6 -9.01 -2.00 6.40
C GLU A 6 -9.52 -1.51 5.03
N ASN A 7 -10.19 -0.36 5.02
CA ASN A 7 -10.72 0.21 3.78
C ASN A 7 -9.61 0.54 2.79
N VAL A 8 -8.46 0.92 3.32
CA VAL A 8 -7.33 1.29 2.49
C VAL A 8 -6.72 0.06 1.84
N GLU A 9 -6.72 -1.06 2.56
CA GLU A 9 -6.15 -2.31 2.06
C GLU A 9 -6.78 -2.66 0.70
N GLU A 10 -8.10 -2.59 0.67
CA GLU A 10 -8.84 -2.82 -0.57
C GLU A 10 -8.37 -1.91 -1.69
N LYS A 11 -8.40 -0.61 -1.42
CA LYS A 11 -8.20 0.38 -2.46
C LYS A 11 -6.73 0.56 -2.81
N LEU A 12 -5.84 0.13 -1.92
CA LEU A 12 -4.41 0.17 -2.19
C LEU A 12 -4.08 -0.82 -3.29
N LYS A 13 -4.67 -2.01 -3.21
CA LYS A 13 -4.54 -3.02 -4.26
C LYS A 13 -4.95 -2.43 -5.60
N GLU A 14 -6.06 -1.71 -5.59
CA GLU A 14 -6.57 -1.08 -6.79
C GLU A 14 -5.62 0.00 -7.28
N PHE A 15 -5.14 0.83 -6.36
CA PHE A 15 -4.32 1.97 -6.69
C PHE A 15 -2.91 1.55 -7.13
N VAL A 16 -2.41 0.45 -6.58
CA VAL A 16 -1.08 -0.03 -6.91
C VAL A 16 -1.06 -0.79 -8.23
N LYS A 17 -1.96 -1.76 -8.39
CA LYS A 17 -1.92 -2.61 -9.58
C LYS A 17 -2.85 -2.12 -10.68
N ARG A 18 -4.11 -1.83 -10.33
CA ARG A 18 -5.12 -1.46 -11.32
C ARG A 18 -4.81 -0.10 -11.94
N HIS A 19 -4.25 0.79 -11.14
CA HIS A 19 -3.89 2.13 -11.62
C HIS A 19 -2.54 2.13 -12.32
N GLN A 20 -2.33 1.13 -13.18
CA GLN A 20 -1.12 0.99 -14.03
C GLN A 20 0.18 1.18 -13.25
N ARG A 21 0.15 0.92 -11.94
CA ARG A 21 1.30 1.11 -11.05
C ARG A 21 1.65 2.58 -10.88
N ILE A 22 2.24 2.87 -9.74
CA ILE A 22 2.67 4.22 -9.41
C ILE A 22 3.95 4.14 -8.58
N THR A 23 4.81 5.13 -8.71
CA THR A 23 6.08 5.14 -8.01
C THR A 23 5.89 5.25 -6.50
N GLN A 24 6.81 4.65 -5.75
CA GLN A 24 6.75 4.64 -4.29
C GLN A 24 6.75 6.06 -3.74
N GLU A 25 7.32 6.98 -4.52
CA GLU A 25 7.32 8.40 -4.18
C GLU A 25 5.90 8.90 -3.89
N GLU A 26 5.06 8.87 -4.92
CA GLU A 26 3.70 9.36 -4.79
C GLU A 26 2.85 8.39 -3.98
N LEU A 27 3.20 7.11 -4.07
CA LEU A 27 2.50 6.06 -3.33
C LEU A 27 2.61 6.32 -1.83
N HIS A 28 3.81 6.69 -1.38
CA HIS A 28 4.02 6.91 0.04
C HIS A 28 3.18 8.08 0.55
N GLN A 29 3.12 9.16 -0.24
CA GLN A 29 2.30 10.29 0.14
C GLN A 29 0.84 9.89 0.25
N TYR A 30 0.43 9.01 -0.66
CA TYR A 30 -0.93 8.50 -0.67
C TYR A 30 -1.17 7.58 0.53
N ALA A 31 -0.08 7.02 1.06
CA ALA A 31 -0.17 6.12 2.20
C ALA A 31 -0.40 6.90 3.47
N GLN A 32 0.37 7.97 3.64
CA GLN A 32 0.25 8.82 4.82
C GLN A 32 -1.11 9.52 4.83
N ARG A 33 -1.65 9.77 3.64
CA ARG A 33 -2.96 10.42 3.53
C ARG A 33 -4.05 9.51 4.09
N LEU A 34 -4.12 8.27 3.60
CA LEU A 34 -5.19 7.35 3.98
C LEU A 34 -4.97 6.77 5.37
N GLY A 35 -3.72 6.67 5.80
CA GLY A 35 -3.45 6.18 7.14
C GLY A 35 -2.62 4.91 7.16
N LEU A 36 -1.63 4.83 6.30
CA LEU A 36 -0.77 3.66 6.25
C LEU A 36 0.56 3.94 6.94
N ASN A 37 0.97 3.00 7.76
CA ASN A 37 2.30 3.02 8.33
C ASN A 37 3.21 2.10 7.54
N GLU A 38 4.52 2.28 7.66
CA GLU A 38 5.49 1.56 6.83
C GLU A 38 5.34 0.05 6.95
N GLU A 39 4.81 -0.43 8.08
CA GLU A 39 4.54 -1.86 8.27
C GLU A 39 3.68 -2.39 7.13
N ALA A 40 2.58 -1.71 6.86
CA ALA A 40 1.66 -2.13 5.82
C ALA A 40 2.22 -1.81 4.45
N ILE A 41 2.97 -0.71 4.36
CA ILE A 41 3.56 -0.27 3.10
C ILE A 41 4.57 -1.30 2.61
N ARG A 42 5.50 -1.68 3.48
CA ARG A 42 6.52 -2.66 3.13
C ARG A 42 5.93 -4.05 2.99
N GLN A 43 4.85 -4.30 3.70
CA GLN A 43 4.15 -5.58 3.59
C GLN A 43 3.50 -5.71 2.21
N PHE A 44 3.34 -4.59 1.52
CA PHE A 44 2.73 -4.62 0.20
C PHE A 44 3.80 -4.79 -0.89
N PHE A 45 4.97 -4.18 -0.68
CA PHE A 45 6.05 -4.30 -1.64
C PHE A 45 7.00 -5.45 -1.28
N GLU A 46 7.68 -5.31 -0.15
CA GLU A 46 8.67 -6.29 0.28
C GLU A 46 8.02 -7.59 0.74
N GLU A 47 7.16 -7.50 1.74
CA GLU A 47 6.56 -8.67 2.34
C GLU A 47 5.22 -9.00 1.69
N PHE A 48 5.16 -8.79 0.37
CA PHE A 48 3.93 -9.00 -0.40
C PHE A 48 3.34 -10.39 -0.16
N GLU A 49 4.04 -11.43 -0.61
CA GLU A 49 3.62 -12.82 -0.41
C GLU A 49 4.59 -13.78 -1.10
N GLN A 50 5.13 -13.34 -2.22
CA GLN A 50 5.97 -14.19 -3.06
C GLN A 50 7.40 -13.68 -3.08
N ARG A 51 7.71 -12.80 -2.16
CA ARG A 51 8.99 -12.14 -2.14
C ARG A 51 9.62 -12.18 -0.75
N LYS A 52 10.61 -13.05 -0.59
CA LYS A 52 11.41 -13.15 0.63
C LYS A 52 10.53 -13.33 1.86
N MET A 1 -6.81 -4.95 16.03
CA MET A 1 -5.37 -4.74 16.33
C MET A 1 -4.68 -4.00 15.20
N LYS A 2 -4.47 -4.69 14.09
CA LYS A 2 -3.74 -4.10 12.97
C LYS A 2 -4.23 -4.63 11.63
N GLN A 3 -4.82 -3.75 10.86
CA GLN A 3 -5.14 -3.98 9.47
C GLN A 3 -5.13 -2.61 8.84
N TRP A 4 -4.86 -2.54 7.56
CA TRP A 4 -4.71 -1.25 6.95
C TRP A 4 -6.08 -0.71 6.78
N SER A 5 -6.27 0.56 7.11
CA SER A 5 -7.62 1.14 7.24
C SER A 5 -8.55 0.47 6.24
N GLU A 6 -9.58 -0.19 6.75
CA GLU A 6 -10.52 -0.99 5.93
C GLU A 6 -10.73 -0.45 4.50
N ASN A 7 -10.89 0.85 4.34
CA ASN A 7 -11.12 1.43 3.01
C ASN A 7 -9.82 1.55 2.21
N VAL A 8 -8.70 1.49 2.91
CA VAL A 8 -7.41 1.71 2.31
C VAL A 8 -6.80 0.39 1.88
N GLU A 9 -6.89 -0.60 2.76
CA GLU A 9 -6.40 -1.94 2.49
C GLU A 9 -6.98 -2.44 1.17
N GLU A 10 -8.26 -2.14 0.97
CA GLU A 10 -8.97 -2.49 -0.24
C GLU A 10 -8.40 -1.75 -1.46
N LYS A 11 -8.45 -0.42 -1.42
CA LYS A 11 -8.08 0.37 -2.58
C LYS A 11 -6.58 0.33 -2.84
N LEU A 12 -5.78 0.12 -1.80
CA LEU A 12 -4.34 0.08 -1.95
C LEU A 12 -3.94 -1.11 -2.81
N LYS A 13 -4.56 -2.25 -2.56
CA LYS A 13 -4.43 -3.43 -3.42
C LYS A 13 -4.67 -3.03 -4.87
N GLU A 14 -5.72 -2.26 -5.08
CA GLU A 14 -6.14 -1.87 -6.40
C GLU A 14 -5.22 -0.80 -6.99
N PHE A 15 -4.66 0.05 -6.15
CA PHE A 15 -3.85 1.15 -6.61
C PHE A 15 -2.42 0.70 -6.88
N VAL A 16 -2.02 -0.41 -6.29
CA VAL A 16 -0.69 -0.95 -6.52
C VAL A 16 -0.67 -1.92 -7.71
N LYS A 17 -1.45 -3.00 -7.64
CA LYS A 17 -1.39 -4.03 -8.66
C LYS A 17 -2.50 -3.90 -9.70
N ARG A 18 -3.69 -3.51 -9.26
CA ARG A 18 -4.82 -3.37 -10.20
C ARG A 18 -4.60 -2.15 -11.11
N HIS A 19 -3.80 -1.20 -10.66
CA HIS A 19 -3.37 -0.08 -11.50
C HIS A 19 -2.06 -0.43 -12.19
N GLN A 20 -1.38 0.58 -12.73
CA GLN A 20 -0.10 0.35 -13.40
C GLN A 20 1.07 0.66 -12.47
N ARG A 21 0.91 0.27 -11.21
CA ARG A 21 1.95 0.44 -10.18
C ARG A 21 2.19 1.91 -9.84
N ILE A 22 3.06 2.18 -8.89
CA ILE A 22 3.30 3.53 -8.42
C ILE A 22 4.63 3.63 -7.68
N THR A 23 5.25 4.80 -7.76
CA THR A 23 6.48 5.07 -7.03
C THR A 23 6.19 5.36 -5.56
N GLN A 24 7.18 5.12 -4.70
CA GLN A 24 7.01 5.27 -3.26
C GLN A 24 6.80 6.73 -2.86
N GLU A 25 7.25 7.64 -3.72
CA GLU A 25 7.06 9.07 -3.49
C GLU A 25 5.58 9.41 -3.33
N GLU A 26 4.80 9.09 -4.36
CA GLU A 26 3.37 9.36 -4.32
C GLU A 26 2.69 8.39 -3.38
N LEU A 27 3.23 7.19 -3.28
CA LEU A 27 2.69 6.15 -2.40
C LEU A 27 2.72 6.64 -0.96
N HIS A 28 3.82 7.28 -0.57
CA HIS A 28 3.97 7.74 0.80
C HIS A 28 2.97 8.83 1.15
N GLN A 29 2.85 9.86 0.31
CA GLN A 29 1.93 10.95 0.61
C GLN A 29 0.50 10.43 0.64
N TYR A 30 0.24 9.40 -0.16
CA TYR A 30 -1.04 8.74 -0.21
C TYR A 30 -1.26 7.93 1.07
N ALA A 31 -0.16 7.59 1.73
CA ALA A 31 -0.22 6.73 2.91
C ALA A 31 -0.64 7.52 4.13
N GLN A 32 -0.06 8.70 4.29
CA GLN A 32 -0.28 9.50 5.48
C GLN A 32 -1.61 10.23 5.38
N ARG A 33 -2.14 10.31 4.17
CA ARG A 33 -3.44 10.93 3.95
C ARG A 33 -4.57 9.94 4.27
N LEU A 34 -4.38 8.68 3.90
CA LEU A 34 -5.40 7.68 4.12
C LEU A 34 -5.30 7.05 5.51
N GLY A 35 -4.08 6.88 5.99
CA GLY A 35 -3.90 6.29 7.30
C GLY A 35 -3.12 5.00 7.27
N LEU A 36 -2.07 4.96 6.46
CA LEU A 36 -1.23 3.77 6.40
C LEU A 36 -0.12 3.84 7.42
N ASN A 37 0.07 2.75 8.12
CA ASN A 37 1.27 2.57 8.93
C ASN A 37 2.44 2.20 8.03
N GLU A 38 3.64 2.41 8.52
CA GLU A 38 4.83 2.24 7.70
C GLU A 38 5.01 0.79 7.26
N GLU A 39 4.40 -0.13 8.00
CA GLU A 39 4.39 -1.53 7.63
C GLU A 39 3.75 -1.71 6.26
N ALA A 40 2.50 -1.27 6.15
CA ALA A 40 1.73 -1.41 4.92
C ALA A 40 2.44 -0.77 3.74
N ILE A 41 3.01 0.40 4.00
CA ILE A 41 3.62 1.21 2.95
C ILE A 41 4.69 0.42 2.20
N ARG A 42 5.52 -0.29 2.95
CA ARG A 42 6.60 -1.06 2.35
C ARG A 42 6.14 -2.49 2.03
N GLN A 43 5.29 -3.04 2.89
CA GLN A 43 4.89 -4.45 2.80
C GLN A 43 4.28 -4.79 1.45
N PHE A 44 3.55 -3.85 0.86
CA PHE A 44 2.90 -4.07 -0.42
C PHE A 44 3.92 -4.29 -1.53
N PHE A 45 5.06 -3.62 -1.43
CA PHE A 45 6.11 -3.77 -2.43
C PHE A 45 7.10 -4.85 -2.03
N GLU A 46 7.32 -4.97 -0.72
CA GLU A 46 8.26 -5.94 -0.19
C GLU A 46 7.74 -7.36 -0.37
N GLU A 47 6.58 -7.63 0.22
CA GLU A 47 6.01 -8.96 0.22
C GLU A 47 4.98 -9.10 -0.90
N PHE A 48 5.30 -8.51 -2.05
CA PHE A 48 4.43 -8.57 -3.20
C PHE A 48 4.41 -9.98 -3.76
N GLU A 49 3.46 -10.25 -4.65
CA GLU A 49 3.27 -11.59 -5.20
C GLU A 49 4.40 -11.99 -6.13
N GLN A 50 5.32 -11.07 -6.37
CA GLN A 50 6.49 -11.34 -7.17
C GLN A 50 7.56 -12.01 -6.31
N ARG A 51 7.31 -12.05 -5.01
CA ARG A 51 8.23 -12.68 -4.06
C ARG A 51 7.51 -13.72 -3.22
N LYS A 52 8.23 -14.77 -2.87
CA LYS A 52 7.68 -15.85 -2.05
C LYS A 52 8.79 -16.51 -1.25
N MET A 1 -2.30 -8.07 13.00
CA MET A 1 -3.74 -8.11 12.63
C MET A 1 -4.12 -6.85 11.85
N LYS A 2 -4.26 -5.72 12.55
CA LYS A 2 -4.52 -4.46 11.87
C LYS A 2 -3.22 -3.89 11.34
N GLN A 3 -3.08 -3.84 10.04
CA GLN A 3 -1.84 -3.38 9.43
C GLN A 3 -2.01 -2.04 8.73
N TRP A 4 -3.26 -1.61 8.58
CA TRP A 4 -3.61 -0.39 7.88
C TRP A 4 -5.11 -0.23 7.91
N SER A 5 -5.59 0.94 7.52
CA SER A 5 -7.01 1.17 7.43
C SER A 5 -7.61 0.17 6.43
N GLU A 6 -8.51 -0.68 6.93
CA GLU A 6 -9.17 -1.69 6.09
C GLU A 6 -9.69 -1.13 4.76
N ASN A 7 -10.28 0.06 4.79
CA ASN A 7 -10.74 0.72 3.56
C ASN A 7 -9.60 0.93 2.58
N VAL A 8 -8.42 1.14 3.13
CA VAL A 8 -7.24 1.41 2.34
C VAL A 8 -6.62 0.12 1.83
N GLU A 9 -6.76 -0.96 2.59
CA GLU A 9 -6.32 -2.28 2.15
C GLU A 9 -6.96 -2.58 0.81
N GLU A 10 -8.26 -2.34 0.74
CA GLU A 10 -9.00 -2.48 -0.49
C GLU A 10 -8.49 -1.49 -1.53
N LYS A 11 -8.55 -0.20 -1.19
CA LYS A 11 -8.31 0.87 -2.15
C LYS A 11 -6.89 0.86 -2.71
N LEU A 12 -5.90 0.69 -1.85
CA LEU A 12 -4.51 0.74 -2.30
C LEU A 12 -4.20 -0.45 -3.19
N LYS A 13 -4.78 -1.60 -2.84
CA LYS A 13 -4.68 -2.79 -3.65
C LYS A 13 -5.19 -2.51 -5.06
N GLU A 14 -6.28 -1.77 -5.14
CA GLU A 14 -6.86 -1.39 -6.41
C GLU A 14 -5.97 -0.41 -7.14
N PHE A 15 -5.45 0.55 -6.42
CA PHE A 15 -4.68 1.63 -7.01
C PHE A 15 -3.29 1.16 -7.45
N VAL A 16 -2.70 0.24 -6.72
CA VAL A 16 -1.38 -0.27 -7.06
C VAL A 16 -1.48 -1.40 -8.09
N LYS A 17 -2.28 -2.41 -7.79
CA LYS A 17 -2.34 -3.61 -8.63
C LYS A 17 -3.23 -3.39 -9.84
N ARG A 18 -4.42 -2.86 -9.61
CA ARG A 18 -5.46 -2.84 -10.63
C ARG A 18 -5.39 -1.56 -11.48
N HIS A 19 -4.50 -0.66 -11.13
CA HIS A 19 -4.34 0.59 -11.87
C HIS A 19 -3.02 0.62 -12.63
N GLN A 20 -2.61 1.82 -13.01
CA GLN A 20 -1.39 2.05 -13.77
C GLN A 20 -0.14 1.84 -12.90
N ARG A 21 -0.34 1.33 -11.68
CA ARG A 21 0.74 1.18 -10.70
C ARG A 21 1.21 2.54 -10.20
N ILE A 22 2.10 2.55 -9.23
CA ILE A 22 2.53 3.79 -8.61
C ILE A 22 3.99 3.73 -8.15
N THR A 23 4.70 4.84 -8.32
CA THR A 23 6.07 4.96 -7.84
C THR A 23 6.11 5.14 -6.31
N GLN A 24 7.30 5.09 -5.74
CA GLN A 24 7.47 4.99 -4.28
C GLN A 24 7.08 6.27 -3.56
N GLU A 25 7.45 7.43 -4.12
CA GLU A 25 7.14 8.71 -3.46
C GLU A 25 5.64 8.91 -3.33
N GLU A 26 4.94 8.86 -4.44
CA GLU A 26 3.50 9.02 -4.45
C GLU A 26 2.81 7.89 -3.69
N LEU A 27 3.45 6.73 -3.64
CA LEU A 27 2.97 5.61 -2.84
C LEU A 27 2.85 6.04 -1.38
N HIS A 28 3.94 6.56 -0.83
CA HIS A 28 3.97 6.94 0.57
C HIS A 28 3.09 8.17 0.81
N GLN A 29 3.07 9.09 -0.15
CA GLN A 29 2.24 10.27 -0.06
C GLN A 29 0.76 9.87 0.01
N TYR A 30 0.39 8.87 -0.78
CA TYR A 30 -0.98 8.38 -0.81
C TYR A 30 -1.29 7.62 0.48
N ALA A 31 -0.25 7.09 1.10
CA ALA A 31 -0.39 6.33 2.34
C ALA A 31 -0.76 7.24 3.50
N GLN A 32 -0.10 8.39 3.57
CA GLN A 32 -0.31 9.33 4.65
C GLN A 32 -1.67 10.01 4.53
N ARG A 33 -2.19 10.08 3.32
CA ARG A 33 -3.50 10.68 3.09
C ARG A 33 -4.61 9.74 3.58
N LEU A 34 -4.37 8.44 3.45
CA LEU A 34 -5.39 7.46 3.77
C LEU A 34 -5.26 6.94 5.20
N GLY A 35 -4.09 7.10 5.81
CA GLY A 35 -3.93 6.71 7.19
C GLY A 35 -3.08 5.46 7.35
N LEU A 36 -2.01 5.36 6.60
CA LEU A 36 -1.20 4.14 6.62
C LEU A 36 0.05 4.31 7.46
N ASN A 37 0.35 3.27 8.21
CA ASN A 37 1.61 3.16 8.93
C ASN A 37 2.61 2.42 8.06
N GLU A 38 3.88 2.49 8.43
CA GLU A 38 4.95 1.94 7.62
C GLU A 38 4.90 0.41 7.54
N GLU A 39 4.17 -0.20 8.48
CA GLU A 39 3.96 -1.64 8.48
C GLU A 39 3.48 -2.11 7.11
N ALA A 40 2.37 -1.54 6.69
CA ALA A 40 1.75 -1.91 5.44
C ALA A 40 2.55 -1.39 4.26
N ILE A 41 3.11 -0.20 4.43
CA ILE A 41 3.85 0.47 3.36
C ILE A 41 5.04 -0.38 2.92
N ARG A 42 5.81 -0.88 3.88
CA ARG A 42 6.97 -1.69 3.55
C ARG A 42 6.57 -3.12 3.21
N GLN A 43 5.58 -3.64 3.94
CA GLN A 43 5.20 -5.04 3.81
C GLN A 43 4.62 -5.31 2.43
N PHE A 44 3.96 -4.33 1.85
CA PHE A 44 3.40 -4.45 0.51
C PHE A 44 4.50 -4.79 -0.49
N PHE A 45 5.70 -4.26 -0.28
CA PHE A 45 6.83 -4.54 -1.14
C PHE A 45 7.66 -5.72 -0.64
N GLU A 46 7.86 -5.79 0.67
CA GLU A 46 8.73 -6.80 1.27
C GLU A 46 8.12 -8.19 1.10
N GLU A 47 6.81 -8.25 1.15
CA GLU A 47 6.07 -9.48 0.94
C GLU A 47 5.17 -9.35 -0.28
N PHE A 48 5.76 -8.82 -1.34
CA PHE A 48 5.05 -8.58 -2.60
C PHE A 48 4.83 -9.91 -3.34
N GLU A 49 4.01 -9.87 -4.37
CA GLU A 49 3.64 -11.05 -5.13
C GLU A 49 4.82 -11.57 -5.96
N GLN A 50 5.87 -10.76 -6.05
CA GLN A 50 7.04 -11.12 -6.83
C GLN A 50 8.09 -11.78 -5.95
N ARG A 51 7.74 -12.06 -4.70
CA ARG A 51 8.67 -12.70 -3.78
C ARG A 51 8.15 -14.07 -3.36
N LYS A 52 9.01 -14.83 -2.68
CA LYS A 52 8.79 -16.24 -2.39
C LYS A 52 8.74 -17.04 -3.69
N MET A 1 -7.44 -3.36 8.68
CA MET A 1 -7.85 -3.63 10.08
C MET A 1 -6.68 -3.39 11.04
N LYS A 2 -5.74 -4.33 11.08
CA LYS A 2 -4.71 -4.33 12.12
C LYS A 2 -3.39 -3.75 11.65
N GLN A 3 -3.40 -3.12 10.49
CA GLN A 3 -2.16 -2.59 9.90
C GLN A 3 -2.48 -1.36 9.07
N TRP A 4 -3.36 -1.55 8.12
CA TRP A 4 -3.84 -0.48 7.28
C TRP A 4 -5.35 -0.35 7.40
N SER A 5 -5.85 0.87 7.23
CA SER A 5 -7.28 1.14 7.31
C SER A 5 -8.06 0.24 6.36
N GLU A 6 -9.10 -0.41 6.89
CA GLU A 6 -9.93 -1.35 6.13
C GLU A 6 -10.30 -0.84 4.73
N ASN A 7 -10.77 0.39 4.64
CA ASN A 7 -11.16 0.95 3.34
C ASN A 7 -9.95 1.21 2.45
N VAL A 8 -8.79 1.33 3.08
CA VAL A 8 -7.55 1.51 2.37
C VAL A 8 -7.02 0.17 1.88
N GLU A 9 -7.30 -0.89 2.65
CA GLU A 9 -6.91 -2.25 2.28
C GLU A 9 -7.37 -2.57 0.87
N GLU A 10 -8.65 -2.33 0.63
CA GLU A 10 -9.24 -2.50 -0.69
C GLU A 10 -8.56 -1.61 -1.72
N LYS A 11 -8.57 -0.32 -1.46
CA LYS A 11 -8.22 0.67 -2.46
C LYS A 11 -6.73 0.64 -2.82
N LEU A 12 -5.87 0.50 -1.82
CA LEU A 12 -4.43 0.48 -2.07
C LEU A 12 -4.05 -0.71 -2.93
N LYS A 13 -4.63 -1.87 -2.60
CA LYS A 13 -4.38 -3.09 -3.36
C LYS A 13 -4.64 -2.85 -4.84
N GLU A 14 -5.82 -2.33 -5.14
CA GLU A 14 -6.24 -2.13 -6.50
C GLU A 14 -5.58 -0.90 -7.12
N PHE A 15 -5.13 0.02 -6.28
CA PHE A 15 -4.47 1.22 -6.76
C PHE A 15 -3.05 0.90 -7.24
N VAL A 16 -2.46 -0.14 -6.66
CA VAL A 16 -1.13 -0.57 -7.07
C VAL A 16 -1.23 -1.60 -8.19
N LYS A 17 -2.13 -2.57 -8.03
CA LYS A 17 -2.28 -3.66 -9.00
C LYS A 17 -3.13 -3.25 -10.20
N ARG A 18 -4.34 -2.79 -9.92
CA ARG A 18 -5.36 -2.64 -10.95
C ARG A 18 -5.41 -1.22 -11.50
N HIS A 19 -4.48 -0.38 -11.07
CA HIS A 19 -4.42 0.99 -11.56
C HIS A 19 -3.20 1.17 -12.47
N GLN A 20 -2.74 2.41 -12.60
CA GLN A 20 -1.66 2.75 -13.51
C GLN A 20 -0.30 2.53 -12.85
N ARG A 21 -0.32 1.90 -11.67
CA ARG A 21 0.87 1.76 -10.83
C ARG A 21 1.37 3.14 -10.41
N ILE A 22 2.44 3.20 -9.62
CA ILE A 22 2.86 4.46 -9.04
C ILE A 22 4.22 4.33 -8.36
N THR A 23 4.97 5.44 -8.31
CA THR A 23 6.26 5.47 -7.64
C THR A 23 6.10 5.48 -6.13
N GLN A 24 7.18 5.16 -5.42
CA GLN A 24 7.16 5.03 -3.97
C GLN A 24 6.92 6.36 -3.28
N GLU A 25 7.57 7.41 -3.76
CA GLU A 25 7.44 8.74 -3.17
C GLU A 25 5.98 9.21 -3.21
N GLU A 26 5.35 9.06 -4.36
CA GLU A 26 3.95 9.42 -4.50
C GLU A 26 3.07 8.47 -3.69
N LEU A 27 3.49 7.22 -3.62
CA LEU A 27 2.75 6.19 -2.89
C LEU A 27 2.74 6.51 -1.40
N HIS A 28 3.91 6.82 -0.83
CA HIS A 28 4.02 7.05 0.60
C HIS A 28 3.23 8.29 1.00
N GLN A 29 3.22 9.30 0.13
CA GLN A 29 2.43 10.48 0.36
C GLN A 29 0.96 10.10 0.39
N TYR A 30 0.57 9.27 -0.58
CA TYR A 30 -0.79 8.78 -0.69
C TYR A 30 -1.16 7.91 0.50
N ALA A 31 -0.15 7.25 1.08
CA ALA A 31 -0.36 6.38 2.23
C ALA A 31 -0.83 7.19 3.43
N GLN A 32 -0.15 8.29 3.69
CA GLN A 32 -0.47 9.12 4.85
C GLN A 32 -1.78 9.87 4.63
N ARG A 33 -2.18 9.98 3.37
CA ARG A 33 -3.42 10.65 3.00
C ARG A 33 -4.62 9.77 3.36
N LEU A 34 -4.40 8.46 3.39
CA LEU A 34 -5.48 7.51 3.66
C LEU A 34 -5.45 7.00 5.10
N GLY A 35 -4.31 7.15 5.76
CA GLY A 35 -4.20 6.72 7.14
C GLY A 35 -3.27 5.53 7.30
N LEU A 36 -2.17 5.53 6.56
CA LEU A 36 -1.26 4.40 6.59
C LEU A 36 0.03 4.71 7.31
N ASN A 37 0.82 3.67 7.46
CA ASN A 37 2.11 3.74 8.11
C ASN A 37 3.05 2.72 7.46
N GLU A 38 4.35 2.87 7.66
CA GLU A 38 5.36 2.00 7.04
C GLU A 38 5.08 0.52 7.32
N GLU A 39 4.46 0.27 8.47
CA GLU A 39 4.07 -1.08 8.88
C GLU A 39 3.36 -1.81 7.75
N ALA A 40 2.34 -1.18 7.21
CA ALA A 40 1.55 -1.77 6.15
C ALA A 40 2.24 -1.63 4.81
N ILE A 41 2.96 -0.52 4.64
CA ILE A 41 3.62 -0.20 3.38
C ILE A 41 4.74 -1.19 3.08
N ARG A 42 5.67 -1.33 4.02
CA ARG A 42 6.83 -2.18 3.83
C ARG A 42 6.42 -3.64 3.75
N GLN A 43 5.43 -4.02 4.55
CA GLN A 43 4.90 -5.38 4.54
C GLN A 43 4.33 -5.73 3.17
N PHE A 44 3.66 -4.75 2.57
CA PHE A 44 3.02 -4.96 1.26
C PHE A 44 4.07 -5.09 0.16
N PHE A 45 5.11 -4.26 0.22
CA PHE A 45 6.11 -4.24 -0.85
C PHE A 45 7.13 -5.37 -0.72
N GLU A 46 7.78 -5.50 0.43
CA GLU A 46 8.88 -6.46 0.56
C GLU A 46 8.38 -7.90 0.61
N GLU A 47 7.20 -8.11 1.17
CA GLU A 47 6.62 -9.44 1.22
C GLU A 47 5.43 -9.48 0.27
N PHE A 48 5.60 -8.77 -0.84
CA PHE A 48 4.57 -8.56 -1.86
C PHE A 48 3.83 -9.85 -2.21
N GLU A 49 4.52 -10.74 -2.93
CA GLU A 49 3.96 -12.01 -3.41
C GLU A 49 4.86 -12.56 -4.50
N GLN A 50 5.45 -11.65 -5.26
CA GLN A 50 6.33 -12.00 -6.36
C GLN A 50 7.77 -11.98 -5.90
N ARG A 51 7.96 -11.85 -4.60
CA ARG A 51 9.27 -11.77 -4.01
C ARG A 51 9.35 -12.73 -2.83
N LYS A 52 10.39 -13.54 -2.79
CA LYS A 52 10.54 -14.53 -1.74
C LYS A 52 11.95 -15.12 -1.77
N MET A 1 -1.80 -7.43 13.52
CA MET A 1 -3.25 -7.20 13.33
C MET A 1 -3.49 -5.88 12.61
N LYS A 2 -3.06 -4.79 13.22
CA LYS A 2 -3.28 -3.47 12.66
C LYS A 2 -2.13 -3.10 11.73
N GLN A 3 -2.41 -2.98 10.45
CA GLN A 3 -1.38 -2.62 9.48
C GLN A 3 -1.87 -1.45 8.64
N TRP A 4 -2.97 -1.67 7.95
CA TRP A 4 -3.60 -0.63 7.15
C TRP A 4 -4.84 -0.15 7.86
N SER A 5 -5.59 0.69 7.19
CA SER A 5 -6.99 0.84 7.49
C SER A 5 -7.71 -0.18 6.62
N GLU A 6 -8.63 -0.92 7.22
CA GLU A 6 -9.40 -1.97 6.50
C GLU A 6 -9.82 -1.53 5.08
N ASN A 7 -10.33 -0.31 4.97
CA ASN A 7 -10.79 0.20 3.66
C ASN A 7 -9.64 0.43 2.71
N VAL A 8 -8.47 0.69 3.28
CA VAL A 8 -7.28 1.00 2.50
C VAL A 8 -6.70 -0.26 1.89
N GLU A 9 -6.80 -1.37 2.62
CA GLU A 9 -6.30 -2.66 2.15
C GLU A 9 -6.83 -2.94 0.75
N GLU A 10 -8.12 -2.70 0.59
CA GLU A 10 -8.80 -2.85 -0.69
C GLU A 10 -8.31 -1.83 -1.71
N LYS A 11 -8.26 -0.57 -1.30
CA LYS A 11 -8.03 0.51 -2.24
C LYS A 11 -6.56 0.58 -2.70
N LEU A 12 -5.62 0.31 -1.81
CA LEU A 12 -4.21 0.36 -2.18
C LEU A 12 -3.86 -0.81 -3.08
N LYS A 13 -4.54 -1.94 -2.86
CA LYS A 13 -4.42 -3.08 -3.76
C LYS A 13 -4.63 -2.63 -5.20
N GLU A 14 -5.68 -1.87 -5.40
CA GLU A 14 -6.07 -1.39 -6.71
C GLU A 14 -5.15 -0.27 -7.19
N PHE A 15 -4.60 0.49 -6.26
CA PHE A 15 -3.71 1.59 -6.59
C PHE A 15 -2.38 1.05 -7.11
N VAL A 16 -2.04 -0.15 -6.68
CA VAL A 16 -0.84 -0.82 -7.16
C VAL A 16 -1.13 -1.66 -8.41
N LYS A 17 -2.16 -2.49 -8.33
CA LYS A 17 -2.45 -3.45 -9.39
C LYS A 17 -3.07 -2.80 -10.62
N ARG A 18 -4.26 -2.23 -10.44
CA ARG A 18 -5.03 -1.73 -11.58
C ARG A 18 -4.75 -0.25 -11.82
N HIS A 19 -3.56 0.19 -11.40
CA HIS A 19 -3.09 1.54 -11.67
C HIS A 19 -1.68 1.49 -12.27
N GLN A 20 -0.99 2.62 -12.26
CA GLN A 20 0.32 2.73 -12.89
C GLN A 20 1.45 2.20 -12.00
N ARG A 21 1.09 1.37 -11.02
CA ARG A 21 2.05 0.78 -10.06
C ARG A 21 2.52 1.83 -9.05
N ILE A 22 2.64 3.08 -9.50
CA ILE A 22 2.98 4.26 -8.68
C ILE A 22 4.39 4.15 -8.07
N THR A 23 4.86 5.25 -7.52
CA THR A 23 6.15 5.29 -6.86
C THR A 23 5.98 5.41 -5.36
N GLN A 24 7.06 5.20 -4.62
CA GLN A 24 7.02 5.33 -3.16
C GLN A 24 6.63 6.75 -2.79
N GLU A 25 7.18 7.70 -3.53
CA GLU A 25 6.85 9.12 -3.38
C GLU A 25 5.34 9.34 -3.39
N GLU A 26 4.71 8.89 -4.48
CA GLU A 26 3.28 9.06 -4.67
C GLU A 26 2.49 8.22 -3.67
N LEU A 27 3.02 7.05 -3.35
CA LEU A 27 2.34 6.12 -2.47
C LEU A 27 2.31 6.65 -1.04
N HIS A 28 3.45 7.15 -0.56
CA HIS A 28 3.54 7.60 0.83
C HIS A 28 2.60 8.76 1.10
N GLN A 29 2.43 9.63 0.10
CA GLN A 29 1.49 10.73 0.22
C GLN A 29 0.06 10.19 0.27
N TYR A 30 -0.21 9.23 -0.60
CA TYR A 30 -1.51 8.59 -0.66
C TYR A 30 -1.79 7.83 0.64
N ALA A 31 -0.72 7.31 1.24
CA ALA A 31 -0.80 6.59 2.49
C ALA A 31 -1.25 7.50 3.63
N GLN A 32 -0.66 8.68 3.69
CA GLN A 32 -0.99 9.63 4.76
C GLN A 32 -2.40 10.16 4.60
N ARG A 33 -2.88 10.17 3.37
CA ARG A 33 -4.23 10.61 3.07
C ARG A 33 -5.25 9.60 3.57
N LEU A 34 -4.90 8.32 3.50
CA LEU A 34 -5.82 7.26 3.87
C LEU A 34 -5.68 6.87 5.33
N GLY A 35 -4.46 6.92 5.85
CA GLY A 35 -4.23 6.55 7.23
C GLY A 35 -3.27 5.38 7.35
N LEU A 36 -2.22 5.40 6.54
CA LEU A 36 -1.27 4.30 6.50
C LEU A 36 0.02 4.64 7.22
N ASN A 37 0.90 3.65 7.22
CA ASN A 37 2.22 3.74 7.83
C ASN A 37 3.13 2.76 7.11
N GLU A 38 4.44 2.88 7.29
CA GLU A 38 5.39 2.05 6.54
C GLU A 38 5.19 0.56 6.79
N GLU A 39 4.50 0.23 7.89
CA GLU A 39 4.17 -1.17 8.19
C GLU A 39 3.40 -1.78 7.03
N ALA A 40 2.31 -1.15 6.65
CA ALA A 40 1.47 -1.64 5.57
C ALA A 40 2.10 -1.33 4.22
N ILE A 41 2.72 -0.16 4.14
CA ILE A 41 3.30 0.31 2.89
C ILE A 41 4.39 -0.63 2.38
N ARG A 42 5.36 -0.91 3.24
CA ARG A 42 6.51 -1.68 2.84
C ARG A 42 6.16 -3.15 2.73
N GLN A 43 5.20 -3.60 3.53
CA GLN A 43 4.75 -4.99 3.52
C GLN A 43 4.32 -5.41 2.11
N PHE A 44 3.62 -4.50 1.43
CA PHE A 44 3.08 -4.78 0.10
C PHE A 44 4.20 -4.97 -0.92
N PHE A 45 5.34 -4.36 -0.65
CA PHE A 45 6.50 -4.48 -1.54
C PHE A 45 7.39 -5.66 -1.14
N GLU A 46 7.57 -5.84 0.16
CA GLU A 46 8.47 -6.86 0.68
C GLU A 46 7.92 -8.26 0.44
N GLU A 47 6.81 -8.58 1.10
CA GLU A 47 6.25 -9.92 1.09
C GLU A 47 5.76 -10.32 -0.30
N PHE A 48 5.62 -9.33 -1.17
CA PHE A 48 5.12 -9.53 -2.52
C PHE A 48 5.99 -10.52 -3.28
N GLU A 49 7.30 -10.35 -3.20
CA GLU A 49 8.23 -11.16 -3.98
C GLU A 49 8.80 -12.30 -3.15
N GLN A 50 8.34 -12.42 -1.91
CA GLN A 50 8.81 -13.49 -1.04
C GLN A 50 7.92 -14.71 -1.19
N ARG A 51 7.09 -14.65 -2.22
CA ARG A 51 6.20 -15.73 -2.60
C ARG A 51 6.97 -17.04 -2.83
N LYS A 52 6.66 -18.04 -2.01
CA LYS A 52 7.29 -19.34 -2.12
C LYS A 52 6.23 -20.42 -2.07
N MET A 1 -5.50 -8.26 13.75
CA MET A 1 -6.45 -8.23 12.61
C MET A 1 -5.88 -7.43 11.45
N LYS A 2 -5.82 -6.12 11.62
CA LYS A 2 -5.34 -5.24 10.58
C LYS A 2 -4.21 -4.35 11.10
N GLN A 3 -3.78 -3.42 10.29
CA GLN A 3 -2.70 -2.51 10.63
C GLN A 3 -2.78 -1.32 9.70
N TRP A 4 -2.81 -1.61 8.41
CA TRP A 4 -3.22 -0.66 7.41
C TRP A 4 -4.71 -0.41 7.56
N SER A 5 -5.15 0.81 7.30
CA SER A 5 -6.57 1.11 7.32
C SER A 5 -7.28 0.20 6.31
N GLU A 6 -8.47 -0.27 6.67
CA GLU A 6 -9.19 -1.29 5.89
C GLU A 6 -9.21 -0.98 4.39
N ASN A 7 -9.51 0.28 4.06
CA ASN A 7 -9.63 0.66 2.65
C ASN A 7 -8.26 0.85 2.01
N VAL A 8 -7.20 0.84 2.79
CA VAL A 8 -5.88 0.99 2.23
C VAL A 8 -5.43 -0.36 1.72
N GLU A 9 -5.61 -1.38 2.55
CA GLU A 9 -5.41 -2.76 2.13
C GLU A 9 -6.16 -2.98 0.82
N GLU A 10 -7.43 -2.59 0.84
CA GLU A 10 -8.34 -2.70 -0.28
C GLU A 10 -7.85 -1.92 -1.50
N LYS A 11 -7.88 -0.59 -1.40
CA LYS A 11 -7.71 0.26 -2.57
C LYS A 11 -6.25 0.42 -2.98
N LEU A 12 -5.33 0.37 -2.04
CA LEU A 12 -3.91 0.53 -2.39
C LEU A 12 -3.45 -0.69 -3.15
N LYS A 13 -4.03 -1.85 -2.83
CA LYS A 13 -3.81 -3.06 -3.63
C LYS A 13 -4.28 -2.81 -5.06
N GLU A 14 -5.37 -2.07 -5.18
CA GLU A 14 -5.91 -1.73 -6.49
C GLU A 14 -5.03 -0.70 -7.20
N PHE A 15 -4.72 0.39 -6.53
CA PHE A 15 -3.92 1.48 -7.11
C PHE A 15 -2.59 0.94 -7.66
N VAL A 16 -2.10 -0.15 -7.07
CA VAL A 16 -0.90 -0.80 -7.55
C VAL A 16 -1.19 -1.80 -8.67
N LYS A 17 -2.05 -2.79 -8.39
CA LYS A 17 -2.22 -3.92 -9.29
C LYS A 17 -3.35 -3.69 -10.30
N ARG A 18 -4.41 -3.03 -9.88
CA ARG A 18 -5.57 -2.79 -10.75
C ARG A 18 -5.43 -1.48 -11.51
N HIS A 19 -5.18 -0.40 -10.78
CA HIS A 19 -5.11 0.94 -11.34
C HIS A 19 -3.85 1.07 -12.17
N GLN A 20 -2.84 0.35 -11.72
CA GLN A 20 -1.51 0.37 -12.33
C GLN A 20 -0.95 1.79 -12.40
N ARG A 21 -1.38 2.63 -11.46
CA ARG A 21 -0.91 4.00 -11.43
C ARG A 21 -0.41 4.37 -10.04
N ILE A 22 0.88 4.18 -9.82
CA ILE A 22 1.47 4.55 -8.55
C ILE A 22 3.00 4.37 -8.60
N THR A 23 3.70 5.29 -7.96
CA THR A 23 5.12 5.13 -7.72
C THR A 23 5.39 5.28 -6.23
N GLN A 24 6.64 5.16 -5.83
CA GLN A 24 7.00 5.32 -4.42
C GLN A 24 6.71 6.75 -3.97
N GLU A 25 6.69 7.68 -4.92
CA GLU A 25 6.37 9.06 -4.65
C GLU A 25 4.96 9.18 -4.09
N GLU A 26 3.97 8.83 -4.91
CA GLU A 26 2.58 8.92 -4.50
C GLU A 26 2.30 8.00 -3.32
N LEU A 27 2.90 6.81 -3.36
CA LEU A 27 2.61 5.77 -2.37
C LEU A 27 2.81 6.29 -0.95
N HIS A 28 3.90 7.00 -0.70
CA HIS A 28 4.17 7.48 0.64
C HIS A 28 3.22 8.61 1.02
N GLN A 29 3.03 9.58 0.12
CA GLN A 29 2.15 10.70 0.41
C GLN A 29 0.71 10.21 0.58
N TYR A 30 0.36 9.21 -0.20
CA TYR A 30 -0.97 8.61 -0.15
C TYR A 30 -1.11 7.74 1.11
N ALA A 31 0.04 7.38 1.69
CA ALA A 31 0.04 6.56 2.89
C ALA A 31 -0.38 7.39 4.09
N GLN A 32 0.16 8.59 4.18
CA GLN A 32 -0.16 9.50 5.27
C GLN A 32 -1.57 10.04 5.11
N ARG A 33 -2.03 10.08 3.86
CA ARG A 33 -3.38 10.52 3.53
C ARG A 33 -4.40 9.50 4.02
N LEU A 34 -4.08 8.22 3.86
CA LEU A 34 -5.02 7.16 4.21
C LEU A 34 -4.90 6.73 5.67
N GLY A 35 -3.72 6.91 6.25
CA GLY A 35 -3.54 6.56 7.64
C GLY A 35 -2.62 5.38 7.83
N LEU A 36 -1.54 5.35 7.05
CA LEU A 36 -0.64 4.20 7.04
C LEU A 36 0.54 4.36 7.97
N ASN A 37 1.27 3.27 8.08
CA ASN A 37 2.53 3.19 8.77
C ASN A 37 3.50 2.43 7.88
N GLU A 38 4.78 2.45 8.20
CA GLU A 38 5.78 1.82 7.35
C GLU A 38 5.58 0.29 7.28
N GLU A 39 4.85 -0.27 8.25
CA GLU A 39 4.44 -1.67 8.21
C GLU A 39 3.78 -1.97 6.86
N ALA A 40 2.75 -1.22 6.57
CA ALA A 40 1.96 -1.39 5.36
C ALA A 40 2.77 -1.00 4.13
N ILE A 41 3.49 0.10 4.26
CA ILE A 41 4.26 0.65 3.14
C ILE A 41 5.32 -0.36 2.69
N ARG A 42 6.05 -0.91 3.64
CA ARG A 42 7.09 -1.90 3.35
C ARG A 42 6.47 -3.20 2.85
N GLN A 43 5.34 -3.57 3.43
CA GLN A 43 4.66 -4.81 3.08
C GLN A 43 4.28 -4.85 1.60
N PHE A 44 3.74 -3.74 1.10
CA PHE A 44 3.32 -3.65 -0.29
C PHE A 44 4.49 -3.75 -1.25
N PHE A 45 5.68 -3.44 -0.78
CA PHE A 45 6.86 -3.57 -1.62
C PHE A 45 7.48 -4.96 -1.54
N GLU A 46 7.92 -5.37 -0.36
CA GLU A 46 8.70 -6.59 -0.23
C GLU A 46 7.84 -7.84 -0.20
N GLU A 47 6.82 -7.84 0.66
CA GLU A 47 5.98 -9.02 0.85
C GLU A 47 5.15 -9.28 -0.40
N PHE A 48 4.99 -8.24 -1.20
CA PHE A 48 4.25 -8.31 -2.46
C PHE A 48 4.73 -9.47 -3.32
N GLU A 49 6.01 -9.41 -3.67
CA GLU A 49 6.63 -10.38 -4.55
C GLU A 49 6.83 -11.74 -3.88
N GLN A 50 6.59 -11.80 -2.57
CA GLN A 50 6.82 -13.04 -1.81
C GLN A 50 5.56 -13.91 -1.81
N ARG A 51 4.49 -13.37 -2.37
CA ARG A 51 3.21 -14.06 -2.38
C ARG A 51 3.06 -14.90 -3.65
N LYS A 52 3.27 -16.20 -3.51
CA LYS A 52 3.14 -17.13 -4.62
C LYS A 52 2.16 -18.24 -4.25
N MET A 1 -2.94 -7.52 14.33
CA MET A 1 -4.29 -7.74 13.77
C MET A 1 -4.46 -6.95 12.48
N LYS A 2 -4.61 -5.65 12.62
CA LYS A 2 -4.68 -4.76 11.47
C LYS A 2 -3.65 -3.64 11.60
N GLN A 3 -2.77 -3.56 10.62
CA GLN A 3 -1.61 -2.67 10.69
C GLN A 3 -1.86 -1.44 9.82
N TRP A 4 -3.09 -1.34 9.34
CA TRP A 4 -3.47 -0.30 8.42
C TRP A 4 -4.99 -0.15 8.43
N SER A 5 -5.52 0.51 7.43
CA SER A 5 -6.94 0.45 7.19
C SER A 5 -7.20 -0.62 6.13
N GLU A 6 -7.92 -1.68 6.51
CA GLU A 6 -8.35 -2.74 5.58
C GLU A 6 -8.90 -2.15 4.29
N ASN A 7 -9.72 -1.12 4.43
CA ASN A 7 -10.28 -0.41 3.29
C ASN A 7 -9.17 0.14 2.41
N VAL A 8 -8.17 0.72 3.05
CA VAL A 8 -7.04 1.29 2.37
C VAL A 8 -6.24 0.23 1.64
N GLU A 9 -5.93 -0.88 2.33
CA GLU A 9 -5.14 -1.96 1.72
C GLU A 9 -5.83 -2.43 0.44
N GLU A 10 -7.15 -2.56 0.51
CA GLU A 10 -7.96 -2.91 -0.64
C GLU A 10 -7.76 -1.92 -1.78
N LYS A 11 -8.04 -0.65 -1.49
CA LYS A 11 -7.98 0.41 -2.48
C LYS A 11 -6.55 0.63 -2.97
N LEU A 12 -5.60 0.47 -2.07
CA LEU A 12 -4.18 0.61 -2.39
C LEU A 12 -3.79 -0.41 -3.44
N LYS A 13 -4.14 -1.66 -3.17
CA LYS A 13 -3.90 -2.78 -4.08
C LYS A 13 -4.41 -2.44 -5.48
N GLU A 14 -5.61 -1.90 -5.54
CA GLU A 14 -6.25 -1.59 -6.81
C GLU A 14 -5.77 -0.26 -7.37
N PHE A 15 -5.05 0.50 -6.56
CA PHE A 15 -4.47 1.75 -7.02
C PHE A 15 -3.06 1.51 -7.56
N VAL A 16 -2.42 0.45 -7.07
CA VAL A 16 -1.07 0.10 -7.50
C VAL A 16 -1.07 -0.44 -8.93
N LYS A 17 -1.67 -1.59 -9.14
CA LYS A 17 -1.62 -2.22 -10.46
C LYS A 17 -2.92 -2.05 -11.24
N ARG A 18 -4.03 -1.93 -10.53
CA ARG A 18 -5.32 -1.74 -11.20
C ARG A 18 -5.56 -0.28 -11.57
N HIS A 19 -4.61 0.59 -11.26
CA HIS A 19 -4.74 2.00 -11.60
C HIS A 19 -3.44 2.58 -12.15
N GLN A 20 -3.17 2.30 -13.44
CA GLN A 20 -2.11 2.95 -14.24
C GLN A 20 -0.69 2.80 -13.67
N ARG A 21 -0.55 2.02 -12.60
CA ARG A 21 0.72 1.94 -11.84
C ARG A 21 0.96 3.23 -11.05
N ILE A 22 1.91 3.21 -10.15
CA ILE A 22 2.19 4.37 -9.32
C ILE A 22 3.64 4.37 -8.88
N THR A 23 4.24 5.55 -8.84
CA THR A 23 5.58 5.72 -8.31
C THR A 23 5.54 5.74 -6.77
N GLN A 24 6.60 5.24 -6.14
CA GLN A 24 6.62 5.12 -4.68
C GLN A 24 6.49 6.47 -4.00
N GLU A 25 7.03 7.51 -4.63
CA GLU A 25 6.95 8.86 -4.09
C GLU A 25 5.48 9.27 -3.89
N GLU A 26 4.71 9.19 -4.96
CA GLU A 26 3.29 9.50 -4.93
C GLU A 26 2.56 8.53 -4.01
N LEU A 27 2.94 7.27 -4.10
CA LEU A 27 2.32 6.20 -3.35
C LEU A 27 2.49 6.39 -1.84
N HIS A 28 3.66 6.85 -1.41
CA HIS A 28 3.94 7.02 0.00
C HIS A 28 3.10 8.16 0.59
N GLN A 29 3.00 9.26 -0.14
CA GLN A 29 2.15 10.37 0.28
C GLN A 29 0.70 9.92 0.36
N TYR A 30 0.34 9.03 -0.56
CA TYR A 30 -0.99 8.46 -0.60
C TYR A 30 -1.21 7.54 0.59
N ALA A 31 -0.11 6.97 1.10
CA ALA A 31 -0.18 6.02 2.21
C ALA A 31 -0.55 6.73 3.50
N GLN A 32 0.21 7.76 3.83
CA GLN A 32 -0.01 8.52 5.05
C GLN A 32 -1.38 9.20 5.03
N ARG A 33 -1.79 9.67 3.84
CA ARG A 33 -3.07 10.34 3.70
C ARG A 33 -4.23 9.39 3.95
N LEU A 34 -4.13 8.15 3.47
CA LEU A 34 -5.19 7.18 3.65
C LEU A 34 -5.15 6.55 5.04
N GLY A 35 -3.96 6.48 5.62
CA GLY A 35 -3.83 5.95 6.97
C GLY A 35 -2.93 4.73 7.05
N LEU A 36 -1.84 4.75 6.32
CA LEU A 36 -0.86 3.68 6.42
C LEU A 36 0.33 4.12 7.25
N ASN A 37 0.72 3.28 8.18
CA ASN A 37 1.97 3.49 8.90
C ASN A 37 3.10 2.85 8.10
N GLU A 38 4.33 3.16 8.43
CA GLU A 38 5.49 2.74 7.65
C GLU A 38 5.57 1.21 7.57
N GLU A 39 5.09 0.54 8.61
CA GLU A 39 5.03 -0.91 8.64
C GLU A 39 4.13 -1.45 7.54
N ALA A 40 2.91 -0.93 7.46
CA ALA A 40 1.92 -1.42 6.49
C ALA A 40 2.41 -1.20 5.08
N ILE A 41 3.25 -0.20 4.91
CA ILE A 41 3.83 0.11 3.61
C ILE A 41 4.84 -0.96 3.24
N ARG A 42 5.77 -1.24 4.16
CA ARG A 42 6.72 -2.34 3.99
C ARG A 42 5.97 -3.66 3.82
N GLN A 43 4.93 -3.83 4.63
CA GLN A 43 4.11 -5.03 4.64
C GLN A 43 3.60 -5.38 3.24
N PHE A 44 3.24 -4.37 2.47
CA PHE A 44 2.66 -4.60 1.15
C PHE A 44 3.74 -4.81 0.10
N PHE A 45 4.88 -4.15 0.25
CA PHE A 45 5.96 -4.25 -0.72
C PHE A 45 6.79 -5.52 -0.53
N GLU A 46 7.10 -5.82 0.72
CA GLU A 46 8.02 -6.92 1.02
C GLU A 46 7.39 -8.28 0.75
N GLU A 47 6.27 -8.54 1.40
CA GLU A 47 5.62 -9.85 1.33
C GLU A 47 4.72 -9.95 0.10
N PHE A 48 5.00 -9.15 -0.91
CA PHE A 48 4.18 -9.10 -2.12
C PHE A 48 4.58 -10.21 -3.09
N GLU A 49 5.86 -10.58 -3.06
CA GLU A 49 6.39 -11.64 -3.91
C GLU A 49 5.61 -12.94 -3.75
N GLN A 50 5.06 -13.14 -2.57
CA GLN A 50 4.39 -14.38 -2.22
C GLN A 50 2.88 -14.20 -2.21
N ARG A 51 2.39 -13.15 -2.84
CA ARG A 51 0.97 -12.87 -2.86
C ARG A 51 0.45 -12.80 -4.29
N LYS A 52 0.93 -13.72 -5.12
CA LYS A 52 0.47 -13.88 -6.50
C LYS A 52 0.79 -12.63 -7.31
N MET A 1 -6.46 -4.03 10.83
CA MET A 1 -6.51 -5.32 11.56
C MET A 1 -5.11 -5.75 11.97
N LYS A 2 -4.21 -5.87 11.01
CA LYS A 2 -2.88 -6.42 11.31
C LYS A 2 -1.82 -5.34 11.40
N GLN A 3 -1.97 -4.32 10.60
CA GLN A 3 -0.98 -3.25 10.49
C GLN A 3 -1.56 -2.02 9.83
N TRP A 4 -2.07 -2.19 8.62
CA TRP A 4 -2.68 -1.08 7.91
C TRP A 4 -4.18 -1.08 8.02
N SER A 5 -4.78 -0.03 7.50
CA SER A 5 -6.22 0.02 7.34
C SER A 5 -6.59 -0.84 6.14
N GLU A 6 -7.43 -1.85 6.37
CA GLU A 6 -7.89 -2.73 5.30
C GLU A 6 -8.51 -1.94 4.15
N ASN A 7 -9.00 -0.74 4.46
CA ASN A 7 -9.57 0.14 3.43
C ASN A 7 -8.48 0.63 2.49
N VAL A 8 -7.26 0.70 3.00
CA VAL A 8 -6.13 1.16 2.21
C VAL A 8 -5.59 0.03 1.36
N GLU A 9 -5.35 -1.12 2.00
CA GLU A 9 -4.94 -2.34 1.29
C GLU A 9 -5.80 -2.53 0.05
N GLU A 10 -7.10 -2.34 0.23
CA GLU A 10 -8.06 -2.41 -0.87
C GLU A 10 -7.69 -1.45 -2.00
N LYS A 11 -7.78 -0.15 -1.71
CA LYS A 11 -7.74 0.87 -2.76
C LYS A 11 -6.32 1.12 -3.27
N LEU A 12 -5.33 0.88 -2.42
CA LEU A 12 -3.94 1.07 -2.83
C LEU A 12 -3.52 -0.06 -3.76
N LYS A 13 -4.00 -1.27 -3.47
CA LYS A 13 -3.76 -2.42 -4.33
C LYS A 13 -4.37 -2.17 -5.70
N GLU A 14 -5.55 -1.55 -5.70
CA GLU A 14 -6.19 -1.12 -6.92
C GLU A 14 -5.23 -0.26 -7.73
N PHE A 15 -4.61 0.71 -7.07
CA PHE A 15 -3.64 1.58 -7.72
C PHE A 15 -2.46 0.79 -8.29
N VAL A 16 -1.76 0.08 -7.41
CA VAL A 16 -0.49 -0.56 -7.76
C VAL A 16 -0.64 -1.62 -8.86
N LYS A 17 -1.72 -2.38 -8.83
CA LYS A 17 -1.86 -3.51 -9.75
C LYS A 17 -2.88 -3.25 -10.85
N ARG A 18 -3.75 -2.28 -10.66
CA ARG A 18 -4.91 -2.13 -11.54
C ARG A 18 -4.99 -0.71 -12.14
N HIS A 19 -4.48 0.27 -11.42
CA HIS A 19 -4.59 1.65 -11.86
C HIS A 19 -3.24 2.19 -12.33
N GLN A 20 -2.75 1.63 -13.45
CA GLN A 20 -1.53 2.08 -14.15
C GLN A 20 -0.31 2.18 -13.23
N ARG A 21 -0.39 1.56 -12.05
CA ARG A 21 0.71 1.54 -11.08
C ARG A 21 1.02 2.93 -10.54
N ILE A 22 1.93 3.00 -9.57
CA ILE A 22 2.25 4.26 -8.94
C ILE A 22 3.60 4.17 -8.22
N THR A 23 4.43 5.20 -8.38
CA THR A 23 5.74 5.23 -7.75
C THR A 23 5.65 5.38 -6.23
N GLN A 24 6.65 4.86 -5.53
CA GLN A 24 6.62 4.75 -4.08
C GLN A 24 6.44 6.11 -3.39
N GLU A 25 7.13 7.13 -3.89
CA GLU A 25 7.08 8.45 -3.27
C GLU A 25 5.65 9.01 -3.30
N GLU A 26 5.06 9.01 -4.49
CA GLU A 26 3.68 9.50 -4.65
C GLU A 26 2.73 8.60 -3.87
N LEU A 27 3.01 7.30 -3.91
CA LEU A 27 2.24 6.31 -3.19
C LEU A 27 2.26 6.60 -1.69
N HIS A 28 3.41 7.03 -1.19
CA HIS A 28 3.58 7.26 0.24
C HIS A 28 2.68 8.41 0.71
N GLN A 29 2.53 9.43 -0.12
CA GLN A 29 1.66 10.56 0.24
C GLN A 29 0.21 10.11 0.23
N TYR A 30 -0.12 9.26 -0.73
CA TYR A 30 -1.46 8.69 -0.85
C TYR A 30 -1.72 7.72 0.31
N ALA A 31 -0.65 7.08 0.77
CA ALA A 31 -0.74 6.12 1.86
C ALA A 31 -1.16 6.79 3.16
N GLN A 32 -0.50 7.89 3.49
CA GLN A 32 -0.76 8.60 4.73
C GLN A 32 -2.13 9.26 4.67
N ARG A 33 -2.56 9.57 3.46
CA ARG A 33 -3.87 10.16 3.23
C ARG A 33 -4.97 9.17 3.64
N LEU A 34 -4.79 7.91 3.25
CA LEU A 34 -5.77 6.88 3.49
C LEU A 34 -5.67 6.32 4.91
N GLY A 35 -4.48 6.38 5.51
CA GLY A 35 -4.31 5.90 6.87
C GLY A 35 -3.27 4.80 6.99
N LEU A 36 -2.18 4.92 6.25
CA LEU A 36 -1.09 3.97 6.35
C LEU A 36 0.02 4.48 7.24
N ASN A 37 0.68 3.56 7.92
CA ASN A 37 1.92 3.85 8.63
C ASN A 37 3.06 3.18 7.90
N GLU A 38 4.24 3.81 7.92
CA GLU A 38 5.42 3.33 7.18
C GLU A 38 5.66 1.84 7.40
N GLU A 39 5.46 1.39 8.64
CA GLU A 39 5.58 -0.01 8.99
C GLU A 39 4.76 -0.90 8.05
N ALA A 40 3.48 -0.54 7.91
CA ALA A 40 2.55 -1.34 7.15
C ALA A 40 2.69 -1.06 5.67
N ILE A 41 3.31 0.07 5.35
CA ILE A 41 3.59 0.40 3.96
C ILE A 41 4.58 -0.61 3.41
N ARG A 42 5.66 -0.81 4.17
CA ARG A 42 6.64 -1.85 3.87
C ARG A 42 5.97 -3.22 3.81
N GLN A 43 5.09 -3.47 4.79
CA GLN A 43 4.37 -4.75 4.86
C GLN A 43 3.57 -4.99 3.60
N PHE A 44 2.86 -3.96 3.14
CA PHE A 44 2.01 -4.06 1.96
C PHE A 44 2.83 -4.42 0.72
N PHE A 45 4.09 -4.02 0.71
CA PHE A 45 4.98 -4.34 -0.41
C PHE A 45 5.54 -5.74 -0.29
N GLU A 46 6.09 -6.07 0.88
CA GLU A 46 6.77 -7.35 1.09
C GLU A 46 5.79 -8.50 1.12
N GLU A 47 4.64 -8.27 1.73
CA GLU A 47 3.60 -9.29 1.78
C GLU A 47 2.91 -9.42 0.44
N PHE A 48 3.10 -8.43 -0.41
CA PHE A 48 2.68 -8.53 -1.77
C PHE A 48 3.70 -9.35 -2.52
N GLU A 49 4.89 -8.75 -2.71
CA GLU A 49 6.04 -9.35 -3.34
C GLU A 49 5.65 -10.33 -4.42
N GLN A 50 4.73 -9.88 -5.27
CA GLN A 50 4.25 -10.66 -6.41
C GLN A 50 3.93 -12.11 -6.04
N ARG A 51 3.60 -12.35 -4.77
CA ARG A 51 3.26 -13.69 -4.30
C ARG A 51 1.86 -14.07 -4.74
N LYS A 52 1.79 -14.94 -5.75
CA LYS A 52 0.51 -15.39 -6.27
C LYS A 52 0.59 -16.86 -6.66
N MET A 1 -5.21 -7.70 13.10
CA MET A 1 -4.24 -6.66 13.54
C MET A 1 -4.75 -5.27 13.22
N LYS A 2 -4.92 -5.00 11.93
CA LYS A 2 -5.24 -3.66 11.43
C LYS A 2 -4.14 -2.66 11.79
N GLN A 3 -3.00 -2.81 11.14
CA GLN A 3 -1.91 -1.85 11.33
C GLN A 3 -2.05 -0.77 10.28
N TRP A 4 -2.50 -1.17 9.11
CA TRP A 4 -3.00 -0.25 8.12
C TRP A 4 -4.45 0.04 8.41
N SER A 5 -5.05 0.91 7.64
CA SER A 5 -6.48 1.04 7.66
C SER A 5 -7.05 0.01 6.69
N GLU A 6 -7.82 -0.94 7.23
CA GLU A 6 -8.43 -2.02 6.45
C GLU A 6 -8.88 -1.58 5.05
N ASN A 7 -9.60 -0.48 4.99
CA ASN A 7 -10.13 0.06 3.73
C ASN A 7 -9.02 0.37 2.74
N VAL A 8 -7.92 0.89 3.26
CA VAL A 8 -6.81 1.32 2.43
C VAL A 8 -6.21 0.14 1.68
N GLU A 9 -6.09 -0.99 2.35
CA GLU A 9 -5.50 -2.18 1.76
C GLU A 9 -6.24 -2.56 0.47
N GLU A 10 -7.56 -2.47 0.51
CA GLU A 10 -8.39 -2.71 -0.67
C GLU A 10 -7.99 -1.78 -1.80
N LYS A 11 -8.07 -0.48 -1.54
CA LYS A 11 -7.96 0.51 -2.58
C LYS A 11 -6.51 0.74 -2.98
N LEU A 12 -5.58 0.34 -2.13
CA LEU A 12 -4.18 0.35 -2.48
C LEU A 12 -3.93 -0.65 -3.60
N LYS A 13 -4.49 -1.85 -3.44
CA LYS A 13 -4.43 -2.86 -4.47
C LYS A 13 -5.01 -2.33 -5.78
N GLU A 14 -6.15 -1.66 -5.66
CA GLU A 14 -6.82 -1.09 -6.82
C GLU A 14 -5.94 -0.04 -7.49
N PHE A 15 -5.31 0.81 -6.69
CA PHE A 15 -4.49 1.89 -7.21
C PHE A 15 -3.21 1.37 -7.84
N VAL A 16 -2.77 0.19 -7.42
CA VAL A 16 -1.56 -0.42 -7.97
C VAL A 16 -1.85 -1.21 -9.25
N LYS A 17 -2.60 -2.31 -9.15
CA LYS A 17 -2.75 -3.21 -10.28
C LYS A 17 -3.99 -2.92 -11.13
N ARG A 18 -4.99 -2.30 -10.53
CA ARG A 18 -6.20 -1.93 -11.28
C ARG A 18 -6.01 -0.59 -11.98
N HIS A 19 -4.84 0.02 -11.77
CA HIS A 19 -4.49 1.26 -12.44
C HIS A 19 -3.25 1.05 -13.31
N GLN A 20 -2.67 2.13 -13.80
CA GLN A 20 -1.49 2.06 -14.66
C GLN A 20 -0.22 2.07 -13.81
N ARG A 21 -0.35 1.58 -12.58
CA ARG A 21 0.74 1.57 -11.59
C ARG A 21 1.09 2.98 -11.14
N ILE A 22 1.56 3.08 -9.91
CA ILE A 22 1.97 4.35 -9.35
C ILE A 22 3.33 4.20 -8.67
N THR A 23 4.16 5.22 -8.76
CA THR A 23 5.48 5.18 -8.17
C THR A 23 5.44 5.21 -6.65
N GLN A 24 6.42 4.58 -6.02
CA GLN A 24 6.47 4.44 -4.57
C GLN A 24 6.45 5.81 -3.89
N GLU A 25 7.11 6.79 -4.50
CA GLU A 25 7.18 8.13 -3.93
C GLU A 25 5.78 8.70 -3.71
N GLU A 26 5.02 8.85 -4.78
CA GLU A 26 3.65 9.36 -4.69
C GLU A 26 2.75 8.39 -3.95
N LEU A 27 3.08 7.11 -4.02
CA LEU A 27 2.32 6.07 -3.34
C LEU A 27 2.47 6.20 -1.84
N HIS A 28 3.67 6.54 -1.38
CA HIS A 28 3.91 6.70 0.04
C HIS A 28 3.11 7.88 0.59
N GLN A 29 3.05 8.95 -0.19
CA GLN A 29 2.25 10.10 0.18
C GLN A 29 0.78 9.70 0.23
N TYR A 30 0.38 8.86 -0.71
CA TYR A 30 -0.95 8.30 -0.75
C TYR A 30 -1.18 7.39 0.46
N ALA A 31 -0.09 6.77 0.94
CA ALA A 31 -0.16 5.91 2.12
C ALA A 31 -0.39 6.74 3.36
N GLN A 32 0.45 7.74 3.56
CA GLN A 32 0.35 8.63 4.72
C GLN A 32 -1.00 9.35 4.75
N ARG A 33 -1.48 9.72 3.58
CA ARG A 33 -2.76 10.43 3.47
C ARG A 33 -3.91 9.56 3.95
N LEU A 34 -3.86 8.27 3.66
CA LEU A 34 -4.93 7.37 4.04
C LEU A 34 -4.73 6.81 5.44
N GLY A 35 -3.47 6.75 5.89
CA GLY A 35 -3.20 6.30 7.24
C GLY A 35 -2.31 5.07 7.29
N LEU A 36 -1.29 5.03 6.44
CA LEU A 36 -0.38 3.90 6.43
C LEU A 36 0.99 4.26 6.98
N ASN A 37 1.49 3.39 7.83
CA ASN A 37 2.89 3.44 8.26
C ASN A 37 3.67 2.40 7.48
N GLU A 38 5.00 2.55 7.43
CA GLU A 38 5.86 1.64 6.67
C GLU A 38 5.55 0.17 6.97
N GLU A 39 5.24 -0.12 8.23
CA GLU A 39 4.88 -1.46 8.68
C GLU A 39 3.86 -2.09 7.73
N ALA A 40 2.82 -1.32 7.44
CA ALA A 40 1.71 -1.79 6.63
C ALA A 40 2.05 -1.74 5.15
N ILE A 41 2.87 -0.76 4.79
CA ILE A 41 3.29 -0.59 3.40
C ILE A 41 4.15 -1.75 2.96
N ARG A 42 5.06 -2.16 3.83
CA ARG A 42 5.98 -3.25 3.55
C ARG A 42 5.26 -4.58 3.55
N GLN A 43 4.14 -4.66 4.26
CA GLN A 43 3.28 -5.82 4.22
C GLN A 43 2.75 -6.03 2.80
N PHE A 44 2.38 -4.95 2.15
CA PHE A 44 1.79 -5.03 0.82
C PHE A 44 2.87 -5.11 -0.26
N PHE A 45 4.05 -4.58 0.02
CA PHE A 45 5.17 -4.64 -0.92
C PHE A 45 6.07 -5.84 -0.69
N GLU A 46 6.81 -5.80 0.42
CA GLU A 46 7.92 -6.72 0.64
C GLU A 46 7.47 -8.09 1.12
N GLU A 47 6.25 -8.20 1.62
CA GLU A 47 5.72 -9.51 2.00
C GLU A 47 4.84 -10.06 0.88
N PHE A 48 4.61 -9.25 -0.13
CA PHE A 48 3.68 -9.60 -1.21
C PHE A 48 4.30 -10.62 -2.15
N GLU A 49 5.39 -10.21 -2.79
CA GLU A 49 6.05 -10.99 -3.85
C GLU A 49 7.40 -10.39 -4.21
N GLN A 50 7.57 -9.09 -3.97
CA GLN A 50 8.86 -8.44 -4.12
C GLN A 50 9.73 -8.73 -2.90
N ARG A 51 9.53 -9.92 -2.35
CA ARG A 51 10.22 -10.37 -1.14
C ARG A 51 11.72 -10.54 -1.39
N LYS A 52 12.49 -9.53 -1.00
CA LYS A 52 13.94 -9.55 -1.14
C LYS A 52 14.58 -8.61 -0.13
N MET A 1 -2.05 -7.62 13.29
CA MET A 1 -2.37 -6.39 14.06
C MET A 1 -2.96 -5.35 13.13
N LYS A 2 -3.39 -4.24 13.70
CA LYS A 2 -3.88 -3.12 12.91
C LYS A 2 -2.69 -2.30 12.44
N GLN A 3 -2.62 -2.06 11.14
CA GLN A 3 -1.47 -1.39 10.56
C GLN A 3 -1.90 -0.48 9.43
N TRP A 4 -2.61 -1.04 8.47
CA TRP A 4 -3.29 -0.26 7.48
C TRP A 4 -4.76 -0.12 7.88
N SER A 5 -5.48 0.71 7.17
CA SER A 5 -6.91 0.71 7.29
C SER A 5 -7.46 -0.23 6.23
N GLU A 6 -8.32 -1.18 6.63
CA GLU A 6 -8.85 -2.20 5.72
C GLU A 6 -9.36 -1.61 4.41
N ASN A 7 -9.96 -0.43 4.49
CA ASN A 7 -10.53 0.23 3.32
C ASN A 7 -9.43 0.71 2.40
N VAL A 8 -8.30 1.05 2.98
CA VAL A 8 -7.15 1.50 2.23
C VAL A 8 -6.48 0.32 1.55
N GLU A 9 -6.32 -0.74 2.33
CA GLU A 9 -5.66 -1.96 1.86
C GLU A 9 -6.29 -2.43 0.55
N GLU A 10 -7.61 -2.39 0.50
CA GLU A 10 -8.35 -2.78 -0.68
C GLU A 10 -8.03 -1.87 -1.87
N LYS A 11 -8.20 -0.57 -1.67
CA LYS A 11 -8.08 0.38 -2.78
C LYS A 11 -6.63 0.63 -3.18
N LEU A 12 -5.71 0.53 -2.22
CA LEU A 12 -4.29 0.69 -2.52
C LEU A 12 -3.86 -0.37 -3.52
N LYS A 13 -4.26 -1.60 -3.24
CA LYS A 13 -4.03 -2.73 -4.13
C LYS A 13 -4.57 -2.41 -5.53
N GLU A 14 -5.77 -1.86 -5.57
CA GLU A 14 -6.39 -1.48 -6.83
C GLU A 14 -5.60 -0.36 -7.52
N PHE A 15 -5.16 0.60 -6.73
CA PHE A 15 -4.51 1.79 -7.26
C PHE A 15 -3.09 1.50 -7.77
N VAL A 16 -2.48 0.46 -7.24
CA VAL A 16 -1.11 0.12 -7.60
C VAL A 16 -1.04 -0.93 -8.72
N LYS A 17 -2.08 -1.73 -8.85
CA LYS A 17 -2.05 -2.83 -9.81
C LYS A 17 -3.11 -2.66 -10.90
N ARG A 18 -4.25 -2.10 -10.56
CA ARG A 18 -5.37 -2.02 -11.48
C ARG A 18 -5.46 -0.63 -12.08
N HIS A 19 -5.18 0.37 -11.25
CA HIS A 19 -5.11 1.76 -11.68
C HIS A 19 -3.73 2.00 -12.28
N GLN A 20 -3.35 1.13 -13.23
CA GLN A 20 -2.02 1.10 -13.81
C GLN A 20 -0.98 0.65 -12.77
N ARG A 21 -0.39 1.62 -12.08
CA ARG A 21 0.74 1.40 -11.15
C ARG A 21 1.18 2.76 -10.61
N ILE A 22 1.98 2.74 -9.54
CA ILE A 22 2.53 3.97 -8.98
C ILE A 22 3.83 3.68 -8.23
N THR A 23 4.74 4.66 -8.23
CA THR A 23 5.99 4.55 -7.50
C THR A 23 5.77 4.72 -5.99
N GLN A 24 6.73 4.24 -5.20
CA GLN A 24 6.59 4.17 -3.74
C GLN A 24 6.43 5.54 -3.10
N GLU A 25 7.11 6.55 -3.62
CA GLU A 25 7.09 7.88 -3.01
C GLU A 25 5.70 8.51 -3.06
N GLU A 26 5.14 8.60 -4.26
CA GLU A 26 3.80 9.15 -4.42
C GLU A 26 2.78 8.22 -3.76
N LEU A 27 3.16 6.95 -3.67
CA LEU A 27 2.35 5.96 -2.98
C LEU A 27 2.29 6.30 -1.49
N HIS A 28 3.42 6.70 -0.92
CA HIS A 28 3.48 7.07 0.48
C HIS A 28 2.58 8.28 0.74
N GLN A 29 2.58 9.23 -0.19
CA GLN A 29 1.72 10.40 -0.08
C GLN A 29 0.26 9.96 0.01
N TYR A 30 -0.06 8.89 -0.72
CA TYR A 30 -1.40 8.34 -0.73
C TYR A 30 -1.63 7.47 0.51
N ALA A 31 -0.54 7.00 1.10
CA ALA A 31 -0.61 6.11 2.25
C ALA A 31 -0.81 6.91 3.53
N GLN A 32 0.01 7.93 3.70
CA GLN A 32 -0.08 8.80 4.86
C GLN A 32 -1.38 9.60 4.81
N ARG A 33 -1.91 9.77 3.60
CA ARG A 33 -3.19 10.43 3.41
C ARG A 33 -4.31 9.58 3.99
N LEU A 34 -4.21 8.26 3.79
CA LEU A 34 -5.29 7.35 4.16
C LEU A 34 -5.09 6.73 5.53
N GLY A 35 -3.85 6.65 6.01
CA GLY A 35 -3.63 6.13 7.34
C GLY A 35 -2.74 4.90 7.38
N LEU A 36 -1.69 4.87 6.57
CA LEU A 36 -0.82 3.71 6.51
C LEU A 36 0.52 3.97 7.15
N ASN A 37 0.96 3.03 7.98
CA ASN A 37 2.31 3.06 8.53
C ASN A 37 3.26 2.37 7.56
N GLU A 38 4.56 2.63 7.69
CA GLU A 38 5.55 2.13 6.74
C GLU A 38 5.54 0.60 6.65
N GLU A 39 5.16 -0.05 7.74
CA GLU A 39 5.03 -1.50 7.78
C GLU A 39 4.06 -1.98 6.69
N ALA A 40 2.88 -1.37 6.66
CA ALA A 40 1.85 -1.74 5.70
C ALA A 40 2.23 -1.30 4.30
N ILE A 41 2.92 -0.17 4.24
CA ILE A 41 3.36 0.39 2.96
C ILE A 41 4.35 -0.56 2.30
N ARG A 42 5.31 -1.04 3.09
CA ARG A 42 6.33 -1.94 2.60
C ARG A 42 5.74 -3.32 2.34
N GLN A 43 4.74 -3.68 3.14
CA GLN A 43 4.09 -4.98 3.03
C GLN A 43 3.52 -5.21 1.63
N PHE A 44 3.00 -4.14 1.04
CA PHE A 44 2.40 -4.21 -0.29
C PHE A 44 3.44 -4.44 -1.36
N PHE A 45 4.67 -4.14 -1.06
CA PHE A 45 5.75 -4.48 -1.96
C PHE A 45 6.34 -5.85 -1.62
N GLU A 46 6.78 -6.00 -0.37
CA GLU A 46 7.54 -7.14 0.05
C GLU A 46 6.67 -8.40 0.16
N GLU A 47 5.48 -8.24 0.70
CA GLU A 47 4.59 -9.37 0.92
C GLU A 47 3.57 -9.50 -0.21
N PHE A 48 3.83 -8.82 -1.32
CA PHE A 48 2.97 -8.97 -2.48
C PHE A 48 3.50 -10.10 -3.36
N GLU A 49 4.68 -9.88 -3.93
CA GLU A 49 5.29 -10.86 -4.81
C GLU A 49 6.77 -11.03 -4.47
N GLN A 50 7.22 -10.34 -3.43
CA GLN A 50 8.62 -10.41 -3.04
C GLN A 50 8.78 -11.39 -1.88
N ARG A 51 7.72 -12.17 -1.67
CA ARG A 51 7.72 -13.21 -0.67
C ARG A 51 8.57 -14.38 -1.13
N LYS A 52 9.56 -14.73 -0.32
CA LYS A 52 10.47 -15.80 -0.67
C LYS A 52 10.04 -17.08 0.02
N MET A 1 -4.06 -1.21 15.93
CA MET A 1 -4.16 -2.43 15.08
C MET A 1 -2.94 -2.51 14.16
N LYS A 2 -2.35 -3.70 14.02
CA LYS A 2 -1.13 -3.84 13.23
C LYS A 2 -1.44 -4.20 11.79
N GLN A 3 -2.65 -3.91 11.34
CA GLN A 3 -3.02 -4.15 9.99
C GLN A 3 -3.15 -2.81 9.33
N TRP A 4 -2.75 -2.69 8.08
CA TRP A 4 -3.08 -1.50 7.30
C TRP A 4 -4.54 -1.22 7.48
N SER A 5 -4.93 0.03 7.38
CA SER A 5 -6.34 0.37 7.33
C SER A 5 -6.98 -0.53 6.27
N GLU A 6 -7.67 -1.58 6.74
CA GLU A 6 -8.24 -2.61 5.84
C GLU A 6 -8.76 -2.07 4.50
N ASN A 7 -9.49 -0.96 4.53
CA ASN A 7 -10.04 -0.37 3.31
C ASN A 7 -8.93 0.05 2.34
N VAL A 8 -7.81 0.45 2.93
CA VAL A 8 -6.65 0.87 2.16
C VAL A 8 -6.00 -0.30 1.47
N GLU A 9 -5.72 -1.35 2.25
CA GLU A 9 -5.18 -2.62 1.73
C GLU A 9 -5.83 -2.98 0.39
N GLU A 10 -7.16 -2.99 0.37
CA GLU A 10 -7.93 -3.29 -0.82
C GLU A 10 -7.59 -2.34 -1.98
N LYS A 11 -7.76 -1.05 -1.74
CA LYS A 11 -7.68 -0.06 -2.82
C LYS A 11 -6.23 0.28 -3.17
N LEU A 12 -5.32 0.00 -2.26
CA LEU A 12 -3.90 0.20 -2.53
C LEU A 12 -3.47 -0.80 -3.59
N LYS A 13 -3.93 -2.03 -3.43
CA LYS A 13 -3.73 -3.08 -4.41
C LYS A 13 -4.36 -2.67 -5.75
N GLU A 14 -5.52 -2.04 -5.67
CA GLU A 14 -6.21 -1.56 -6.86
C GLU A 14 -5.40 -0.46 -7.55
N PHE A 15 -4.92 0.48 -6.76
CA PHE A 15 -4.25 1.66 -7.30
C PHE A 15 -2.84 1.34 -7.81
N VAL A 16 -2.32 0.20 -7.40
CA VAL A 16 -1.01 -0.24 -7.87
C VAL A 16 -1.15 -1.21 -9.05
N LYS A 17 -1.90 -2.28 -8.85
CA LYS A 17 -1.99 -3.35 -9.84
C LYS A 17 -3.09 -3.10 -10.87
N ARG A 18 -4.20 -2.52 -10.43
CA ARG A 18 -5.37 -2.36 -11.29
C ARG A 18 -5.47 -0.95 -11.85
N HIS A 19 -4.48 -0.13 -11.56
CA HIS A 19 -4.46 1.25 -12.02
C HIS A 19 -3.30 1.44 -12.99
N GLN A 20 -2.90 2.69 -13.20
CA GLN A 20 -1.81 3.01 -14.11
C GLN A 20 -0.46 2.84 -13.42
N ARG A 21 -0.46 2.17 -12.27
CA ARG A 21 0.74 2.00 -11.44
C ARG A 21 1.17 3.34 -10.86
N ILE A 22 2.20 3.31 -10.02
CA ILE A 22 2.67 4.51 -9.36
C ILE A 22 4.02 4.25 -8.68
N THR A 23 4.85 5.28 -8.62
CA THR A 23 6.14 5.18 -7.95
C THR A 23 5.98 5.21 -6.43
N GLN A 24 7.02 4.75 -5.74
CA GLN A 24 6.92 4.47 -4.31
C GLN A 24 6.81 5.75 -3.46
N GLU A 25 7.46 6.82 -3.89
CA GLU A 25 7.47 8.06 -3.11
C GLU A 25 6.06 8.67 -3.03
N GLU A 26 5.42 8.83 -4.19
CA GLU A 26 4.04 9.33 -4.24
C GLU A 26 3.11 8.37 -3.53
N LEU A 27 3.43 7.08 -3.63
CA LEU A 27 2.67 6.04 -2.96
C LEU A 27 2.68 6.27 -1.45
N HIS A 28 3.84 6.61 -0.91
CA HIS A 28 3.97 6.89 0.52
C HIS A 28 3.05 8.04 0.92
N GLN A 29 2.99 9.05 0.07
CA GLN A 29 2.14 10.20 0.29
C GLN A 29 0.67 9.80 0.24
N TYR A 30 0.37 8.85 -0.62
CA TYR A 30 -0.98 8.33 -0.78
C TYR A 30 -1.34 7.39 0.38
N ALA A 31 -0.33 6.79 0.99
CA ALA A 31 -0.53 5.87 2.09
C ALA A 31 -0.97 6.62 3.35
N GLN A 32 -0.22 7.65 3.70
CA GLN A 32 -0.55 8.48 4.85
C GLN A 32 -1.84 9.27 4.57
N ARG A 33 -2.15 9.40 3.28
CA ARG A 33 -3.36 10.08 2.84
C ARG A 33 -4.60 9.22 3.09
N LEU A 34 -4.37 7.94 3.37
CA LEU A 34 -5.47 7.01 3.64
C LEU A 34 -5.45 6.53 5.08
N GLY A 35 -4.32 6.70 5.76
CA GLY A 35 -4.26 6.35 7.17
C GLY A 35 -3.23 5.28 7.49
N LEU A 36 -2.19 5.16 6.66
CA LEU A 36 -1.17 4.14 6.91
C LEU A 36 0.03 4.71 7.63
N ASN A 37 0.51 3.97 8.61
CA ASN A 37 1.80 4.24 9.22
C ASN A 37 2.89 3.60 8.36
N GLU A 38 4.11 4.06 8.50
CA GLU A 38 5.23 3.64 7.66
C GLU A 38 5.41 2.11 7.65
N GLU A 39 5.10 1.48 8.78
CA GLU A 39 5.18 0.02 8.90
C GLU A 39 4.30 -0.65 7.86
N ALA A 40 3.01 -0.32 7.88
CA ALA A 40 2.02 -0.95 7.02
C ALA A 40 2.30 -0.69 5.55
N ILE A 41 3.01 0.38 5.25
CA ILE A 41 3.34 0.72 3.87
C ILE A 41 4.27 -0.34 3.27
N ARG A 42 5.33 -0.65 3.99
CA ARG A 42 6.24 -1.71 3.59
C ARG A 42 5.65 -3.08 3.88
N GLN A 43 4.80 -3.13 4.89
CA GLN A 43 4.10 -4.36 5.25
C GLN A 43 3.15 -4.78 4.13
N PHE A 44 2.70 -3.82 3.35
CA PHE A 44 1.86 -4.10 2.21
C PHE A 44 2.71 -4.42 1.00
N PHE A 45 3.68 -3.57 0.71
CA PHE A 45 4.50 -3.71 -0.49
C PHE A 45 5.46 -4.89 -0.40
N GLU A 46 6.42 -4.80 0.51
CA GLU A 46 7.52 -5.75 0.56
C GLU A 46 7.12 -7.04 1.28
N GLU A 47 5.96 -7.03 1.92
CA GLU A 47 5.45 -8.23 2.59
C GLU A 47 4.14 -8.67 1.95
N PHE A 48 3.97 -8.33 0.69
CA PHE A 48 2.76 -8.67 -0.05
C PHE A 48 2.78 -10.14 -0.45
N GLU A 49 1.65 -10.63 -0.96
CA GLU A 49 1.51 -12.03 -1.35
C GLU A 49 2.35 -12.37 -2.58
N GLN A 50 3.01 -11.36 -3.14
CA GLN A 50 3.84 -11.53 -4.32
C GLN A 50 5.28 -11.86 -3.93
N ARG A 51 5.57 -11.76 -2.63
CA ARG A 51 6.90 -12.03 -2.13
C ARG A 51 7.19 -13.52 -2.15
N LYS A 52 8.28 -13.88 -2.80
CA LYS A 52 8.68 -15.27 -2.93
C LYS A 52 9.61 -15.67 -1.78
N MET A 1 -7.18 -5.63 8.06
CA MET A 1 -7.47 -4.83 9.27
C MET A 1 -6.27 -4.85 10.21
N LYS A 2 -6.29 -3.98 11.23
CA LYS A 2 -5.32 -4.04 12.35
C LYS A 2 -3.87 -3.90 11.87
N GLN A 3 -3.68 -3.22 10.75
CA GLN A 3 -2.35 -3.00 10.18
C GLN A 3 -2.31 -1.67 9.45
N TRP A 4 -3.23 -1.51 8.50
CA TRP A 4 -3.45 -0.24 7.83
C TRP A 4 -4.95 -0.02 7.69
N SER A 5 -5.36 1.20 7.36
CA SER A 5 -6.76 1.56 7.31
C SER A 5 -7.54 0.59 6.41
N GLU A 6 -8.63 0.05 6.95
CA GLU A 6 -9.43 -1.01 6.33
C GLU A 6 -9.78 -0.71 4.86
N ASN A 7 -10.17 0.51 4.58
CA ASN A 7 -10.54 0.89 3.22
C ASN A 7 -9.31 1.06 2.33
N VAL A 8 -8.20 1.42 2.94
CA VAL A 8 -6.97 1.60 2.21
C VAL A 8 -6.45 0.26 1.71
N GLU A 9 -6.64 -0.76 2.52
CA GLU A 9 -6.22 -2.12 2.19
C GLU A 9 -6.74 -2.52 0.81
N GLU A 10 -8.02 -2.32 0.61
CA GLU A 10 -8.68 -2.62 -0.66
C GLU A 10 -8.19 -1.70 -1.77
N LYS A 11 -8.25 -0.40 -1.51
CA LYS A 11 -8.02 0.59 -2.53
C LYS A 11 -6.57 0.63 -2.99
N LEU A 12 -5.63 0.49 -2.05
CA LEU A 12 -4.20 0.47 -2.38
C LEU A 12 -3.89 -0.73 -3.27
N LYS A 13 -4.46 -1.87 -2.90
CA LYS A 13 -4.33 -3.10 -3.67
C LYS A 13 -4.65 -2.86 -5.15
N GLU A 14 -5.81 -2.28 -5.39
CA GLU A 14 -6.29 -2.10 -6.74
C GLU A 14 -5.69 -0.87 -7.41
N PHE A 15 -5.20 0.06 -6.61
CA PHE A 15 -4.61 1.28 -7.12
C PHE A 15 -3.20 1.01 -7.67
N VAL A 16 -2.62 -0.11 -7.24
CA VAL A 16 -1.33 -0.52 -7.76
C VAL A 16 -1.48 -1.54 -8.89
N LYS A 17 -2.38 -2.50 -8.69
CA LYS A 17 -2.54 -3.59 -9.66
C LYS A 17 -3.46 -3.20 -10.82
N ARG A 18 -4.66 -2.74 -10.49
CA ARG A 18 -5.68 -2.51 -11.51
C ARG A 18 -5.56 -1.12 -12.10
N HIS A 19 -4.70 -0.30 -11.51
CA HIS A 19 -4.45 1.04 -12.01
C HIS A 19 -3.14 1.09 -12.79
N GLN A 20 -2.49 2.24 -12.77
CA GLN A 20 -1.31 2.47 -13.61
C GLN A 20 -0.02 2.02 -12.92
N ARG A 21 -0.15 1.23 -11.85
CA ARG A 21 1.01 0.76 -11.07
C ARG A 21 1.79 1.95 -10.51
N ILE A 22 1.36 2.45 -9.37
CA ILE A 22 1.98 3.62 -8.77
C ILE A 22 3.27 3.22 -8.02
N THR A 23 4.27 4.09 -8.09
CA THR A 23 5.54 3.84 -7.43
C THR A 23 5.56 4.41 -6.01
N GLN A 24 6.60 4.04 -5.25
CA GLN A 24 6.72 4.41 -3.85
C GLN A 24 6.63 5.92 -3.62
N GLU A 25 7.10 6.69 -4.60
CA GLU A 25 7.08 8.16 -4.55
C GLU A 25 5.71 8.67 -4.08
N GLU A 26 4.71 8.52 -4.93
CA GLU A 26 3.39 9.05 -4.65
C GLU A 26 2.60 8.07 -3.79
N LEU A 27 3.03 6.82 -3.77
CA LEU A 27 2.39 5.79 -2.95
C LEU A 27 2.58 6.13 -1.47
N HIS A 28 3.78 6.57 -1.11
CA HIS A 28 4.07 6.91 0.28
C HIS A 28 3.34 8.19 0.66
N GLN A 29 3.29 9.15 -0.26
CA GLN A 29 2.52 10.37 -0.04
C GLN A 29 1.06 10.00 0.19
N TYR A 30 0.59 9.04 -0.60
CA TYR A 30 -0.79 8.57 -0.53
C TYR A 30 -1.02 7.77 0.75
N ALA A 31 0.05 7.23 1.31
CA ALA A 31 -0.03 6.42 2.53
C ALA A 31 -0.48 7.29 3.70
N GLN A 32 0.24 8.37 3.94
CA GLN A 32 -0.10 9.28 5.03
C GLN A 32 -1.27 10.17 4.64
N ARG A 33 -1.61 10.15 3.37
CA ARG A 33 -2.80 10.85 2.87
C ARG A 33 -4.04 10.10 3.34
N LEU A 34 -3.94 8.78 3.40
CA LEU A 34 -5.10 7.95 3.76
C LEU A 34 -5.03 7.48 5.23
N GLY A 35 -3.83 7.42 5.80
CA GLY A 35 -3.72 7.07 7.21
C GLY A 35 -2.90 5.81 7.46
N LEU A 36 -1.80 5.65 6.75
CA LEU A 36 -1.02 4.43 6.85
C LEU A 36 0.26 4.61 7.65
N ASN A 37 0.59 3.58 8.40
CA ASN A 37 1.89 3.47 9.05
C ASN A 37 2.81 2.62 8.19
N GLU A 38 4.12 2.74 8.40
CA GLU A 38 5.08 2.10 7.51
C GLU A 38 5.09 0.59 7.69
N GLU A 39 4.47 0.09 8.76
CA GLU A 39 4.32 -1.34 8.97
C GLU A 39 3.70 -1.99 7.74
N ALA A 40 2.58 -1.44 7.32
CA ALA A 40 1.86 -1.96 6.18
C ALA A 40 2.55 -1.58 4.88
N ILE A 41 3.12 -0.38 4.85
CA ILE A 41 3.79 0.12 3.66
C ILE A 41 4.97 -0.78 3.29
N ARG A 42 5.80 -1.06 4.28
CA ARG A 42 6.96 -1.94 4.12
C ARG A 42 6.52 -3.34 3.71
N GLN A 43 5.47 -3.84 4.36
CA GLN A 43 5.00 -5.19 4.13
C GLN A 43 4.43 -5.34 2.72
N PHE A 44 3.84 -4.26 2.22
CA PHE A 44 3.20 -4.26 0.92
C PHE A 44 4.25 -4.30 -0.21
N PHE A 45 5.44 -3.81 0.08
CA PHE A 45 6.52 -3.85 -0.90
C PHE A 45 7.38 -5.10 -0.75
N GLU A 46 7.87 -5.31 0.48
CA GLU A 46 8.85 -6.36 0.74
C GLU A 46 8.26 -7.77 0.56
N GLU A 47 7.22 -8.09 1.32
CA GLU A 47 6.67 -9.45 1.30
C GLU A 47 5.50 -9.56 0.32
N PHE A 48 5.59 -8.81 -0.76
CA PHE A 48 4.54 -8.80 -1.78
C PHE A 48 4.84 -9.88 -2.84
N GLU A 49 4.03 -9.90 -3.90
CA GLU A 49 4.24 -10.81 -5.03
C GLU A 49 5.62 -10.58 -5.66
N GLN A 50 6.19 -9.42 -5.37
CA GLN A 50 7.49 -9.04 -5.88
C GLN A 50 8.60 -9.91 -5.28
N ARG A 51 8.33 -10.46 -4.10
CA ARG A 51 9.33 -11.22 -3.38
C ARG A 51 9.59 -12.56 -4.03
N LYS A 52 10.85 -12.80 -4.37
CA LYS A 52 11.33 -14.05 -4.99
C LYS A 52 10.36 -14.58 -6.06
N MET A 1 -2.74 -7.43 15.82
CA MET A 1 -2.99 -8.25 14.62
C MET A 1 -3.27 -7.37 13.40
N LYS A 2 -4.01 -6.29 13.62
CA LYS A 2 -4.29 -5.34 12.55
C LYS A 2 -3.06 -4.46 12.32
N GLN A 3 -2.95 -3.93 11.12
CA GLN A 3 -1.76 -3.19 10.73
C GLN A 3 -2.13 -1.83 10.16
N TRP A 4 -2.60 -1.82 8.94
CA TRP A 4 -3.02 -0.61 8.26
C TRP A 4 -4.52 -0.43 8.38
N SER A 5 -5.05 0.57 7.71
CA SER A 5 -6.48 0.65 7.53
C SER A 5 -6.86 -0.43 6.51
N GLU A 6 -7.74 -1.36 6.91
CA GLU A 6 -8.06 -2.53 6.11
C GLU A 6 -8.43 -2.16 4.68
N ASN A 7 -9.22 -1.12 4.54
CA ASN A 7 -9.68 -0.65 3.24
C ASN A 7 -8.53 -0.17 2.35
N VAL A 8 -7.48 0.36 2.97
CA VAL A 8 -6.40 0.98 2.21
C VAL A 8 -5.64 -0.05 1.41
N GLU A 9 -5.29 -1.18 2.02
CA GLU A 9 -4.59 -2.25 1.30
C GLU A 9 -5.38 -2.65 0.07
N GLU A 10 -6.69 -2.76 0.26
CA GLU A 10 -7.60 -3.10 -0.82
C GLU A 10 -7.47 -2.12 -1.97
N LYS A 11 -7.76 -0.86 -1.70
CA LYS A 11 -7.84 0.14 -2.75
C LYS A 11 -6.45 0.56 -3.23
N LEU A 12 -5.44 0.28 -2.44
CA LEU A 12 -4.06 0.51 -2.87
C LEU A 12 -3.72 -0.46 -4.00
N LYS A 13 -4.11 -1.71 -3.81
CA LYS A 13 -4.02 -2.73 -4.85
C LYS A 13 -4.77 -2.27 -6.10
N GLU A 14 -5.95 -1.72 -5.88
CA GLU A 14 -6.78 -1.17 -6.95
C GLU A 14 -6.03 -0.07 -7.70
N PHE A 15 -5.38 0.79 -6.93
CA PHE A 15 -4.71 1.97 -7.46
C PHE A 15 -3.38 1.60 -8.13
N VAL A 16 -2.89 0.40 -7.88
CA VAL A 16 -1.65 -0.06 -8.51
C VAL A 16 -1.93 -0.89 -9.76
N LYS A 17 -2.65 -2.00 -9.57
CA LYS A 17 -2.87 -2.95 -10.66
C LYS A 17 -3.90 -2.46 -11.66
N ARG A 18 -4.97 -1.89 -11.15
CA ARG A 18 -6.09 -1.49 -11.98
C ARG A 18 -5.92 -0.06 -12.47
N HIS A 19 -4.71 0.46 -12.29
CA HIS A 19 -4.33 1.77 -12.78
C HIS A 19 -3.00 1.66 -13.50
N GLN A 20 -2.40 2.79 -13.81
CA GLN A 20 -1.11 2.81 -14.52
C GLN A 20 0.05 2.72 -13.54
N ARG A 21 -0.20 2.05 -12.41
CA ARG A 21 0.77 1.88 -11.34
C ARG A 21 1.15 3.20 -10.69
N ILE A 22 1.99 3.14 -9.68
CA ILE A 22 2.44 4.32 -8.98
C ILE A 22 3.79 4.08 -8.33
N THR A 23 4.63 5.11 -8.28
CA THR A 23 5.92 5.02 -7.65
C THR A 23 5.76 5.07 -6.14
N GLN A 24 6.77 4.56 -5.42
CA GLN A 24 6.74 4.59 -3.95
C GLN A 24 6.78 6.02 -3.46
N GLU A 25 7.26 6.91 -4.33
CA GLU A 25 7.28 8.34 -4.08
C GLU A 25 5.88 8.84 -3.70
N GLU A 26 5.00 8.81 -4.68
CA GLU A 26 3.64 9.30 -4.50
C GLU A 26 2.85 8.32 -3.64
N LEU A 27 3.27 7.06 -3.65
CA LEU A 27 2.60 6.03 -2.87
C LEU A 27 2.76 6.30 -1.39
N HIS A 28 3.94 6.77 -0.98
CA HIS A 28 4.19 7.08 0.42
C HIS A 28 3.34 8.25 0.87
N GLN A 29 3.22 9.26 0.00
CA GLN A 29 2.37 10.41 0.29
C GLN A 29 0.92 9.96 0.38
N TYR A 30 0.56 9.00 -0.48
CA TYR A 30 -0.78 8.44 -0.52
C TYR A 30 -1.06 7.62 0.74
N ALA A 31 -0.01 7.03 1.30
CA ALA A 31 -0.13 6.21 2.49
C ALA A 31 -0.59 7.05 3.68
N GLN A 32 0.04 8.20 3.85
CA GLN A 32 -0.29 9.09 4.95
C GLN A 32 -1.61 9.78 4.72
N ARG A 33 -2.04 9.79 3.46
CA ARG A 33 -3.28 10.43 3.10
C ARG A 33 -4.46 9.54 3.47
N LEU A 34 -4.24 8.23 3.46
CA LEU A 34 -5.30 7.28 3.76
C LEU A 34 -5.22 6.75 5.20
N GLY A 35 -4.02 6.76 5.78
CA GLY A 35 -3.91 6.33 7.16
C GLY A 35 -2.96 5.16 7.37
N LEU A 36 -1.84 5.16 6.67
CA LEU A 36 -0.86 4.10 6.85
C LEU A 36 0.35 4.59 7.62
N ASN A 37 0.85 3.74 8.50
CA ASN A 37 2.16 3.94 9.08
C ASN A 37 3.19 3.31 8.14
N GLU A 38 4.46 3.65 8.31
CA GLU A 38 5.49 3.22 7.36
C GLU A 38 5.57 1.69 7.29
N GLU A 39 5.34 1.03 8.42
CA GLU A 39 5.36 -0.43 8.49
C GLU A 39 4.35 -1.04 7.51
N ALA A 40 3.16 -0.45 7.47
CA ALA A 40 2.10 -0.93 6.58
C ALA A 40 2.52 -0.81 5.12
N ILE A 41 3.28 0.23 4.85
CA ILE A 41 3.76 0.49 3.50
C ILE A 41 4.71 -0.61 3.05
N ARG A 42 5.68 -0.92 3.90
CA ARG A 42 6.62 -2.00 3.62
C ARG A 42 5.89 -3.32 3.57
N GLN A 43 4.94 -3.50 4.48
CA GLN A 43 4.20 -4.75 4.61
C GLN A 43 3.47 -5.06 3.30
N PHE A 44 2.88 -4.04 2.70
CA PHE A 44 2.19 -4.20 1.42
C PHE A 44 3.14 -4.73 0.36
N PHE A 45 4.35 -4.22 0.33
CA PHE A 45 5.34 -4.63 -0.66
C PHE A 45 5.92 -6.00 -0.32
N GLU A 46 6.20 -6.23 0.95
CA GLU A 46 6.84 -7.48 1.37
C GLU A 46 5.88 -8.65 1.22
N GLU A 47 4.68 -8.52 1.77
CA GLU A 47 3.68 -9.58 1.71
C GLU A 47 3.21 -9.85 0.29
N PHE A 48 3.35 -8.86 -0.57
CA PHE A 48 2.84 -8.92 -1.94
C PHE A 48 3.37 -10.16 -2.66
N GLU A 49 4.67 -10.38 -2.59
CA GLU A 49 5.31 -11.48 -3.29
C GLU A 49 5.26 -12.77 -2.48
N GLN A 50 5.03 -12.64 -1.17
CA GLN A 50 4.93 -13.81 -0.30
C GLN A 50 3.56 -14.45 -0.47
N ARG A 51 2.54 -13.59 -0.44
CA ARG A 51 1.14 -13.94 -0.72
C ARG A 51 0.73 -15.31 -0.18
N LYS A 52 0.39 -15.34 1.11
CA LYS A 52 -0.12 -16.55 1.77
C LYS A 52 0.93 -17.64 1.82
N MET A 1 -5.71 -8.90 13.68
CA MET A 1 -5.79 -7.64 14.45
C MET A 1 -5.50 -6.46 13.55
N LYS A 2 -5.28 -5.29 14.15
CA LYS A 2 -5.02 -4.09 13.38
C LYS A 2 -3.66 -4.16 12.70
N GLN A 3 -3.63 -3.72 11.45
CA GLN A 3 -2.40 -3.69 10.66
C GLN A 3 -2.33 -2.43 9.82
N TRP A 4 -3.38 -2.15 9.06
CA TRP A 4 -3.50 -0.90 8.37
C TRP A 4 -4.98 -0.55 8.28
N SER A 5 -5.29 0.68 7.88
CA SER A 5 -6.66 1.06 7.67
C SER A 5 -7.32 0.06 6.72
N GLU A 6 -8.38 -0.58 7.18
CA GLU A 6 -9.06 -1.64 6.43
C GLU A 6 -9.31 -1.24 4.98
N ASN A 7 -9.72 0.01 4.79
CA ASN A 7 -10.03 0.53 3.47
C ASN A 7 -8.80 0.59 2.58
N VAL A 8 -7.61 0.48 3.16
CA VAL A 8 -6.40 0.62 2.38
C VAL A 8 -6.07 -0.67 1.64
N GLU A 9 -6.40 -1.79 2.28
CA GLU A 9 -6.17 -3.11 1.69
C GLU A 9 -6.82 -3.17 0.31
N GLU A 10 -8.08 -2.75 0.26
CA GLU A 10 -8.84 -2.73 -0.97
C GLU A 10 -8.30 -1.67 -1.95
N LYS A 11 -8.25 -0.43 -1.49
CA LYS A 11 -7.95 0.70 -2.34
C LYS A 11 -6.53 0.65 -2.92
N LEU A 12 -5.55 0.40 -2.07
CA LEU A 12 -4.15 0.39 -2.50
C LEU A 12 -3.91 -0.77 -3.46
N LYS A 13 -4.59 -1.89 -3.22
CA LYS A 13 -4.55 -3.02 -4.14
C LYS A 13 -4.88 -2.56 -5.55
N GLU A 14 -6.01 -1.87 -5.68
CA GLU A 14 -6.50 -1.44 -6.97
C GLU A 14 -5.67 -0.28 -7.51
N PHE A 15 -5.03 0.47 -6.62
CA PHE A 15 -4.22 1.61 -7.03
C PHE A 15 -2.90 1.15 -7.62
N VAL A 16 -2.42 -0.02 -7.21
CA VAL A 16 -1.21 -0.59 -7.77
C VAL A 16 -1.53 -1.51 -8.94
N LYS A 17 -2.48 -2.42 -8.72
CA LYS A 17 -2.85 -3.40 -9.74
C LYS A 17 -3.62 -2.75 -10.88
N ARG A 18 -4.74 -2.14 -10.55
CA ARG A 18 -5.70 -1.69 -11.55
C ARG A 18 -5.37 -0.30 -12.09
N HIS A 19 -4.47 0.39 -11.43
CA HIS A 19 -4.08 1.72 -11.87
C HIS A 19 -2.69 1.68 -12.52
N GLN A 20 -2.13 2.87 -12.75
CA GLN A 20 -0.87 3.00 -13.48
C GLN A 20 0.34 2.73 -12.59
N ARG A 21 0.18 1.80 -11.64
CA ARG A 21 1.28 1.34 -10.77
C ARG A 21 1.64 2.36 -9.69
N ILE A 22 1.76 3.64 -10.10
CA ILE A 22 2.11 4.79 -9.25
C ILE A 22 3.54 4.67 -8.68
N THR A 23 4.23 5.80 -8.63
CA THR A 23 5.58 5.85 -8.11
C THR A 23 5.60 5.81 -6.58
N GLN A 24 6.64 5.20 -6.01
CA GLN A 24 6.77 5.03 -4.57
C GLN A 24 6.74 6.39 -3.85
N GLU A 25 7.36 7.39 -4.47
CA GLU A 25 7.35 8.75 -3.94
C GLU A 25 5.93 9.21 -3.64
N GLU A 26 5.10 9.23 -4.68
CA GLU A 26 3.72 9.69 -4.56
C GLU A 26 2.91 8.69 -3.75
N LEU A 27 3.27 7.41 -3.87
CA LEU A 27 2.61 6.34 -3.13
C LEU A 27 2.71 6.56 -1.63
N HIS A 28 3.90 6.90 -1.15
CA HIS A 28 4.12 7.06 0.27
C HIS A 28 3.32 8.24 0.82
N GLN A 29 3.24 9.31 0.05
CA GLN A 29 2.44 10.45 0.44
C GLN A 29 0.96 10.07 0.42
N TYR A 30 0.58 9.26 -0.56
CA TYR A 30 -0.78 8.75 -0.68
C TYR A 30 -1.08 7.82 0.50
N ALA A 31 -0.06 7.12 0.98
CA ALA A 31 -0.20 6.24 2.12
C ALA A 31 -0.59 7.03 3.36
N GLN A 32 0.09 8.16 3.56
CA GLN A 32 -0.16 9.01 4.71
C GLN A 32 -1.53 9.66 4.60
N ARG A 33 -1.99 9.82 3.36
CA ARG A 33 -3.33 10.34 3.10
C ARG A 33 -4.39 9.34 3.56
N LEU A 34 -4.10 8.05 3.37
CA LEU A 34 -5.04 7.00 3.71
C LEU A 34 -4.96 6.63 5.19
N GLY A 35 -3.90 7.06 5.85
CA GLY A 35 -3.70 6.71 7.24
C GLY A 35 -2.83 5.48 7.39
N LEU A 36 -1.79 5.40 6.58
CA LEU A 36 -0.97 4.20 6.53
C LEU A 36 0.29 4.27 7.36
N ASN A 37 0.57 3.14 7.98
CA ASN A 37 1.84 2.86 8.61
C ASN A 37 2.69 2.04 7.65
N GLU A 38 3.98 1.89 7.92
CA GLU A 38 4.86 1.17 7.02
C GLU A 38 4.52 -0.32 6.92
N GLU A 39 3.61 -0.81 7.77
CA GLU A 39 3.14 -2.18 7.67
C GLU A 39 2.62 -2.46 6.26
N ALA A 40 1.65 -1.67 5.84
CA ALA A 40 1.06 -1.82 4.52
C ALA A 40 2.01 -1.33 3.45
N ILE A 41 2.72 -0.24 3.76
CA ILE A 41 3.60 0.38 2.80
C ILE A 41 4.71 -0.56 2.36
N ARG A 42 5.40 -1.13 3.33
CA ARG A 42 6.51 -2.03 3.05
C ARG A 42 6.03 -3.39 2.59
N GLN A 43 4.85 -3.80 3.06
CA GLN A 43 4.32 -5.12 2.71
C GLN A 43 4.23 -5.28 1.19
N PHE A 44 3.65 -4.30 0.53
CA PHE A 44 3.47 -4.35 -0.91
C PHE A 44 4.81 -4.47 -1.64
N PHE A 45 5.85 -3.90 -1.07
CA PHE A 45 7.17 -3.94 -1.68
C PHE A 45 8.02 -5.10 -1.16
N GLU A 46 8.41 -5.03 0.12
CA GLU A 46 9.45 -5.89 0.67
C GLU A 46 8.99 -7.35 0.79
N GLU A 47 7.76 -7.54 1.21
CA GLU A 47 7.24 -8.88 1.43
C GLU A 47 5.82 -8.98 0.91
N PHE A 48 5.72 -8.88 -0.42
CA PHE A 48 4.44 -8.93 -1.12
C PHE A 48 3.78 -10.29 -0.91
N GLU A 49 4.47 -11.33 -1.36
CA GLU A 49 4.02 -12.71 -1.26
C GLU A 49 5.01 -13.61 -1.97
N GLN A 50 5.60 -13.08 -3.04
CA GLN A 50 6.61 -13.80 -3.81
C GLN A 50 7.98 -13.28 -3.38
N ARG A 51 8.05 -12.00 -3.09
CA ARG A 51 9.22 -11.42 -2.44
C ARG A 51 9.08 -11.65 -0.94
N LYS A 52 10.05 -12.32 -0.34
CA LYS A 52 10.00 -12.60 1.09
C LYS A 52 11.38 -12.96 1.60
N MET A 1 -2.20 -7.31 11.89
CA MET A 1 -3.66 -7.47 12.09
C MET A 1 -4.35 -6.10 12.01
N LYS A 2 -4.37 -5.36 13.11
CA LYS A 2 -4.90 -4.00 13.09
C LYS A 2 -3.75 -3.02 12.95
N GLN A 3 -3.56 -2.53 11.73
CA GLN A 3 -2.45 -1.63 11.44
C GLN A 3 -2.95 -0.50 10.54
N TRP A 4 -3.26 -0.86 9.31
CA TRP A 4 -3.84 0.09 8.38
C TRP A 4 -5.32 0.26 8.64
N SER A 5 -5.96 1.04 7.81
CA SER A 5 -7.40 1.03 7.74
C SER A 5 -7.80 0.07 6.64
N GLU A 6 -8.70 -0.88 6.95
CA GLU A 6 -9.13 -1.90 6.01
C GLU A 6 -9.55 -1.29 4.67
N ASN A 7 -10.31 -0.20 4.73
CA ASN A 7 -10.73 0.55 3.55
C ASN A 7 -9.51 0.91 2.70
N VAL A 8 -8.47 1.37 3.38
CA VAL A 8 -7.26 1.84 2.72
C VAL A 8 -6.50 0.70 2.08
N GLU A 9 -6.31 -0.37 2.85
CA GLU A 9 -5.58 -1.55 2.38
C GLU A 9 -6.20 -2.08 1.10
N GLU A 10 -7.52 -2.18 1.09
CA GLU A 10 -8.26 -2.62 -0.07
C GLU A 10 -8.00 -1.68 -1.26
N LYS A 11 -8.15 -0.39 -1.00
CA LYS A 11 -8.02 0.62 -2.05
C LYS A 11 -6.59 0.67 -2.62
N LEU A 12 -5.61 0.56 -1.75
CA LEU A 12 -4.20 0.57 -2.17
C LEU A 12 -3.91 -0.55 -3.14
N LYS A 13 -4.46 -1.73 -2.86
CA LYS A 13 -4.31 -2.87 -3.75
C LYS A 13 -4.87 -2.53 -5.12
N GLU A 14 -6.06 -1.95 -5.13
CA GLU A 14 -6.72 -1.58 -6.38
C GLU A 14 -5.94 -0.49 -7.10
N PHE A 15 -5.32 0.40 -6.33
CA PHE A 15 -4.57 1.50 -6.90
C PHE A 15 -3.29 1.01 -7.57
N VAL A 16 -2.72 -0.06 -7.04
CA VAL A 16 -1.54 -0.66 -7.64
C VAL A 16 -1.93 -1.67 -8.73
N LYS A 17 -2.80 -2.61 -8.37
CA LYS A 17 -3.17 -3.71 -9.26
C LYS A 17 -4.07 -3.25 -10.40
N ARG A 18 -5.15 -2.56 -10.05
CA ARG A 18 -6.19 -2.25 -11.03
C ARG A 18 -5.88 -0.96 -11.78
N HIS A 19 -4.85 -0.25 -11.34
CA HIS A 19 -4.45 0.97 -12.01
C HIS A 19 -3.13 0.76 -12.75
N GLN A 20 -2.55 1.84 -13.25
CA GLN A 20 -1.32 1.77 -14.04
C GLN A 20 -0.09 1.66 -13.15
N ARG A 21 -0.26 1.17 -11.93
CA ARG A 21 0.79 1.19 -10.92
C ARG A 21 1.15 2.63 -10.57
N ILE A 22 2.10 2.82 -9.65
CA ILE A 22 2.44 4.15 -9.19
C ILE A 22 3.86 4.17 -8.61
N THR A 23 4.53 5.31 -8.77
CA THR A 23 5.89 5.48 -8.28
C THR A 23 5.96 5.52 -6.76
N GLN A 24 7.13 5.18 -6.23
CA GLN A 24 7.32 4.92 -4.80
C GLN A 24 7.01 6.15 -3.92
N GLU A 25 7.53 7.31 -4.31
CA GLU A 25 7.36 8.51 -3.50
C GLU A 25 5.89 8.89 -3.38
N GLU A 26 5.21 8.95 -4.52
CA GLU A 26 3.78 9.25 -4.56
C GLU A 26 2.98 8.16 -3.86
N LEU A 27 3.48 6.93 -3.93
CA LEU A 27 2.87 5.80 -3.24
C LEU A 27 2.90 6.06 -1.74
N HIS A 28 4.07 6.42 -1.23
CA HIS A 28 4.26 6.65 0.19
C HIS A 28 3.45 7.84 0.65
N GLN A 29 3.40 8.88 -0.17
CA GLN A 29 2.61 10.07 0.10
C GLN A 29 1.13 9.69 0.21
N TYR A 30 0.70 8.81 -0.69
CA TYR A 30 -0.69 8.37 -0.75
C TYR A 30 -1.04 7.54 0.49
N ALA A 31 -0.01 6.91 1.08
CA ALA A 31 -0.20 6.07 2.25
C ALA A 31 -0.63 6.88 3.46
N GLN A 32 0.16 7.90 3.80
CA GLN A 32 -0.15 8.75 4.94
C GLN A 32 -1.40 9.58 4.68
N ARG A 33 -1.72 9.79 3.41
CA ARG A 33 -2.90 10.54 3.02
C ARG A 33 -4.18 9.79 3.40
N LEU A 34 -4.18 8.47 3.23
CA LEU A 34 -5.37 7.69 3.46
C LEU A 34 -5.37 6.99 4.83
N GLY A 35 -4.20 6.70 5.37
CA GLY A 35 -4.14 6.07 6.67
C GLY A 35 -3.41 4.74 6.69
N LEU A 36 -2.29 4.67 5.97
CA LEU A 36 -1.41 3.52 6.07
C LEU A 36 -0.36 3.76 7.15
N ASN A 37 0.31 2.69 7.53
CA ASN A 37 1.49 2.78 8.38
C ASN A 37 2.63 2.04 7.69
N GLU A 38 3.84 2.28 8.14
CA GLU A 38 5.04 1.84 7.42
C GLU A 38 5.08 0.33 7.22
N GLU A 39 4.57 -0.42 8.19
CA GLU A 39 4.48 -1.88 8.07
C GLU A 39 3.68 -2.26 6.83
N ALA A 40 2.48 -1.71 6.74
CA ALA A 40 1.57 -1.99 5.63
C ALA A 40 2.18 -1.58 4.30
N ILE A 41 2.99 -0.54 4.33
CA ILE A 41 3.60 -0.01 3.12
C ILE A 41 4.69 -0.97 2.63
N ARG A 42 5.42 -1.53 3.58
CA ARG A 42 6.45 -2.51 3.26
C ARG A 42 5.82 -3.79 2.70
N GLN A 43 4.62 -4.10 3.18
CA GLN A 43 3.89 -5.28 2.73
C GLN A 43 3.60 -5.21 1.24
N PHE A 44 3.20 -4.04 0.77
CA PHE A 44 2.79 -3.84 -0.61
C PHE A 44 3.97 -3.95 -1.59
N PHE A 45 5.17 -3.66 -1.11
CA PHE A 45 6.35 -3.81 -1.94
C PHE A 45 7.00 -5.17 -1.75
N GLU A 46 7.46 -5.43 -0.54
CA GLU A 46 8.26 -6.61 -0.25
C GLU A 46 7.42 -7.87 -0.14
N GLU A 47 6.65 -7.97 0.93
CA GLU A 47 5.89 -9.19 1.25
C GLU A 47 4.65 -9.35 0.37
N PHE A 48 4.68 -8.64 -0.75
CA PHE A 48 3.59 -8.65 -1.71
C PHE A 48 3.78 -9.76 -2.72
N GLU A 49 5.01 -9.83 -3.26
CA GLU A 49 5.36 -10.82 -4.27
C GLU A 49 6.86 -10.77 -4.57
N GLN A 50 7.45 -9.58 -4.45
CA GLN A 50 8.85 -9.37 -4.78
C GLN A 50 9.71 -9.55 -3.53
N ARG A 51 9.31 -10.53 -2.73
CA ARG A 51 9.96 -10.80 -1.45
C ARG A 51 11.10 -11.81 -1.63
N LYS A 52 12.06 -11.74 -0.70
CA LYS A 52 13.23 -12.63 -0.68
C LYS A 52 13.80 -12.91 -2.07
N MET A 1 -3.00 -9.22 12.15
CA MET A 1 -3.41 -8.06 12.96
C MET A 1 -3.64 -6.86 12.04
N LYS A 2 -4.38 -5.86 12.51
CA LYS A 2 -4.66 -4.70 11.68
C LYS A 2 -3.66 -3.58 11.93
N GLN A 3 -2.77 -3.37 10.97
CA GLN A 3 -1.76 -2.32 11.06
C GLN A 3 -2.17 -1.14 10.22
N TRP A 4 -2.49 -1.42 8.97
CA TRP A 4 -3.06 -0.45 8.08
C TRP A 4 -4.53 -0.26 8.38
N SER A 5 -5.14 0.69 7.72
CA SER A 5 -6.57 0.77 7.75
C SER A 5 -7.12 -0.33 6.86
N GLU A 6 -7.90 -1.21 7.47
CA GLU A 6 -8.50 -2.37 6.80
C GLU A 6 -8.93 -2.08 5.35
N ASN A 7 -9.59 -0.95 5.12
CA ASN A 7 -10.11 -0.63 3.79
C ASN A 7 -9.03 -0.14 2.84
N VAL A 8 -7.95 0.37 3.39
CA VAL A 8 -6.86 0.91 2.59
C VAL A 8 -6.15 -0.22 1.86
N GLU A 9 -6.05 -1.39 2.51
CA GLU A 9 -5.52 -2.59 1.89
C GLU A 9 -6.10 -2.78 0.48
N GLU A 10 -7.42 -2.76 0.39
CA GLU A 10 -8.12 -2.92 -0.87
C GLU A 10 -7.69 -1.87 -1.89
N LYS A 11 -7.80 -0.61 -1.51
CA LYS A 11 -7.60 0.49 -2.44
C LYS A 11 -6.13 0.65 -2.80
N LEU A 12 -5.23 0.24 -1.93
CA LEU A 12 -3.81 0.26 -2.23
C LEU A 12 -3.49 -0.82 -3.25
N LYS A 13 -4.16 -1.96 -3.12
CA LYS A 13 -4.08 -3.00 -4.13
C LYS A 13 -4.49 -2.44 -5.48
N GLU A 14 -5.63 -1.75 -5.48
CA GLU A 14 -6.15 -1.12 -6.69
C GLU A 14 -5.20 -0.05 -7.19
N PHE A 15 -4.71 0.79 -6.28
CA PHE A 15 -3.91 1.93 -6.64
C PHE A 15 -2.52 1.53 -7.15
N VAL A 16 -2.00 0.42 -6.65
CA VAL A 16 -0.70 -0.07 -7.11
C VAL A 16 -0.84 -0.91 -8.37
N LYS A 17 -1.73 -1.90 -8.33
CA LYS A 17 -1.83 -2.88 -9.41
C LYS A 17 -2.73 -2.39 -10.52
N ARG A 18 -3.91 -1.91 -10.17
CA ARG A 18 -4.94 -1.60 -11.14
C ARG A 18 -4.94 -0.12 -11.54
N HIS A 19 -3.93 0.63 -11.10
CA HIS A 19 -3.75 2.01 -11.53
C HIS A 19 -2.50 2.12 -12.39
N GLN A 20 -2.06 0.99 -12.94
CA GLN A 20 -0.90 0.94 -13.83
C GLN A 20 0.40 1.28 -13.09
N ARG A 21 0.41 0.99 -11.78
CA ARG A 21 1.59 1.22 -10.92
C ARG A 21 1.87 2.70 -10.75
N ILE A 22 2.83 3.02 -9.88
CA ILE A 22 3.16 4.40 -9.57
C ILE A 22 4.46 4.47 -8.77
N THR A 23 5.17 5.59 -8.90
CA THR A 23 6.41 5.81 -8.16
C THR A 23 6.18 5.79 -6.64
N GLN A 24 7.21 5.36 -5.93
CA GLN A 24 7.15 5.18 -4.48
C GLN A 24 6.83 6.49 -3.76
N GLU A 25 7.26 7.60 -4.35
CA GLU A 25 7.00 8.93 -3.79
C GLU A 25 5.50 9.17 -3.63
N GLU A 26 4.79 9.15 -4.76
CA GLU A 26 3.35 9.38 -4.77
C GLU A 26 2.62 8.23 -4.08
N LEU A 27 3.25 7.07 -4.07
CA LEU A 27 2.72 5.91 -3.37
C LEU A 27 2.70 6.20 -1.87
N HIS A 28 3.84 6.63 -1.33
CA HIS A 28 3.94 6.96 0.09
C HIS A 28 3.05 8.16 0.42
N GLN A 29 3.01 9.11 -0.50
CA GLN A 29 2.13 10.26 -0.38
C GLN A 29 0.68 9.79 -0.18
N TYR A 30 0.30 8.78 -0.94
CA TYR A 30 -1.04 8.23 -0.88
C TYR A 30 -1.22 7.36 0.37
N ALA A 31 -0.11 6.77 0.83
CA ALA A 31 -0.14 5.88 1.99
C ALA A 31 -0.46 6.67 3.25
N GLN A 32 0.31 7.73 3.46
CA GLN A 32 0.10 8.59 4.62
C GLN A 32 -1.20 9.36 4.48
N ARG A 33 -1.69 9.47 3.25
CA ARG A 33 -2.94 10.17 2.98
C ARG A 33 -4.14 9.36 3.48
N LEU A 34 -4.11 8.05 3.29
CA LEU A 34 -5.24 7.21 3.69
C LEU A 34 -5.07 6.65 5.10
N GLY A 35 -3.85 6.66 5.62
CA GLY A 35 -3.65 6.26 6.99
C GLY A 35 -2.74 5.06 7.16
N LEU A 36 -1.68 4.99 6.37
CA LEU A 36 -0.71 3.91 6.51
C LEU A 36 0.52 4.38 7.23
N ASN A 37 0.98 3.58 8.18
CA ASN A 37 2.29 3.77 8.78
C ASN A 37 3.31 2.93 8.02
N GLU A 38 4.59 3.29 8.10
CA GLU A 38 5.64 2.66 7.31
C GLU A 38 5.63 1.13 7.45
N GLU A 39 5.27 0.63 8.63
CA GLU A 39 5.11 -0.81 8.83
C GLU A 39 4.10 -1.37 7.84
N ALA A 40 2.92 -0.79 7.83
CA ALA A 40 1.83 -1.26 6.96
C ALA A 40 2.16 -0.99 5.50
N ILE A 41 2.94 0.06 5.25
CA ILE A 41 3.36 0.39 3.90
C ILE A 41 4.28 -0.68 3.36
N ARG A 42 5.32 -1.01 4.14
CA ARG A 42 6.26 -2.06 3.74
C ARG A 42 5.57 -3.42 3.75
N GLN A 43 4.70 -3.63 4.74
CA GLN A 43 3.94 -4.88 4.88
C GLN A 43 3.24 -5.23 3.58
N PHE A 44 2.74 -4.22 2.89
CA PHE A 44 2.01 -4.43 1.66
C PHE A 44 2.96 -4.91 0.55
N PHE A 45 4.08 -4.22 0.39
CA PHE A 45 5.04 -4.56 -0.67
C PHE A 45 5.69 -5.91 -0.43
N GLU A 46 6.11 -6.16 0.80
CA GLU A 46 6.89 -7.35 1.14
C GLU A 46 6.07 -8.62 0.97
N GLU A 47 4.81 -8.58 1.34
CA GLU A 47 3.97 -9.76 1.25
C GLU A 47 3.32 -9.89 -0.11
N PHE A 48 3.57 -8.93 -0.99
CA PHE A 48 3.32 -9.12 -2.38
C PHE A 48 4.56 -9.64 -3.07
N GLU A 49 5.38 -8.69 -3.52
CA GLU A 49 6.55 -8.95 -4.35
C GLU A 49 6.28 -10.08 -5.31
N GLN A 50 5.06 -10.08 -5.86
CA GLN A 50 4.62 -11.10 -6.82
C GLN A 50 5.13 -12.49 -6.46
N ARG A 51 5.14 -12.79 -5.17
CA ARG A 51 5.64 -14.05 -4.65
C ARG A 51 4.48 -14.93 -4.18
N LYS A 52 4.73 -16.23 -4.13
CA LYS A 52 3.74 -17.16 -3.62
C LYS A 52 4.42 -18.14 -2.67
N MET A 1 -3.91 -8.36 12.81
CA MET A 1 -5.27 -8.03 12.35
C MET A 1 -5.26 -6.79 11.46
N LYS A 2 -5.06 -5.63 12.07
CA LYS A 2 -5.02 -4.38 11.34
C LYS A 2 -3.74 -3.61 11.65
N GLN A 3 -2.89 -3.47 10.65
CA GLN A 3 -1.63 -2.74 10.81
C GLN A 3 -1.70 -1.46 10.01
N TRP A 4 -2.91 -1.17 9.55
CA TRP A 4 -3.18 -0.11 8.61
C TRP A 4 -4.66 0.20 8.62
N SER A 5 -5.10 1.02 7.68
CA SER A 5 -6.51 1.18 7.43
C SER A 5 -6.93 0.16 6.37
N GLU A 6 -7.78 -0.80 6.77
CA GLU A 6 -8.28 -1.85 5.87
C GLU A 6 -8.74 -1.28 4.52
N ASN A 7 -9.43 -0.15 4.55
CA ASN A 7 -9.86 0.53 3.33
C ASN A 7 -8.69 0.73 2.39
N VAL A 8 -7.55 1.08 2.97
CA VAL A 8 -6.36 1.39 2.21
C VAL A 8 -5.76 0.15 1.58
N GLU A 9 -5.59 -0.90 2.37
CA GLU A 9 -5.01 -2.14 1.87
C GLU A 9 -5.77 -2.61 0.63
N GLU A 10 -7.09 -2.56 0.72
CA GLU A 10 -7.96 -2.87 -0.39
C GLU A 10 -7.61 -2.05 -1.62
N LYS A 11 -7.65 -0.75 -1.47
CA LYS A 11 -7.56 0.16 -2.59
C LYS A 11 -6.12 0.39 -3.04
N LEU A 12 -5.18 0.06 -2.17
CA LEU A 12 -3.77 0.13 -2.52
C LEU A 12 -3.45 -0.98 -3.51
N LYS A 13 -3.97 -2.17 -3.21
CA LYS A 13 -3.93 -3.30 -4.14
C LYS A 13 -4.47 -2.88 -5.49
N GLU A 14 -5.63 -2.22 -5.45
CA GLU A 14 -6.28 -1.77 -6.66
C GLU A 14 -5.44 -0.71 -7.37
N PHE A 15 -4.93 0.25 -6.62
CA PHE A 15 -4.23 1.39 -7.18
C PHE A 15 -2.85 1.01 -7.72
N VAL A 16 -2.28 -0.07 -7.20
CA VAL A 16 -0.97 -0.52 -7.67
C VAL A 16 -1.12 -1.56 -8.77
N LYS A 17 -1.88 -2.63 -8.51
CA LYS A 17 -1.99 -3.73 -9.44
C LYS A 17 -3.00 -3.43 -10.56
N ARG A 18 -4.17 -2.93 -10.18
CA ARG A 18 -5.26 -2.75 -11.13
C ARG A 18 -5.18 -1.40 -11.84
N HIS A 19 -4.64 -0.40 -11.16
CA HIS A 19 -4.51 0.94 -11.72
C HIS A 19 -3.19 1.10 -12.47
N GLN A 20 -2.68 2.33 -12.50
CA GLN A 20 -1.53 2.69 -13.32
C GLN A 20 -0.22 2.09 -12.81
N ARG A 21 -0.23 1.56 -11.58
CA ARG A 21 0.98 1.06 -10.91
C ARG A 21 1.84 2.26 -10.49
N ILE A 22 2.13 2.36 -9.21
CA ILE A 22 2.70 3.57 -8.66
C ILE A 22 3.98 3.29 -7.86
N THR A 23 4.90 4.24 -7.85
CA THR A 23 6.16 4.13 -7.13
C THR A 23 5.97 4.49 -5.65
N GLN A 24 6.94 4.10 -4.83
CA GLN A 24 6.82 4.26 -3.38
C GLN A 24 6.74 5.73 -2.95
N GLU A 25 7.37 6.62 -3.70
CA GLU A 25 7.35 8.04 -3.35
C GLU A 25 5.93 8.57 -3.30
N GLU A 26 5.24 8.50 -4.43
CA GLU A 26 3.88 9.01 -4.52
C GLU A 26 2.94 8.12 -3.70
N LEU A 27 3.32 6.86 -3.57
CA LEU A 27 2.57 5.91 -2.75
C LEU A 27 2.57 6.37 -1.29
N HIS A 28 3.72 6.84 -0.83
CA HIS A 28 3.87 7.23 0.57
C HIS A 28 3.01 8.44 0.90
N GLN A 29 2.89 9.35 -0.06
CA GLN A 29 2.01 10.50 0.09
C GLN A 29 0.58 10.01 0.22
N TYR A 30 0.19 9.14 -0.70
CA TYR A 30 -1.14 8.54 -0.71
C TYR A 30 -1.38 7.72 0.57
N ALA A 31 -0.29 7.19 1.11
CA ALA A 31 -0.35 6.35 2.31
C ALA A 31 -0.72 7.17 3.53
N GLN A 32 0.04 8.21 3.80
CA GLN A 32 -0.18 9.03 4.99
C GLN A 32 -1.50 9.78 4.89
N ARG A 33 -1.91 10.07 3.67
CA ARG A 33 -3.19 10.70 3.43
C ARG A 33 -4.35 9.78 3.83
N LEU A 34 -4.12 8.47 3.76
CA LEU A 34 -5.16 7.50 4.06
C LEU A 34 -4.96 6.86 5.44
N GLY A 35 -3.95 7.32 6.17
CA GLY A 35 -3.76 6.85 7.53
C GLY A 35 -2.84 5.65 7.63
N LEU A 36 -1.76 5.64 6.85
CA LEU A 36 -0.81 4.53 6.89
C LEU A 36 0.45 4.87 7.64
N ASN A 37 0.88 3.92 8.46
CA ASN A 37 2.21 3.96 9.05
C ASN A 37 3.16 3.17 8.14
N GLU A 38 4.45 3.50 8.22
CA GLU A 38 5.47 2.93 7.35
C GLU A 38 5.47 1.39 7.41
N GLU A 39 5.11 0.86 8.57
CA GLU A 39 4.98 -0.58 8.77
C GLU A 39 4.09 -1.18 7.69
N ALA A 40 2.88 -0.65 7.62
CA ALA A 40 1.89 -1.13 6.67
C ALA A 40 2.31 -0.86 5.23
N ILE A 41 2.96 0.28 5.03
CA ILE A 41 3.40 0.68 3.71
C ILE A 41 4.33 -0.38 3.13
N ARG A 42 5.32 -0.80 3.91
CA ARG A 42 6.23 -1.84 3.47
C ARG A 42 5.55 -3.20 3.50
N GLN A 43 4.68 -3.40 4.49
CA GLN A 43 4.01 -4.68 4.70
C GLN A 43 3.30 -5.16 3.43
N PHE A 44 2.60 -4.24 2.77
CA PHE A 44 1.81 -4.59 1.60
C PHE A 44 2.59 -4.37 0.30
N PHE A 45 3.26 -3.22 0.19
CA PHE A 45 3.96 -2.84 -1.03
C PHE A 45 5.12 -3.76 -1.35
N GLU A 46 5.89 -4.14 -0.35
CA GLU A 46 7.07 -4.94 -0.58
C GLU A 46 6.71 -6.41 -0.70
N GLU A 47 6.04 -6.93 0.32
CA GLU A 47 5.70 -8.35 0.36
C GLU A 47 4.46 -8.62 -0.49
N PHE A 48 4.34 -7.88 -1.58
CA PHE A 48 3.21 -7.99 -2.48
C PHE A 48 3.31 -9.27 -3.29
N GLU A 49 4.35 -9.37 -4.12
CA GLU A 49 4.56 -10.55 -4.96
C GLU A 49 5.86 -10.44 -5.76
N GLN A 50 6.20 -9.23 -6.18
CA GLN A 50 7.26 -9.03 -7.15
C GLN A 50 8.52 -8.47 -6.50
N ARG A 51 8.69 -8.72 -5.21
CA ARG A 51 9.90 -8.29 -4.52
C ARG A 51 11.00 -9.33 -4.72
N LYS A 52 12.19 -9.02 -4.20
CA LYS A 52 13.39 -9.82 -4.40
C LYS A 52 13.92 -9.62 -5.82
N MET A 1 -3.69 -7.14 15.42
CA MET A 1 -4.78 -7.62 14.52
C MET A 1 -4.78 -6.84 13.21
N LYS A 2 -5.16 -5.57 13.29
CA LYS A 2 -5.20 -4.70 12.12
C LYS A 2 -4.10 -3.65 12.25
N GLN A 3 -3.24 -3.58 11.25
CA GLN A 3 -2.01 -2.79 11.36
C GLN A 3 -2.04 -1.62 10.39
N TRP A 4 -3.24 -1.33 9.90
CA TRP A 4 -3.48 -0.27 8.95
C TRP A 4 -4.96 0.04 8.91
N SER A 5 -5.39 0.80 7.93
CA SER A 5 -6.81 0.95 7.67
C SER A 5 -7.23 -0.18 6.75
N GLU A 6 -8.03 -1.10 7.29
CA GLU A 6 -8.50 -2.29 6.58
C GLU A 6 -8.99 -1.97 5.15
N ASN A 7 -9.73 -0.89 5.01
CA ASN A 7 -10.29 -0.52 3.70
C ASN A 7 -9.19 -0.07 2.76
N VAL A 8 -8.09 0.38 3.32
CA VAL A 8 -7.01 0.95 2.55
C VAL A 8 -6.22 -0.13 1.81
N GLU A 9 -5.87 -1.21 2.49
CA GLU A 9 -5.05 -2.26 1.87
C GLU A 9 -5.73 -2.79 0.61
N GLU A 10 -7.05 -2.85 0.65
CA GLU A 10 -7.85 -3.20 -0.50
C GLU A 10 -7.62 -2.22 -1.66
N LYS A 11 -7.92 -0.95 -1.39
CA LYS A 11 -7.91 0.08 -2.41
C LYS A 11 -6.49 0.44 -2.84
N LEU A 12 -5.53 0.22 -1.95
CA LEU A 12 -4.12 0.44 -2.25
C LEU A 12 -3.70 -0.45 -3.41
N LYS A 13 -4.02 -1.73 -3.31
CA LYS A 13 -3.72 -2.69 -4.36
C LYS A 13 -4.44 -2.29 -5.65
N GLU A 14 -5.66 -1.81 -5.51
CA GLU A 14 -6.45 -1.38 -6.64
C GLU A 14 -5.79 -0.22 -7.38
N PHE A 15 -5.18 0.68 -6.63
CA PHE A 15 -4.62 1.89 -7.19
C PHE A 15 -3.17 1.69 -7.66
N VAL A 16 -2.52 0.66 -7.16
CA VAL A 16 -1.17 0.34 -7.59
C VAL A 16 -1.18 -0.71 -8.69
N LYS A 17 -1.61 -1.91 -8.32
CA LYS A 17 -1.60 -3.06 -9.23
C LYS A 17 -2.55 -2.86 -10.40
N ARG A 18 -3.70 -2.26 -10.13
CA ARG A 18 -4.76 -2.22 -11.12
C ARG A 18 -4.95 -0.82 -11.68
N HIS A 19 -3.94 0.04 -11.52
CA HIS A 19 -4.01 1.40 -12.03
C HIS A 19 -2.72 1.82 -12.71
N GLN A 20 -2.14 0.91 -13.51
CA GLN A 20 -0.95 1.20 -14.31
C GLN A 20 0.27 1.48 -13.43
N ARG A 21 0.23 1.00 -12.18
CA ARG A 21 1.32 1.18 -11.22
C ARG A 21 1.49 2.64 -10.81
N ILE A 22 2.38 2.89 -9.87
CA ILE A 22 2.66 4.23 -9.39
C ILE A 22 4.05 4.29 -8.76
N THR A 23 4.72 5.43 -8.86
CA THR A 23 6.04 5.60 -8.27
C THR A 23 5.96 5.61 -6.75
N GLN A 24 7.03 5.13 -6.11
CA GLN A 24 7.09 5.04 -4.66
C GLN A 24 6.93 6.43 -4.03
N GLU A 25 7.39 7.44 -4.76
CA GLU A 25 7.26 8.84 -4.33
C GLU A 25 5.82 9.18 -3.96
N GLU A 26 4.94 9.20 -4.97
CA GLU A 26 3.55 9.57 -4.75
C GLU A 26 2.84 8.49 -3.94
N LEU A 27 3.33 7.27 -4.03
CA LEU A 27 2.75 6.14 -3.32
C LEU A 27 2.83 6.37 -1.82
N HIS A 28 3.99 6.80 -1.33
CA HIS A 28 4.16 7.02 0.11
C HIS A 28 3.28 8.17 0.59
N GLN A 29 3.17 9.20 -0.22
CA GLN A 29 2.28 10.32 0.08
C GLN A 29 0.86 9.78 0.21
N TYR A 30 0.46 9.01 -0.80
CA TYR A 30 -0.87 8.41 -0.85
C TYR A 30 -1.12 7.53 0.38
N ALA A 31 -0.07 6.82 0.81
CA ALA A 31 -0.17 5.93 1.94
C ALA A 31 -0.52 6.71 3.20
N GLN A 32 0.15 7.83 3.39
CA GLN A 32 -0.06 8.65 4.58
C GLN A 32 -1.37 9.43 4.47
N ARG A 33 -1.85 9.59 3.25
CA ARG A 33 -3.11 10.27 3.02
C ARG A 33 -4.28 9.34 3.34
N LEU A 34 -4.09 8.05 3.09
CA LEU A 34 -5.14 7.07 3.38
C LEU A 34 -5.13 6.67 4.85
N GLY A 35 -3.95 6.71 5.47
CA GLY A 35 -3.84 6.37 6.88
C GLY A 35 -2.94 5.19 7.14
N LEU A 36 -1.83 5.11 6.43
CA LEU A 36 -0.89 4.02 6.59
C LEU A 36 0.34 4.44 7.36
N ASN A 37 0.76 3.58 8.27
CA ASN A 37 2.04 3.70 8.93
C ASN A 37 3.06 2.85 8.19
N GLU A 38 4.34 3.19 8.31
CA GLU A 38 5.41 2.53 7.55
C GLU A 38 5.39 1.01 7.72
N GLU A 39 4.91 0.55 8.86
CA GLU A 39 4.77 -0.87 9.15
C GLU A 39 3.95 -1.57 8.05
N ALA A 40 2.81 -0.97 7.72
CA ALA A 40 1.91 -1.54 6.74
C ALA A 40 2.39 -1.23 5.33
N ILE A 41 3.11 -0.12 5.18
CA ILE A 41 3.63 0.28 3.89
C ILE A 41 4.65 -0.74 3.39
N ARG A 42 5.67 -1.01 4.19
CA ARG A 42 6.68 -2.00 3.82
C ARG A 42 6.08 -3.40 3.81
N GLN A 43 5.09 -3.61 4.68
CA GLN A 43 4.36 -4.87 4.75
C GLN A 43 3.77 -5.25 3.39
N PHE A 44 3.26 -4.25 2.69
CA PHE A 44 2.61 -4.45 1.41
C PHE A 44 3.63 -4.71 0.30
N PHE A 45 4.80 -4.10 0.41
CA PHE A 45 5.82 -4.22 -0.62
C PHE A 45 6.59 -5.53 -0.51
N GLU A 46 7.02 -5.89 0.69
CA GLU A 46 7.85 -7.07 0.85
C GLU A 46 7.04 -8.36 0.86
N GLU A 47 5.75 -8.25 1.10
CA GLU A 47 4.87 -9.42 1.07
C GLU A 47 3.88 -9.28 -0.09
N PHE A 48 4.33 -8.66 -1.16
CA PHE A 48 3.49 -8.50 -2.33
C PHE A 48 3.41 -9.82 -3.09
N GLU A 49 2.42 -9.91 -3.96
CA GLU A 49 2.12 -11.15 -4.67
C GLU A 49 3.20 -11.50 -5.70
N GLN A 50 3.95 -10.50 -6.12
CA GLN A 50 4.97 -10.70 -7.15
C GLN A 50 6.28 -11.16 -6.56
N ARG A 51 6.54 -10.79 -5.30
CA ARG A 51 7.80 -11.08 -4.67
C ARG A 51 7.85 -12.52 -4.18
N LYS A 52 8.97 -13.19 -4.42
CA LYS A 52 9.18 -14.55 -3.98
C LYS A 52 10.53 -14.66 -3.26
N MET A 1 -2.16 -7.88 9.36
CA MET A 1 -2.51 -7.66 10.77
C MET A 1 -3.10 -6.27 10.98
N LYS A 2 -3.61 -6.02 12.18
CA LYS A 2 -4.12 -4.71 12.55
C LYS A 2 -3.01 -3.67 12.51
N GLN A 3 -3.18 -2.65 11.68
CA GLN A 3 -2.18 -1.58 11.53
C GLN A 3 -2.68 -0.49 10.59
N TRP A 4 -3.11 -0.90 9.40
CA TRP A 4 -3.62 0.04 8.43
C TRP A 4 -5.14 0.10 8.49
N SER A 5 -5.72 0.78 7.52
CA SER A 5 -7.15 0.71 7.32
C SER A 5 -7.45 -0.33 6.25
N GLU A 6 -8.31 -1.29 6.57
CA GLU A 6 -8.69 -2.35 5.64
C GLU A 6 -9.12 -1.76 4.30
N ASN A 7 -9.89 -0.68 4.36
CA ASN A 7 -10.33 0.02 3.16
C ASN A 7 -9.15 0.51 2.35
N VAL A 8 -8.20 1.13 3.03
CA VAL A 8 -7.02 1.67 2.39
C VAL A 8 -6.22 0.59 1.69
N GLU A 9 -5.92 -0.47 2.44
CA GLU A 9 -5.15 -1.60 1.91
C GLU A 9 -5.83 -2.14 0.66
N GLU A 10 -7.16 -2.25 0.73
CA GLU A 10 -7.96 -2.72 -0.38
C GLU A 10 -7.85 -1.80 -1.59
N LYS A 11 -8.04 -0.50 -1.36
CA LYS A 11 -8.06 0.48 -2.45
C LYS A 11 -6.66 0.78 -2.97
N LEU A 12 -5.65 0.59 -2.13
CA LEU A 12 -4.27 0.73 -2.56
C LEU A 12 -3.98 -0.30 -3.63
N LYS A 13 -4.43 -1.52 -3.37
CA LYS A 13 -4.36 -2.60 -4.35
C LYS A 13 -5.04 -2.19 -5.65
N GLU A 14 -6.16 -1.49 -5.53
CA GLU A 14 -6.92 -1.05 -6.69
C GLU A 14 -6.17 0.03 -7.46
N PHE A 15 -5.57 0.95 -6.74
CA PHE A 15 -4.93 2.09 -7.37
C PHE A 15 -3.55 1.72 -7.92
N VAL A 16 -3.00 0.61 -7.45
CA VAL A 16 -1.74 0.12 -7.98
C VAL A 16 -1.98 -0.89 -9.10
N LYS A 17 -2.71 -1.96 -8.79
CA LYS A 17 -2.85 -3.08 -9.72
C LYS A 17 -3.96 -2.83 -10.75
N ARG A 18 -5.03 -2.16 -10.33
CA ARG A 18 -6.16 -1.88 -11.22
C ARG A 18 -5.93 -0.60 -12.00
N HIS A 19 -4.72 -0.09 -11.93
CA HIS A 19 -4.30 1.08 -12.69
C HIS A 19 -3.00 0.76 -13.40
N GLN A 20 -2.35 1.78 -13.94
CA GLN A 20 -1.04 1.58 -14.57
C GLN A 20 0.06 1.75 -13.53
N ARG A 21 -0.21 1.26 -12.33
CA ARG A 21 0.71 1.34 -11.19
C ARG A 21 0.89 2.77 -10.72
N ILE A 22 1.69 2.93 -9.68
CA ILE A 22 2.03 4.24 -9.15
C ILE A 22 3.36 4.15 -8.43
N THR A 23 4.17 5.20 -8.55
CA THR A 23 5.49 5.20 -7.95
C THR A 23 5.42 5.53 -6.46
N GLN A 24 6.47 5.16 -5.73
CA GLN A 24 6.53 5.35 -4.29
C GLN A 24 6.37 6.83 -3.91
N GLU A 25 6.71 7.71 -4.85
CA GLU A 25 6.56 9.15 -4.66
C GLU A 25 5.15 9.49 -4.15
N GLU A 26 4.17 9.30 -5.02
CA GLU A 26 2.79 9.62 -4.70
C GLU A 26 2.18 8.52 -3.83
N LEU A 27 2.68 7.30 -3.98
CA LEU A 27 2.16 6.16 -3.23
C LEU A 27 2.35 6.38 -1.74
N HIS A 28 3.53 6.87 -1.35
CA HIS A 28 3.82 7.10 0.05
C HIS A 28 2.99 8.26 0.58
N GLN A 29 2.88 9.32 -0.22
CA GLN A 29 2.04 10.45 0.17
C GLN A 29 0.61 9.98 0.37
N TYR A 30 0.17 9.11 -0.52
CA TYR A 30 -1.18 8.55 -0.49
C TYR A 30 -1.32 7.57 0.69
N ALA A 31 -0.20 7.11 1.22
CA ALA A 31 -0.21 6.14 2.30
C ALA A 31 -0.53 6.84 3.61
N GLN A 32 0.29 7.81 3.99
CA GLN A 32 0.06 8.56 5.22
C GLN A 32 -1.16 9.44 5.09
N ARG A 33 -1.59 9.62 3.86
CA ARG A 33 -2.81 10.34 3.54
C ARG A 33 -4.02 9.60 4.07
N LEU A 34 -4.07 8.30 3.78
CA LEU A 34 -5.25 7.49 4.09
C LEU A 34 -5.14 6.80 5.45
N GLY A 35 -3.94 6.68 5.98
CA GLY A 35 -3.77 6.06 7.29
C GLY A 35 -2.89 4.83 7.27
N LEU A 36 -1.79 4.89 6.51
CA LEU A 36 -0.83 3.80 6.53
C LEU A 36 0.39 4.16 7.37
N ASN A 37 0.81 3.22 8.17
CA ASN A 37 2.10 3.32 8.83
C ASN A 37 3.14 2.58 7.99
N GLU A 38 4.41 2.92 8.16
CA GLU A 38 5.49 2.38 7.34
C GLU A 38 5.50 0.85 7.37
N GLU A 39 5.07 0.27 8.48
CA GLU A 39 4.95 -1.19 8.61
C GLU A 39 4.06 -1.75 7.50
N ALA A 40 2.89 -1.14 7.32
CA ALA A 40 1.94 -1.57 6.31
C ALA A 40 2.49 -1.35 4.92
N ILE A 41 3.24 -0.28 4.76
CA ILE A 41 3.88 0.04 3.48
C ILE A 41 4.92 -1.01 3.15
N ARG A 42 5.76 -1.33 4.13
CA ARG A 42 6.78 -2.37 3.99
C ARG A 42 6.14 -3.68 3.59
N GLN A 43 5.13 -4.09 4.34
CA GLN A 43 4.44 -5.37 4.12
C GLN A 43 3.96 -5.51 2.68
N PHE A 44 3.47 -4.41 2.11
CA PHE A 44 2.86 -4.43 0.79
C PHE A 44 3.89 -4.64 -0.32
N PHE A 45 5.09 -4.10 -0.12
CA PHE A 45 6.16 -4.23 -1.11
C PHE A 45 7.00 -5.48 -0.86
N GLU A 46 7.33 -5.70 0.40
CA GLU A 46 8.21 -6.78 0.80
C GLU A 46 7.57 -8.15 0.63
N GLU A 47 6.57 -8.43 1.44
CA GLU A 47 5.96 -9.75 1.48
C GLU A 47 4.75 -9.82 0.56
N PHE A 48 4.92 -9.25 -0.62
CA PHE A 48 3.94 -9.35 -1.70
C PHE A 48 4.08 -10.74 -2.35
N GLU A 49 4.12 -10.80 -3.67
CA GLU A 49 4.43 -12.05 -4.36
C GLU A 49 5.92 -12.33 -4.32
N GLN A 50 6.68 -11.39 -3.77
CA GLN A 50 8.13 -11.49 -3.71
C GLN A 50 8.57 -12.25 -2.47
N ARG A 51 7.80 -13.25 -2.09
CA ARG A 51 8.12 -14.07 -0.93
C ARG A 51 8.79 -15.35 -1.36
N LYS A 52 9.00 -16.24 -0.41
CA LYS A 52 9.48 -17.60 -0.68
C LYS A 52 8.57 -18.30 -1.69
N MET A 1 -4.21 -10.34 12.17
CA MET A 1 -3.96 -9.03 12.80
C MET A 1 -4.24 -7.90 11.81
N LYS A 2 -4.62 -6.74 12.31
CA LYS A 2 -4.84 -5.58 11.46
C LYS A 2 -3.59 -4.70 11.48
N GLN A 3 -3.32 -4.07 10.36
CA GLN A 3 -2.17 -3.18 10.25
C GLN A 3 -2.66 -1.82 9.79
N TRP A 4 -2.90 -1.72 8.50
CA TRP A 4 -3.45 -0.53 7.90
C TRP A 4 -4.96 -0.58 7.92
N SER A 5 -5.60 0.58 7.91
CA SER A 5 -7.05 0.66 7.89
C SER A 5 -7.61 -0.22 6.78
N GLU A 6 -8.60 -1.02 7.13
CA GLU A 6 -9.24 -1.94 6.19
C GLU A 6 -9.60 -1.27 4.87
N ASN A 7 -10.07 -0.03 4.94
CA ASN A 7 -10.44 0.73 3.76
C ASN A 7 -9.21 1.09 2.92
N VAL A 8 -8.10 1.35 3.60
CA VAL A 8 -6.84 1.70 2.95
C VAL A 8 -6.28 0.49 2.22
N GLU A 9 -6.40 -0.67 2.87
CA GLU A 9 -5.95 -1.95 2.32
C GLU A 9 -6.57 -2.17 0.94
N GLU A 10 -7.82 -1.72 0.79
CA GLU A 10 -8.55 -1.85 -0.47
C GLU A 10 -7.99 -0.94 -1.56
N LYS A 11 -7.88 0.35 -1.26
CA LYS A 11 -7.50 1.34 -2.26
C LYS A 11 -6.04 1.20 -2.69
N LEU A 12 -5.16 0.97 -1.72
CA LEU A 12 -3.74 0.78 -2.03
C LEU A 12 -3.54 -0.48 -2.85
N LYS A 13 -4.39 -1.47 -2.61
CA LYS A 13 -4.40 -2.70 -3.38
C LYS A 13 -4.53 -2.40 -4.86
N GLU A 14 -5.45 -1.52 -5.19
CA GLU A 14 -5.79 -1.25 -6.57
C GLU A 14 -4.63 -0.61 -7.34
N PHE A 15 -4.00 0.40 -6.77
CA PHE A 15 -2.90 1.09 -7.46
C PHE A 15 -1.72 0.16 -7.70
N VAL A 16 -1.44 -0.71 -6.75
CA VAL A 16 -0.24 -1.52 -6.82
C VAL A 16 -0.50 -2.87 -7.50
N LYS A 17 -1.66 -3.47 -7.25
CA LYS A 17 -1.94 -4.80 -7.78
C LYS A 17 -2.65 -4.77 -9.14
N ARG A 18 -3.75 -4.04 -9.24
CA ARG A 18 -4.54 -4.09 -10.47
C ARG A 18 -4.10 -3.02 -11.46
N HIS A 19 -3.70 -1.86 -10.94
CA HIS A 19 -3.17 -0.80 -11.79
C HIS A 19 -1.71 -1.04 -12.07
N GLN A 20 -1.01 -1.39 -11.02
CA GLN A 20 0.43 -1.57 -11.04
C GLN A 20 1.09 -0.27 -11.52
N ARG A 21 0.42 0.85 -11.27
CA ARG A 21 0.86 2.14 -11.75
C ARG A 21 0.77 3.21 -10.68
N ILE A 22 1.93 3.68 -10.26
CA ILE A 22 2.06 4.71 -9.25
C ILE A 22 3.54 4.87 -8.87
N THR A 23 3.97 6.08 -8.55
CA THR A 23 5.36 6.29 -8.17
C THR A 23 5.51 6.13 -6.66
N GLN A 24 6.73 5.88 -6.20
CA GLN A 24 6.98 5.60 -4.79
C GLN A 24 6.67 6.82 -3.91
N GLU A 25 6.95 8.01 -4.43
CA GLU A 25 6.64 9.24 -3.71
C GLU A 25 5.13 9.43 -3.62
N GLU A 26 4.46 9.22 -4.75
CA GLU A 26 3.01 9.31 -4.84
C GLU A 26 2.36 8.25 -3.97
N LEU A 27 2.96 7.08 -3.93
CA LEU A 27 2.51 5.99 -3.08
C LEU A 27 2.49 6.43 -1.63
N HIS A 28 3.58 7.05 -1.19
CA HIS A 28 3.73 7.39 0.22
C HIS A 28 2.82 8.56 0.63
N GLN A 29 2.64 9.53 -0.26
CA GLN A 29 1.77 10.66 0.06
C GLN A 29 0.33 10.17 0.20
N TYR A 30 0.01 9.14 -0.57
CA TYR A 30 -1.32 8.53 -0.54
C TYR A 30 -1.46 7.65 0.71
N ALA A 31 -0.31 7.28 1.28
CA ALA A 31 -0.28 6.41 2.47
C ALA A 31 -0.76 7.19 3.69
N GLN A 32 -0.08 8.29 3.97
CA GLN A 32 -0.40 9.09 5.14
C GLN A 32 -1.78 9.73 5.01
N ARG A 33 -2.22 9.93 3.77
CA ARG A 33 -3.51 10.55 3.51
C ARG A 33 -4.67 9.64 3.92
N LEU A 34 -4.54 8.34 3.66
CA LEU A 34 -5.61 7.42 3.97
C LEU A 34 -5.43 6.76 5.33
N GLY A 35 -4.19 6.62 5.79
CA GLY A 35 -3.96 5.99 7.07
C GLY A 35 -3.09 4.76 6.98
N LEU A 36 -2.06 4.81 6.14
CA LEU A 36 -1.11 3.72 6.04
C LEU A 36 0.00 3.88 7.07
N ASN A 37 0.38 2.77 7.63
CA ASN A 37 1.51 2.69 8.55
C ASN A 37 2.67 2.00 7.86
N GLU A 38 3.89 2.38 8.23
CA GLU A 38 5.09 1.89 7.54
C GLU A 38 5.18 0.36 7.53
N GLU A 39 4.62 -0.26 8.56
CA GLU A 39 4.57 -1.72 8.68
C GLU A 39 3.97 -2.33 7.42
N ALA A 40 2.83 -1.81 7.01
CA ALA A 40 2.12 -2.35 5.86
C ALA A 40 2.66 -1.75 4.57
N ILE A 41 3.25 -0.57 4.67
CA ILE A 41 3.79 0.09 3.49
C ILE A 41 4.90 -0.76 2.88
N ARG A 42 5.95 -1.00 3.66
CA ARG A 42 7.09 -1.77 3.20
C ARG A 42 6.68 -3.21 2.86
N GLN A 43 5.84 -3.79 3.70
CA GLN A 43 5.41 -5.17 3.54
C GLN A 43 4.69 -5.37 2.22
N PHE A 44 3.84 -4.42 1.84
CA PHE A 44 3.06 -4.55 0.61
C PHE A 44 3.95 -4.44 -0.62
N PHE A 45 5.13 -3.86 -0.45
CA PHE A 45 6.11 -3.79 -1.54
C PHE A 45 6.87 -5.12 -1.68
N GLU A 46 7.63 -5.47 -0.64
CA GLU A 46 8.53 -6.63 -0.72
C GLU A 46 7.75 -7.94 -0.79
N GLU A 47 6.70 -8.01 -0.01
CA GLU A 47 5.92 -9.23 0.14
C GLU A 47 4.66 -9.14 -0.72
N PHE A 48 4.69 -8.22 -1.68
CA PHE A 48 3.57 -7.96 -2.58
C PHE A 48 3.03 -9.23 -3.21
N GLU A 49 3.93 -10.08 -3.65
CA GLU A 49 3.58 -11.28 -4.38
C GLU A 49 4.16 -12.51 -3.71
N GLN A 50 4.68 -12.32 -2.50
CA GLN A 50 5.33 -13.39 -1.78
C GLN A 50 4.43 -13.91 -0.66
N ARG A 51 3.15 -13.57 -0.77
CA ARG A 51 2.17 -13.96 0.23
C ARG A 51 1.60 -15.32 -0.08
N LYS A 52 2.02 -16.31 0.69
CA LYS A 52 1.62 -17.69 0.49
C LYS A 52 0.20 -17.90 0.99
N MET A 1 -3.60 -8.64 12.67
CA MET A 1 -4.24 -7.42 13.22
C MET A 1 -4.23 -6.33 12.15
N LYS A 2 -5.31 -5.55 12.06
CA LYS A 2 -5.41 -4.50 11.06
C LYS A 2 -4.37 -3.41 11.31
N GLN A 3 -3.54 -3.20 10.30
CA GLN A 3 -2.47 -2.22 10.37
C GLN A 3 -2.81 -1.05 9.47
N TRP A 4 -3.12 -1.38 8.23
CA TRP A 4 -3.73 -0.44 7.32
C TRP A 4 -5.11 -0.09 7.85
N SER A 5 -5.61 1.05 7.46
CA SER A 5 -7.03 1.30 7.62
C SER A 5 -7.77 0.24 6.81
N GLU A 6 -8.68 -0.48 7.45
CA GLU A 6 -9.48 -1.53 6.81
C GLU A 6 -9.86 -1.20 5.37
N ASN A 7 -10.27 0.04 5.14
CA ASN A 7 -10.69 0.47 3.80
C ASN A 7 -9.51 0.65 2.86
N VAL A 8 -8.36 0.99 3.42
CA VAL A 8 -7.18 1.27 2.63
C VAL A 8 -6.59 -0.01 2.08
N GLU A 9 -6.71 -1.07 2.85
CA GLU A 9 -6.24 -2.38 2.43
C GLU A 9 -6.86 -2.78 1.09
N GLU A 10 -8.15 -2.45 0.95
CA GLU A 10 -8.87 -2.65 -0.29
C GLU A 10 -8.35 -1.71 -1.38
N LYS A 11 -8.36 -0.42 -1.07
CA LYS A 11 -8.01 0.61 -2.04
C LYS A 11 -6.58 0.50 -2.53
N LEU A 12 -5.69 0.06 -1.65
CA LEU A 12 -4.28 -0.09 -1.99
C LEU A 12 -4.13 -1.21 -3.02
N LYS A 13 -4.89 -2.29 -2.83
CA LYS A 13 -4.91 -3.38 -3.79
C LYS A 13 -5.31 -2.87 -5.17
N GLU A 14 -6.31 -2.00 -5.20
CA GLU A 14 -6.81 -1.45 -6.44
C GLU A 14 -5.77 -0.54 -7.09
N PHE A 15 -5.35 0.48 -6.36
CA PHE A 15 -4.56 1.55 -6.93
C PHE A 15 -3.14 1.08 -7.28
N VAL A 16 -2.74 -0.08 -6.77
CA VAL A 16 -1.44 -0.65 -7.10
C VAL A 16 -1.53 -1.65 -8.25
N LYS A 17 -2.25 -2.75 -8.04
CA LYS A 17 -2.23 -3.85 -9.01
C LYS A 17 -3.30 -3.69 -10.07
N ARG A 18 -4.42 -3.08 -9.71
CA ARG A 18 -5.49 -2.84 -10.67
C ARG A 18 -5.12 -1.71 -11.62
N HIS A 19 -4.60 -0.63 -11.06
CA HIS A 19 -4.21 0.54 -11.85
C HIS A 19 -2.90 0.28 -12.58
N GLN A 20 -2.32 1.33 -13.13
CA GLN A 20 -1.09 1.20 -13.91
C GLN A 20 0.14 1.16 -13.00
N ARG A 21 -0.03 0.61 -11.81
CA ARG A 21 1.03 0.52 -10.80
C ARG A 21 1.41 1.92 -10.30
N ILE A 22 2.35 1.98 -9.37
CA ILE A 22 2.71 3.24 -8.73
C ILE A 22 4.10 3.15 -8.09
N THR A 23 4.86 4.24 -8.13
CA THR A 23 6.21 4.24 -7.57
C THR A 23 6.20 4.58 -6.08
N GLN A 24 7.33 4.31 -5.42
CA GLN A 24 7.42 4.37 -3.96
C GLN A 24 7.08 5.75 -3.40
N GLU A 25 7.58 6.81 -4.02
CA GLU A 25 7.34 8.16 -3.51
C GLU A 25 5.85 8.47 -3.55
N GLU A 26 5.24 8.23 -4.70
CA GLU A 26 3.80 8.42 -4.87
C GLU A 26 3.04 7.58 -3.86
N LEU A 27 3.51 6.35 -3.70
CA LEU A 27 2.89 5.37 -2.82
C LEU A 27 2.92 5.85 -1.37
N HIS A 28 4.11 6.20 -0.89
CA HIS A 28 4.28 6.57 0.51
C HIS A 28 3.52 7.86 0.83
N GLN A 29 3.54 8.81 -0.09
CA GLN A 29 2.82 10.06 0.11
C GLN A 29 1.33 9.79 0.20
N TYR A 30 0.86 8.88 -0.65
CA TYR A 30 -0.54 8.48 -0.68
C TYR A 30 -0.88 7.65 0.56
N ALA A 31 0.12 6.93 1.06
CA ALA A 31 -0.04 6.10 2.25
C ALA A 31 -0.32 6.95 3.46
N GLN A 32 0.46 8.01 3.59
CA GLN A 32 0.33 8.92 4.73
C GLN A 32 -1.00 9.66 4.67
N ARG A 33 -1.54 9.81 3.47
CA ARG A 33 -2.82 10.48 3.28
C ARG A 33 -3.96 9.58 3.74
N LEU A 34 -3.90 8.31 3.34
CA LEU A 34 -4.93 7.35 3.69
C LEU A 34 -4.86 6.95 5.16
N GLY A 35 -3.64 6.87 5.68
CA GLY A 35 -3.47 6.51 7.07
C GLY A 35 -2.67 5.24 7.24
N LEU A 36 -1.63 5.08 6.43
CA LEU A 36 -0.78 3.91 6.51
C LEU A 36 0.46 4.16 7.35
N ASN A 37 0.71 3.25 8.26
CA ASN A 37 1.96 3.23 8.99
C ASN A 37 2.97 2.37 8.23
N GLU A 38 4.25 2.54 8.51
CA GLU A 38 5.31 1.92 7.73
C GLU A 38 5.19 0.39 7.70
N GLU A 39 4.56 -0.18 8.73
CA GLU A 39 4.26 -1.60 8.76
C GLU A 39 3.54 -2.01 7.48
N ALA A 40 2.38 -1.41 7.30
CA ALA A 40 1.49 -1.75 6.21
C ALA A 40 2.11 -1.42 4.86
N ILE A 41 2.81 -0.29 4.81
CA ILE A 41 3.42 0.17 3.57
C ILE A 41 4.41 -0.87 3.04
N ARG A 42 5.22 -1.41 3.95
CA ARG A 42 6.26 -2.35 3.57
C ARG A 42 5.68 -3.73 3.25
N GLN A 43 4.61 -4.09 3.95
CA GLN A 43 3.97 -5.40 3.75
C GLN A 43 3.45 -5.54 2.33
N PHE A 44 3.05 -4.42 1.73
CA PHE A 44 2.46 -4.45 0.41
C PHE A 44 3.51 -4.21 -0.66
N PHE A 45 4.28 -3.15 -0.51
CA PHE A 45 5.19 -2.71 -1.54
C PHE A 45 6.42 -3.61 -1.66
N GLU A 46 7.15 -3.76 -0.57
CA GLU A 46 8.44 -4.44 -0.63
C GLU A 46 8.30 -5.94 -0.41
N GLU A 47 7.29 -6.33 0.34
CA GLU A 47 7.09 -7.75 0.64
C GLU A 47 6.50 -8.49 -0.55
N PHE A 48 6.01 -7.73 -1.53
CA PHE A 48 5.48 -8.32 -2.75
C PHE A 48 6.61 -8.90 -3.58
N GLU A 49 6.29 -9.90 -4.40
CA GLU A 49 7.28 -10.52 -5.28
C GLU A 49 7.78 -9.54 -6.33
N GLN A 50 7.17 -8.36 -6.38
CA GLN A 50 7.55 -7.32 -7.31
C GLN A 50 8.80 -6.58 -6.83
N ARG A 51 9.24 -6.92 -5.63
CA ARG A 51 10.45 -6.32 -5.04
C ARG A 51 11.69 -6.71 -5.82
N LYS A 52 12.78 -5.98 -5.57
CA LYS A 52 14.08 -6.24 -6.19
C LYS A 52 13.99 -6.07 -7.70
N MET A 1 -2.30 -6.80 13.88
CA MET A 1 -3.57 -6.91 13.12
C MET A 1 -3.90 -5.59 12.44
N LYS A 2 -4.04 -4.53 13.22
CA LYS A 2 -4.27 -3.21 12.65
C LYS A 2 -2.96 -2.62 12.19
N GLN A 3 -2.55 -2.98 10.99
CA GLN A 3 -1.31 -2.48 10.43
C GLN A 3 -1.62 -1.36 9.46
N TRP A 4 -2.48 -1.68 8.51
CA TRP A 4 -3.08 -0.70 7.64
C TRP A 4 -4.50 -0.44 8.08
N SER A 5 -5.19 0.43 7.37
CA SER A 5 -6.61 0.57 7.56
C SER A 5 -7.29 -0.46 6.66
N GLU A 6 -8.15 -1.28 7.26
CA GLU A 6 -8.84 -2.38 6.56
C GLU A 6 -9.24 -2.02 5.12
N ASN A 7 -9.90 -0.88 4.94
CA ASN A 7 -10.42 -0.49 3.63
C ASN A 7 -9.31 0.01 2.71
N VAL A 8 -8.24 0.52 3.30
CA VAL A 8 -7.14 1.06 2.51
C VAL A 8 -6.44 -0.04 1.75
N GLU A 9 -6.11 -1.12 2.46
CA GLU A 9 -5.36 -2.24 1.88
C GLU A 9 -5.95 -2.66 0.54
N GLU A 10 -7.27 -2.81 0.52
CA GLU A 10 -7.98 -3.25 -0.68
C GLU A 10 -7.78 -2.27 -1.83
N LYS A 11 -8.17 -1.02 -1.63
CA LYS A 11 -8.11 -0.02 -2.68
C LYS A 11 -6.67 0.31 -3.04
N LEU A 12 -5.79 0.23 -2.06
CA LEU A 12 -4.38 0.50 -2.22
C LEU A 12 -3.78 -0.47 -3.24
N LYS A 13 -4.09 -1.74 -3.09
CA LYS A 13 -3.66 -2.76 -4.04
C LYS A 13 -4.11 -2.41 -5.44
N GLU A 14 -5.36 -2.01 -5.57
CA GLU A 14 -5.96 -1.79 -6.88
C GLU A 14 -5.53 -0.47 -7.47
N PHE A 15 -5.07 0.44 -6.63
CA PHE A 15 -4.60 1.74 -7.08
C PHE A 15 -3.18 1.64 -7.62
N VAL A 16 -2.47 0.61 -7.20
CA VAL A 16 -1.12 0.38 -7.69
C VAL A 16 -1.11 -0.62 -8.85
N LYS A 17 -1.94 -1.64 -8.76
CA LYS A 17 -1.87 -2.75 -9.71
C LYS A 17 -2.91 -2.61 -10.81
N ARG A 18 -4.11 -2.14 -10.47
CA ARG A 18 -5.18 -2.04 -11.46
C ARG A 18 -5.12 -0.70 -12.17
N HIS A 19 -4.55 0.29 -11.51
CA HIS A 19 -4.32 1.60 -12.14
C HIS A 19 -2.98 1.59 -12.85
N GLN A 20 -2.63 0.42 -13.36
CA GLN A 20 -1.34 0.14 -14.01
C GLN A 20 -0.20 0.16 -13.00
N ARG A 21 -0.01 1.30 -12.35
CA ARG A 21 1.09 1.50 -11.39
C ARG A 21 1.24 2.99 -11.06
N ILE A 22 1.79 3.27 -9.88
CA ILE A 22 2.09 4.63 -9.45
C ILE A 22 3.46 4.66 -8.78
N THR A 23 4.17 5.78 -8.87
CA THR A 23 5.50 5.91 -8.29
C THR A 23 5.47 5.71 -6.78
N GLN A 24 6.54 5.14 -6.23
CA GLN A 24 6.66 4.86 -4.80
C GLN A 24 6.51 6.13 -3.96
N GLU A 25 7.08 7.24 -4.44
CA GLU A 25 7.02 8.48 -3.70
C GLU A 25 5.58 8.98 -3.55
N GLU A 26 4.86 9.01 -4.67
CA GLU A 26 3.45 9.41 -4.64
C GLU A 26 2.64 8.40 -3.86
N LEU A 27 3.02 7.13 -3.99
CA LEU A 27 2.35 6.05 -3.27
C LEU A 27 2.49 6.27 -1.77
N HIS A 28 3.69 6.58 -1.33
CA HIS A 28 3.96 6.76 0.10
C HIS A 28 3.18 7.96 0.63
N GLN A 29 3.04 8.98 -0.20
CA GLN A 29 2.24 10.14 0.15
C GLN A 29 0.77 9.77 0.26
N TYR A 30 0.29 9.02 -0.71
CA TYR A 30 -1.08 8.56 -0.73
C TYR A 30 -1.32 7.57 0.42
N ALA A 31 -0.26 6.87 0.80
CA ALA A 31 -0.32 5.93 1.91
C ALA A 31 -0.66 6.66 3.20
N GLN A 32 0.14 7.65 3.53
CA GLN A 32 -0.06 8.43 4.74
C GLN A 32 -1.37 9.21 4.66
N ARG A 33 -1.75 9.56 3.45
CA ARG A 33 -3.02 10.25 3.20
C ARG A 33 -4.22 9.38 3.59
N LEU A 34 -4.16 8.09 3.27
CA LEU A 34 -5.28 7.20 3.57
C LEU A 34 -5.18 6.66 4.99
N GLY A 35 -3.99 6.66 5.56
CA GLY A 35 -3.82 6.19 6.92
C GLY A 35 -2.87 5.02 7.01
N LEU A 36 -1.83 5.01 6.19
CA LEU A 36 -0.85 3.95 6.23
C LEU A 36 0.42 4.41 6.92
N ASN A 37 0.85 3.59 7.85
CA ASN A 37 2.14 3.77 8.49
C ASN A 37 3.14 2.82 7.85
N GLU A 38 4.42 3.12 7.99
CA GLU A 38 5.47 2.36 7.30
C GLU A 38 5.45 0.87 7.64
N GLU A 39 4.77 0.52 8.72
CA GLU A 39 4.55 -0.88 9.08
C GLU A 39 3.85 -1.61 7.95
N ALA A 40 2.69 -1.09 7.57
CA ALA A 40 1.88 -1.69 6.52
C ALA A 40 2.49 -1.43 5.15
N ILE A 41 3.20 -0.32 5.03
CA ILE A 41 3.83 0.05 3.78
C ILE A 41 4.93 -0.94 3.43
N ARG A 42 5.77 -1.26 4.41
CA ARG A 42 6.74 -2.33 4.25
C ARG A 42 6.03 -3.64 3.99
N GLN A 43 5.10 -3.96 4.89
CA GLN A 43 4.32 -5.20 4.85
C GLN A 43 3.75 -5.47 3.45
N PHE A 44 3.30 -4.41 2.79
CA PHE A 44 2.64 -4.54 1.49
C PHE A 44 3.65 -4.83 0.39
N PHE A 45 4.79 -4.13 0.41
CA PHE A 45 5.79 -4.28 -0.65
C PHE A 45 6.72 -5.46 -0.40
N GLU A 46 7.16 -5.61 0.84
CA GLU A 46 8.12 -6.66 1.17
C GLU A 46 7.49 -8.03 0.99
N GLU A 47 6.22 -8.12 1.34
CA GLU A 47 5.46 -9.35 1.22
C GLU A 47 4.42 -9.19 0.11
N PHE A 48 4.82 -8.57 -0.99
CA PHE A 48 3.93 -8.33 -2.11
C PHE A 48 3.63 -9.62 -2.87
N GLU A 49 2.67 -9.55 -3.78
CA GLU A 49 2.21 -10.71 -4.55
C GLU A 49 3.32 -11.28 -5.43
N GLN A 50 4.32 -10.47 -5.72
CA GLN A 50 5.36 -10.85 -6.66
C GLN A 50 6.43 -11.72 -6.02
N ARG A 51 6.28 -12.01 -4.73
CA ARG A 51 7.23 -12.87 -4.04
C ARG A 51 6.54 -14.08 -3.45
N LYS A 52 5.26 -14.19 -3.76
CA LYS A 52 4.40 -15.29 -3.31
C LYS A 52 3.03 -15.16 -3.97
N MET A 1 -3.78 -8.80 10.89
CA MET A 1 -5.19 -8.38 10.70
C MET A 1 -5.30 -6.88 10.45
N LYS A 2 -5.07 -6.08 11.48
CA LYS A 2 -5.26 -4.65 11.37
C LYS A 2 -4.14 -3.87 12.04
N GLN A 3 -3.41 -3.11 11.24
CA GLN A 3 -2.44 -2.14 11.74
C GLN A 3 -2.28 -1.04 10.69
N TRP A 4 -3.39 -0.77 10.03
CA TRP A 4 -3.47 0.21 8.97
C TRP A 4 -4.94 0.41 8.74
N SER A 5 -5.33 1.48 8.09
CA SER A 5 -6.71 1.62 7.71
C SER A 5 -7.09 0.39 6.90
N GLU A 6 -7.99 -0.42 7.45
CA GLU A 6 -8.34 -1.71 6.86
C GLU A 6 -8.66 -1.57 5.37
N ASN A 7 -9.28 -0.45 5.02
CA ASN A 7 -9.65 -0.17 3.65
C ASN A 7 -8.41 -0.04 2.76
N VAL A 8 -7.25 0.21 3.38
CA VAL A 8 -6.04 0.46 2.62
C VAL A 8 -5.58 -0.81 1.95
N GLU A 9 -5.71 -1.93 2.63
CA GLU A 9 -5.30 -3.22 2.11
C GLU A 9 -5.92 -3.47 0.73
N GLU A 10 -7.24 -3.33 0.69
CA GLU A 10 -7.99 -3.52 -0.55
C GLU A 10 -7.66 -2.45 -1.58
N LYS A 11 -7.84 -1.19 -1.20
CA LYS A 11 -7.76 -0.09 -2.14
C LYS A 11 -6.34 0.14 -2.65
N LEU A 12 -5.35 -0.17 -1.84
CA LEU A 12 -3.96 -0.02 -2.26
C LEU A 12 -3.64 -1.01 -3.37
N LYS A 13 -4.20 -2.22 -3.27
CA LYS A 13 -4.07 -3.20 -4.34
C LYS A 13 -4.60 -2.61 -5.65
N GLU A 14 -5.75 -1.96 -5.58
CA GLU A 14 -6.37 -1.38 -6.75
C GLU A 14 -5.53 -0.24 -7.32
N PHE A 15 -5.06 0.63 -6.44
CA PHE A 15 -4.31 1.80 -6.86
C PHE A 15 -2.97 1.40 -7.50
N VAL A 16 -2.41 0.30 -7.03
CA VAL A 16 -1.16 -0.20 -7.58
C VAL A 16 -1.41 -1.16 -8.75
N LYS A 17 -2.17 -2.21 -8.50
CA LYS A 17 -2.37 -3.27 -9.49
C LYS A 17 -3.15 -2.78 -10.69
N ARG A 18 -4.29 -2.15 -10.44
CA ARG A 18 -5.21 -1.78 -11.52
C ARG A 18 -4.76 -0.49 -12.21
N HIS A 19 -4.10 0.38 -11.47
CA HIS A 19 -3.73 1.69 -11.99
C HIS A 19 -2.27 1.74 -12.45
N GLN A 20 -1.71 0.59 -12.81
CA GLN A 20 -0.37 0.51 -13.39
C GLN A 20 0.71 1.04 -12.44
N ARG A 21 0.49 0.81 -11.14
CA ARG A 21 1.43 1.15 -10.09
C ARG A 21 1.64 2.66 -9.95
N ILE A 22 2.45 3.04 -8.97
CA ILE A 22 2.73 4.43 -8.69
C ILE A 22 4.14 4.58 -8.15
N THR A 23 4.76 5.73 -8.39
CA THR A 23 6.10 5.99 -7.89
C THR A 23 6.13 6.00 -6.36
N GLN A 24 7.25 5.58 -5.79
CA GLN A 24 7.39 5.43 -4.35
C GLN A 24 7.18 6.76 -3.62
N GLU A 25 7.62 7.84 -4.25
CA GLU A 25 7.47 9.17 -3.69
C GLU A 25 5.99 9.52 -3.49
N GLU A 26 5.21 9.37 -4.55
CA GLU A 26 3.79 9.67 -4.50
C GLU A 26 3.05 8.61 -3.70
N LEU A 27 3.60 7.40 -3.65
CA LEU A 27 3.07 6.33 -2.81
C LEU A 27 2.97 6.78 -1.35
N HIS A 28 4.06 7.36 -0.83
CA HIS A 28 4.09 7.76 0.56
C HIS A 28 3.12 8.93 0.81
N GLN A 29 2.94 9.76 -0.20
CA GLN A 29 1.94 10.83 -0.14
C GLN A 29 0.55 10.21 -0.05
N TYR A 30 0.31 9.21 -0.89
CA TYR A 30 -0.95 8.49 -0.91
C TYR A 30 -1.17 7.76 0.41
N ALA A 31 -0.09 7.22 0.98
CA ALA A 31 -0.15 6.51 2.25
C ALA A 31 -0.64 7.42 3.36
N GLN A 32 -0.23 8.68 3.32
CA GLN A 32 -0.61 9.64 4.35
C GLN A 32 -2.06 10.05 4.19
N ARG A 33 -2.57 9.94 2.96
CA ARG A 33 -3.96 10.28 2.68
C ARG A 33 -4.87 9.10 3.01
N LEU A 34 -4.25 7.95 3.24
CA LEU A 34 -4.98 6.75 3.63
C LEU A 34 -4.99 6.59 5.14
N GLY A 35 -4.08 7.30 5.80
CA GLY A 35 -3.93 7.18 7.23
C GLY A 35 -3.01 6.03 7.60
N LEU A 36 -1.95 5.88 6.84
CA LEU A 36 -1.09 4.71 6.96
C LEU A 36 0.13 4.93 7.82
N ASN A 37 0.85 3.84 7.95
CA ASN A 37 2.14 3.75 8.61
C ASN A 37 2.98 2.76 7.82
N GLU A 38 4.28 2.68 8.11
CA GLU A 38 5.17 1.85 7.32
C GLU A 38 4.83 0.36 7.41
N GLU A 39 4.03 -0.01 8.41
CA GLU A 39 3.54 -1.37 8.56
C GLU A 39 2.98 -1.88 7.24
N ALA A 40 2.02 -1.13 6.71
CA ALA A 40 1.37 -1.51 5.47
C ALA A 40 2.20 -1.11 4.27
N ILE A 41 2.85 0.05 4.38
CA ILE A 41 3.63 0.59 3.27
C ILE A 41 4.75 -0.36 2.84
N ARG A 42 5.57 -0.74 3.81
CA ARG A 42 6.75 -1.55 3.55
C ARG A 42 6.39 -3.00 3.26
N GLN A 43 5.44 -3.54 4.02
CA GLN A 43 5.00 -4.92 3.85
C GLN A 43 4.41 -5.15 2.45
N PHE A 44 3.63 -4.19 1.97
CA PHE A 44 2.90 -4.36 0.72
C PHE A 44 3.85 -4.51 -0.47
N PHE A 45 4.98 -3.84 -0.41
CA PHE A 45 5.94 -3.87 -1.52
C PHE A 45 6.98 -4.98 -1.37
N GLU A 46 7.62 -5.05 -0.20
CA GLU A 46 8.73 -5.98 -0.01
C GLU A 46 8.25 -7.39 0.34
N GLU A 47 7.11 -7.48 1.02
CA GLU A 47 6.62 -8.77 1.49
C GLU A 47 5.29 -9.11 0.83
N PHE A 48 5.17 -8.81 -0.45
CA PHE A 48 3.95 -9.11 -1.18
C PHE A 48 3.89 -10.61 -1.46
N GLU A 49 2.69 -11.10 -1.74
CA GLU A 49 2.48 -12.53 -1.88
C GLU A 49 2.99 -13.04 -3.22
N GLN A 50 3.05 -12.15 -4.20
CA GLN A 50 3.54 -12.51 -5.53
C GLN A 50 5.07 -12.47 -5.57
N ARG A 51 5.65 -11.77 -4.61
CA ARG A 51 7.07 -11.53 -4.61
C ARG A 51 7.80 -12.45 -3.64
N LYS A 52 8.52 -13.42 -4.18
CA LYS A 52 9.37 -14.26 -3.37
C LYS A 52 10.81 -14.05 -3.81
N MET A 1 -4.11 -9.19 12.06
CA MET A 1 -4.30 -7.96 12.87
C MET A 1 -4.37 -6.74 11.95
N LYS A 2 -5.04 -5.68 12.37
CA LYS A 2 -5.08 -4.46 11.59
C LYS A 2 -3.72 -3.79 11.61
N GLN A 3 -3.17 -3.55 10.44
CA GLN A 3 -1.89 -2.88 10.33
C GLN A 3 -2.03 -1.65 9.48
N TRP A 4 -2.59 -1.84 8.30
CA TRP A 4 -3.07 -0.73 7.49
C TRP A 4 -4.50 -0.42 7.89
N SER A 5 -5.10 0.52 7.21
CA SER A 5 -6.52 0.72 7.34
C SER A 5 -7.21 -0.26 6.40
N GLU A 6 -8.21 -0.96 6.92
CA GLU A 6 -8.89 -2.02 6.17
C GLU A 6 -9.42 -1.51 4.83
N ASN A 7 -9.81 -0.25 4.80
CA ASN A 7 -10.35 0.37 3.59
C ASN A 7 -9.23 0.65 2.59
N VAL A 8 -8.05 0.92 3.11
CA VAL A 8 -6.94 1.36 2.28
C VAL A 8 -6.33 0.21 1.50
N GLU A 9 -6.25 -0.96 2.12
CA GLU A 9 -5.67 -2.13 1.47
C GLU A 9 -6.39 -2.39 0.15
N GLU A 10 -7.70 -2.20 0.16
CA GLU A 10 -8.53 -2.28 -1.04
C GLU A 10 -8.11 -1.23 -2.08
N LYS A 11 -8.08 0.02 -1.65
CA LYS A 11 -7.85 1.13 -2.57
C LYS A 11 -6.40 1.19 -3.06
N LEU A 12 -5.47 0.80 -2.21
CA LEU A 12 -4.07 0.76 -2.62
C LEU A 12 -3.87 -0.37 -3.61
N LYS A 13 -4.61 -1.45 -3.40
CA LYS A 13 -4.68 -2.56 -4.35
C LYS A 13 -5.11 -2.04 -5.72
N GLU A 14 -6.19 -1.26 -5.72
CA GLU A 14 -6.73 -0.69 -6.94
C GLU A 14 -5.79 0.34 -7.54
N PHE A 15 -4.77 0.74 -6.79
CA PHE A 15 -3.78 1.66 -7.28
C PHE A 15 -2.59 0.93 -7.87
N VAL A 16 -1.93 0.13 -7.06
CA VAL A 16 -0.69 -0.53 -7.46
C VAL A 16 -0.96 -1.54 -8.59
N LYS A 17 -2.11 -2.21 -8.53
CA LYS A 17 -2.40 -3.27 -9.48
C LYS A 17 -3.30 -2.79 -10.61
N ARG A 18 -3.98 -1.66 -10.43
CA ARG A 18 -4.94 -1.21 -11.43
C ARG A 18 -4.64 0.22 -11.90
N HIS A 19 -4.39 1.12 -10.95
CA HIS A 19 -4.29 2.54 -11.25
C HIS A 19 -2.92 2.92 -11.78
N GLN A 20 -2.55 2.35 -12.93
CA GLN A 20 -1.32 2.70 -13.65
C GLN A 20 -0.07 2.41 -12.82
N ARG A 21 -0.15 1.42 -11.93
CA ARG A 21 0.99 0.92 -11.15
C ARG A 21 1.36 1.88 -10.02
N ILE A 22 1.39 3.18 -10.33
CA ILE A 22 1.76 4.27 -9.40
C ILE A 22 3.21 4.16 -8.89
N THR A 23 3.89 5.29 -8.87
CA THR A 23 5.26 5.34 -8.39
C THR A 23 5.32 5.41 -6.86
N GLN A 24 6.45 4.96 -6.30
CA GLN A 24 6.62 4.83 -4.86
C GLN A 24 6.42 6.15 -4.12
N GLU A 25 6.92 7.24 -4.69
CA GLU A 25 6.83 8.56 -4.04
C GLU A 25 5.37 8.93 -3.79
N GLU A 26 4.57 8.94 -4.85
CA GLU A 26 3.14 9.23 -4.74
C GLU A 26 2.46 8.19 -3.87
N LEU A 27 2.90 6.94 -4.01
CA LEU A 27 2.33 5.83 -3.25
C LEU A 27 2.45 6.07 -1.76
N HIS A 28 3.64 6.46 -1.31
CA HIS A 28 3.88 6.67 0.11
C HIS A 28 3.06 7.85 0.62
N GLN A 29 3.01 8.92 -0.17
CA GLN A 29 2.21 10.09 0.22
C GLN A 29 0.74 9.69 0.33
N TYR A 30 0.28 8.93 -0.65
CA TYR A 30 -1.10 8.47 -0.68
C TYR A 30 -1.37 7.51 0.50
N ALA A 31 -0.32 6.86 0.98
CA ALA A 31 -0.46 5.94 2.10
C ALA A 31 -0.74 6.74 3.38
N GLN A 32 -0.02 7.82 3.55
CA GLN A 32 -0.19 8.69 4.70
C GLN A 32 -1.44 9.54 4.53
N ARG A 33 -1.87 9.69 3.29
CA ARG A 33 -3.09 10.39 2.96
C ARG A 33 -4.31 9.59 3.41
N LEU A 34 -4.18 8.27 3.44
CA LEU A 34 -5.28 7.39 3.81
C LEU A 34 -5.17 6.90 5.25
N GLY A 35 -3.95 6.80 5.78
CA GLY A 35 -3.78 6.39 7.16
C GLY A 35 -2.95 5.13 7.34
N LEU A 36 -1.88 5.00 6.57
CA LEU A 36 -1.02 3.83 6.68
C LEU A 36 0.26 4.13 7.42
N ASN A 37 0.66 3.23 8.29
CA ASN A 37 1.97 3.27 8.90
C ASN A 37 2.96 2.49 8.04
N GLU A 38 4.23 2.84 8.13
CA GLU A 38 5.26 2.30 7.23
C GLU A 38 5.36 0.78 7.28
N GLU A 39 4.98 0.19 8.41
CA GLU A 39 4.91 -1.27 8.54
C GLU A 39 4.05 -1.87 7.44
N ALA A 40 2.83 -1.36 7.33
CA ALA A 40 1.87 -1.88 6.37
C ALA A 40 2.30 -1.58 4.94
N ILE A 41 3.12 -0.54 4.79
CA ILE A 41 3.61 -0.15 3.48
C ILE A 41 4.61 -1.17 2.96
N ARG A 42 5.53 -1.59 3.82
CA ARG A 42 6.52 -2.61 3.46
C ARG A 42 5.82 -3.95 3.21
N GLN A 43 4.78 -4.22 4.00
CA GLN A 43 3.98 -5.42 3.85
C GLN A 43 3.38 -5.52 2.44
N PHE A 44 2.98 -4.37 1.89
CA PHE A 44 2.31 -4.35 0.61
C PHE A 44 3.26 -4.67 -0.53
N PHE A 45 4.54 -4.40 -0.32
CA PHE A 45 5.56 -4.73 -1.31
C PHE A 45 6.17 -6.11 -1.06
N GLU A 46 6.93 -6.21 0.03
CA GLU A 46 7.73 -7.40 0.28
C GLU A 46 6.87 -8.58 0.74
N GLU A 47 6.05 -8.35 1.77
CA GLU A 47 5.24 -9.42 2.35
C GLU A 47 3.98 -9.66 1.52
N PHE A 48 4.02 -9.19 0.29
CA PHE A 48 2.92 -9.36 -0.65
C PHE A 48 3.08 -10.66 -1.42
N GLU A 49 4.13 -10.74 -2.24
CA GLU A 49 4.43 -11.96 -3.00
C GLU A 49 5.93 -12.10 -3.25
N GLN A 50 6.66 -10.99 -3.29
CA GLN A 50 8.10 -11.00 -3.52
C GLN A 50 8.84 -11.33 -2.22
N ARG A 51 8.25 -12.24 -1.46
CA ARG A 51 8.75 -12.60 -0.15
C ARG A 51 9.91 -13.58 -0.26
N LYS A 52 11.12 -13.06 -0.25
CA LYS A 52 12.32 -13.89 -0.36
C LYS A 52 13.30 -13.56 0.76
N MET A 1 -1.88 -7.17 15.21
CA MET A 1 -3.34 -6.98 15.33
C MET A 1 -3.93 -6.53 13.99
N LYS A 2 -3.50 -5.37 13.54
CA LYS A 2 -3.94 -4.84 12.25
C LYS A 2 -2.76 -4.24 11.50
N GLN A 3 -2.92 -3.99 10.22
CA GLN A 3 -1.81 -3.53 9.41
C GLN A 3 -2.16 -2.22 8.72
N TRP A 4 -3.22 -2.24 7.94
CA TRP A 4 -3.67 -1.06 7.22
C TRP A 4 -4.91 -0.51 7.88
N SER A 5 -5.40 0.61 7.38
CA SER A 5 -6.78 0.96 7.65
C SER A 5 -7.62 0.01 6.82
N GLU A 6 -8.56 -0.67 7.46
CA GLU A 6 -9.41 -1.67 6.82
C GLU A 6 -9.74 -1.34 5.35
N ASN A 7 -10.26 -0.15 5.11
CA ASN A 7 -10.69 0.24 3.75
C ASN A 7 -9.53 0.55 2.82
N VAL A 8 -8.36 0.78 3.39
CA VAL A 8 -7.19 1.15 2.61
C VAL A 8 -6.61 -0.05 1.88
N GLU A 9 -6.66 -1.21 2.51
CA GLU A 9 -6.16 -2.44 1.90
C GLU A 9 -6.80 -2.63 0.52
N GLU A 10 -8.10 -2.37 0.47
CA GLU A 10 -8.85 -2.42 -0.76
C GLU A 10 -8.29 -1.44 -1.80
N LYS A 11 -8.33 -0.16 -1.45
CA LYS A 11 -8.02 0.90 -2.39
C LYS A 11 -6.54 0.91 -2.81
N LEU A 12 -5.64 0.63 -1.87
CA LEU A 12 -4.21 0.73 -2.17
C LEU A 12 -3.79 -0.30 -3.20
N LYS A 13 -4.26 -1.55 -3.03
CA LYS A 13 -3.95 -2.59 -4.00
C LYS A 13 -4.48 -2.19 -5.37
N GLU A 14 -5.56 -1.44 -5.37
CA GLU A 14 -6.20 -1.04 -6.60
C GLU A 14 -5.50 0.17 -7.20
N PHE A 15 -4.67 0.84 -6.44
CA PHE A 15 -3.92 1.98 -6.95
C PHE A 15 -2.54 1.54 -7.41
N VAL A 16 -1.99 0.53 -6.76
CA VAL A 16 -0.66 0.03 -7.10
C VAL A 16 -0.73 -1.08 -8.17
N LYS A 17 -1.78 -1.88 -8.10
CA LYS A 17 -1.92 -3.02 -8.99
C LYS A 17 -3.02 -2.80 -10.03
N ARG A 18 -4.17 -2.31 -9.58
CA ARG A 18 -5.34 -2.18 -10.45
C ARG A 18 -5.28 -0.88 -11.26
N HIS A 19 -4.48 0.07 -10.78
CA HIS A 19 -4.23 1.30 -11.51
C HIS A 19 -2.90 1.19 -12.25
N GLN A 20 -2.57 -0.06 -12.61
CA GLN A 20 -1.33 -0.41 -13.30
C GLN A 20 -0.14 -0.37 -12.36
N ARG A 21 0.13 0.80 -11.78
CA ARG A 21 1.33 1.01 -10.98
C ARG A 21 1.39 2.46 -10.50
N ILE A 22 2.35 2.76 -9.63
CA ILE A 22 2.52 4.10 -9.09
C ILE A 22 3.97 4.30 -8.62
N THR A 23 4.46 5.53 -8.74
CA THR A 23 5.78 5.89 -8.25
C THR A 23 5.84 5.75 -6.72
N GLN A 24 6.99 5.33 -6.21
CA GLN A 24 7.15 5.00 -4.80
C GLN A 24 6.98 6.23 -3.90
N GLU A 25 7.46 7.38 -4.35
CA GLU A 25 7.35 8.60 -3.56
C GLU A 25 5.89 9.04 -3.47
N GLU A 26 5.22 9.02 -4.60
CA GLU A 26 3.80 9.38 -4.65
C GLU A 26 2.97 8.36 -3.87
N LEU A 27 3.48 7.14 -3.82
CA LEU A 27 2.85 6.06 -3.05
C LEU A 27 2.88 6.39 -1.56
N HIS A 28 4.03 6.85 -1.08
CA HIS A 28 4.17 7.16 0.34
C HIS A 28 3.28 8.33 0.73
N GLN A 29 3.15 9.31 -0.15
CA GLN A 29 2.25 10.44 0.07
C GLN A 29 0.81 9.93 0.14
N TYR A 30 0.51 8.95 -0.70
CA TYR A 30 -0.82 8.35 -0.76
C TYR A 30 -1.11 7.58 0.53
N ALA A 31 -0.06 7.02 1.12
CA ALA A 31 -0.20 6.25 2.36
C ALA A 31 -0.61 7.15 3.52
N GLN A 32 -0.02 8.33 3.59
CA GLN A 32 -0.32 9.28 4.65
C GLN A 32 -1.67 9.93 4.42
N ARG A 33 -2.09 9.93 3.17
CA ARG A 33 -3.39 10.43 2.77
C ARG A 33 -4.50 9.46 3.20
N LEU A 34 -4.22 8.17 3.14
CA LEU A 34 -5.21 7.15 3.45
C LEU A 34 -5.21 6.79 4.94
N GLY A 35 -4.07 6.93 5.59
CA GLY A 35 -4.00 6.63 7.01
C GLY A 35 -3.14 5.41 7.31
N LEU A 36 -2.01 5.30 6.62
CA LEU A 36 -1.18 4.12 6.77
C LEU A 36 0.03 4.35 7.66
N ASN A 37 0.28 3.38 8.50
CA ASN A 37 1.51 3.28 9.24
C ASN A 37 2.55 2.54 8.40
N GLU A 38 3.82 2.68 8.76
CA GLU A 38 4.91 2.09 7.97
C GLU A 38 4.79 0.57 7.89
N GLU A 39 4.11 -0.01 8.88
CA GLU A 39 3.82 -1.43 8.92
C GLU A 39 3.24 -1.89 7.60
N ALA A 40 2.23 -1.19 7.15
CA ALA A 40 1.48 -1.55 5.96
C ALA A 40 2.22 -1.11 4.70
N ILE A 41 2.91 0.02 4.80
CA ILE A 41 3.63 0.58 3.66
C ILE A 41 4.74 -0.37 3.21
N ARG A 42 5.57 -0.79 4.15
CA ARG A 42 6.66 -1.71 3.87
C ARG A 42 6.11 -3.09 3.50
N GLN A 43 4.96 -3.41 4.09
CA GLN A 43 4.34 -4.72 3.92
C GLN A 43 4.07 -5.02 2.45
N PHE A 44 3.43 -4.07 1.77
CA PHE A 44 3.00 -4.26 0.39
C PHE A 44 4.20 -4.38 -0.54
N PHE A 45 5.31 -3.78 -0.16
CA PHE A 45 6.51 -3.82 -0.98
C PHE A 45 7.21 -5.17 -0.87
N GLU A 46 7.54 -5.58 0.36
CA GLU A 46 8.34 -6.77 0.55
C GLU A 46 7.49 -8.04 0.52
N GLU A 47 6.24 -7.95 0.94
CA GLU A 47 5.36 -9.10 0.93
C GLU A 47 4.36 -9.00 -0.21
N PHE A 48 4.86 -8.47 -1.33
CA PHE A 48 4.11 -8.45 -2.58
C PHE A 48 3.83 -9.89 -3.03
N GLU A 49 3.02 -10.08 -4.06
CA GLU A 49 2.71 -11.43 -4.53
C GLU A 49 3.98 -12.16 -4.97
N GLN A 50 4.98 -11.39 -5.40
CA GLN A 50 6.27 -11.97 -5.79
C GLN A 50 7.00 -12.46 -4.54
N ARG A 51 7.00 -11.62 -3.50
CA ARG A 51 7.47 -12.01 -2.17
C ARG A 51 8.93 -12.46 -2.16
N LYS A 52 9.31 -13.13 -1.11
CA LYS A 52 10.67 -13.61 -0.93
C LYS A 52 10.65 -14.91 -0.12
#